data_4OTL
#
_entry.id   4OTL
#
_cell.length_a   66.970
_cell.length_b   179.690
_cell.length_c   75.510
_cell.angle_alpha   90.00
_cell.angle_beta   115.43
_cell.angle_gamma   90.00
#
_symmetry.space_group_name_H-M   'P 1 21 1'
#
loop_
_entity.id
_entity.type
_entity.pdbx_description
1 polymer 'Serine hydroxymethyltransferase'
2 non-polymer "PYRIDOXAL-5'-PHOSPHATE"
3 non-polymer GLYCINE
4 non-polymer 1,2-ETHANEDIOL
5 water water
#
_entity_poly.entity_id   1
_entity_poly.type   'polypeptide(L)'
_entity_poly.pdbx_seq_one_letter_code
;MAHHHHHHMFDRAQSTIANVDPEIFAAIEQENRRQEDHIELIASENYTSPAVMAAQGSQLTNKYAEGYPGKRYYGGCEYV
DVVEQLAIDRVKQLFGAEAANVQPNSGSQANQGVFFAMLKPGDTIMGMSLAHGGHLTHGSPVNMSGKWFNVVSYGLNENE
DIDYDAAEKLANEHKPKLIVAGASAFALKIDFERLAKIAKSVGAYLMVDMAHYAGLIAAGVYPNPVPHADFVTTTTHKSL
RGPRGGVILMKAEYEKPINSAIFPGIQGGPLMHVIAAKAVAFKEALSPEFKEYQQKVVENARVLAETLVKRGLRIVSGRT
ESHVMLVDLRAKHITGKAAEAALGAAHITVNKNAIPNDPEKPFVTSGIRLGSPAMTTRGFGPAEAEQVGNLIADVLENPE
DAATIERVRAQVAELTKRFPVYR
;
_entity_poly.pdbx_strand_id   A,B,C,D
#
# COMPACT_ATOMS: atom_id res chain seq x y z
N SER A 15 0.80 -13.06 19.35
CA SER A 15 1.16 -11.73 18.89
C SER A 15 2.45 -11.74 18.06
N THR A 16 2.35 -12.25 16.84
CA THR A 16 3.48 -12.18 15.91
C THR A 16 3.20 -11.13 14.84
N ILE A 17 4.27 -10.65 14.19
CA ILE A 17 4.11 -9.63 13.15
C ILE A 17 3.24 -10.17 12.03
N ALA A 18 3.43 -11.43 11.68
CA ALA A 18 2.69 -12.05 10.60
C ALA A 18 1.19 -12.01 10.88
N ASN A 19 0.81 -12.29 12.11
CA ASN A 19 -0.60 -12.28 12.51
C ASN A 19 -1.14 -10.86 12.72
N VAL A 20 -0.36 -10.01 13.36
CA VAL A 20 -0.79 -8.67 13.75
C VAL A 20 -0.72 -7.68 12.59
N ASP A 21 0.34 -7.77 11.80
CA ASP A 21 0.58 -6.80 10.74
C ASP A 21 1.19 -7.46 9.51
N PRO A 22 0.36 -8.09 8.68
CA PRO A 22 0.79 -8.83 7.49
C PRO A 22 1.58 -7.98 6.49
N GLU A 23 1.20 -6.71 6.35
CA GLU A 23 1.87 -5.81 5.41
C GLU A 23 3.31 -5.53 5.83
N ILE A 24 3.49 -5.19 7.11
CA ILE A 24 4.82 -4.93 7.65
C ILE A 24 5.67 -6.20 7.66
N PHE A 25 5.05 -7.33 8.01
CA PHE A 25 5.75 -8.60 8.01
C PHE A 25 6.34 -8.93 6.63
N ALA A 26 5.53 -8.78 5.59
CA ALA A 26 5.96 -9.08 4.23
C ALA A 26 7.11 -8.16 3.82
N ALA A 27 7.01 -6.89 4.21
CA ALA A 27 8.05 -5.92 3.88
C ALA A 27 9.38 -6.28 4.55
N ILE A 28 9.33 -6.69 5.81
CA ILE A 28 10.52 -7.10 6.55
C ILE A 28 11.16 -8.34 5.92
N GLU A 29 10.31 -9.29 5.52
CA GLU A 29 10.77 -10.51 4.86
C GLU A 29 11.45 -10.17 3.54
N GLN A 30 10.91 -9.19 2.84
CA GLN A 30 11.50 -8.77 1.57
C GLN A 30 12.84 -8.09 1.79
N GLU A 31 12.96 -7.33 2.89
CA GLU A 31 14.21 -6.66 3.21
C GLU A 31 15.27 -7.68 3.64
N ASN A 32 14.84 -8.73 4.33
CA ASN A 32 15.74 -9.82 4.69
C ASN A 32 16.35 -10.45 3.44
N ARG A 33 15.50 -10.67 2.44
CA ARG A 33 15.91 -11.29 1.19
C ARG A 33 16.80 -10.35 0.38
N ARG A 34 16.49 -9.05 0.44
CA ARG A 34 17.29 -8.06 -0.27
C ARG A 34 18.72 -7.98 0.26
N GLN A 35 18.87 -8.03 1.59
CA GLN A 35 20.19 -8.00 2.21
C GLN A 35 21.01 -9.22 1.82
N GLU A 36 20.34 -10.35 1.62
CA GLU A 36 21.00 -11.57 1.17
C GLU A 36 21.43 -11.49 -0.29
N ASP A 37 20.53 -10.99 -1.15
CA ASP A 37 20.71 -11.08 -2.60
C ASP A 37 21.56 -9.96 -3.21
N HIS A 38 22.06 -9.06 -2.38
CA HIS A 38 22.88 -7.98 -2.89
C HIS A 38 24.22 -7.95 -2.18
N ILE A 39 25.28 -7.67 -2.93
CA ILE A 39 26.58 -7.42 -2.35
C ILE A 39 26.63 -5.95 -1.95
N GLU A 40 26.68 -5.72 -0.65
CA GLU A 40 26.65 -4.39 -0.06
C GLU A 40 28.06 -3.81 0.10
N LEU A 41 28.35 -2.71 -0.59
CA LEU A 41 29.67 -2.08 -0.51
C LEU A 41 29.56 -0.67 0.03
N ILE A 42 28.38 -0.27 0.48
CA ILE A 42 28.26 1.04 1.12
C ILE A 42 29.05 1.01 2.43
N ALA A 43 30.01 1.93 2.53
CA ALA A 43 31.08 1.85 3.53
C ALA A 43 30.58 1.99 4.97
N SER A 44 29.37 2.52 5.13
CA SER A 44 28.77 2.76 6.43
C SER A 44 27.86 1.62 6.87
N GLU A 45 27.67 0.63 6.02
CA GLU A 45 26.74 -0.44 6.31
C GLU A 45 27.44 -1.67 6.86
N ASN A 46 26.70 -2.47 7.63
CA ASN A 46 27.20 -3.72 8.15
C ASN A 46 26.02 -4.61 8.46
N TYR A 47 26.30 -5.84 8.89
CA TYR A 47 25.25 -6.74 9.34
C TYR A 47 25.50 -7.06 10.82
N THR A 48 24.60 -6.63 11.69
CA THR A 48 24.80 -6.87 13.11
C THR A 48 24.28 -8.26 13.47
N SER A 49 24.77 -8.81 14.58
CA SER A 49 24.51 -10.20 14.94
C SER A 49 23.07 -10.43 15.43
N PRO A 50 22.59 -11.68 15.33
CA PRO A 50 21.29 -12.04 15.92
C PRO A 50 21.22 -11.73 17.40
N ALA A 51 22.34 -11.89 18.12
CA ALA A 51 22.34 -11.60 19.56
C ALA A 51 22.09 -10.11 19.80
N VAL A 52 22.70 -9.26 18.98
CA VAL A 52 22.49 -7.82 19.07
C VAL A 52 21.04 -7.43 18.77
N MET A 53 20.50 -7.98 17.68
CA MET A 53 19.11 -7.71 17.30
C MET A 53 18.13 -8.19 18.36
N ALA A 54 18.43 -9.34 18.97
CA ALA A 54 17.57 -9.90 19.99
C ALA A 54 17.52 -8.97 21.21
N ALA A 55 18.64 -8.31 21.49
CA ALA A 55 18.70 -7.43 22.65
C ALA A 55 17.81 -6.20 22.46
N GLN A 56 17.83 -5.57 21.29
CA GLN A 56 16.98 -4.39 21.12
C GLN A 56 15.56 -4.79 20.75
N GLY A 57 15.30 -6.10 20.67
CA GLY A 57 13.96 -6.61 20.54
C GLY A 57 13.40 -7.11 21.86
N SER A 58 14.05 -6.72 22.96
CA SER A 58 13.67 -7.19 24.30
C SER A 58 12.66 -6.28 24.98
N GLN A 59 12.25 -6.65 26.19
CA GLN A 59 11.27 -5.88 26.95
C GLN A 59 11.86 -4.63 27.58
N LEU A 60 13.15 -4.40 27.38
CA LEU A 60 13.79 -3.22 27.96
C LEU A 60 13.28 -1.94 27.31
N THR A 61 12.56 -2.09 26.20
CA THR A 61 11.89 -0.94 25.58
C THR A 61 10.75 -0.41 26.47
N ASN A 62 10.31 -1.19 27.45
CA ASN A 62 9.21 -0.76 28.32
C ASN A 62 9.66 0.14 29.46
N LYS A 63 10.96 0.38 29.61
CA LYS A 63 11.47 1.08 30.80
C LYS A 63 11.90 2.54 30.56
N TYR A 64 11.35 3.44 31.36
CA TYR A 64 11.85 4.82 31.42
C TYR A 64 12.99 4.88 32.43
N ALA A 65 14.16 5.32 31.99
CA ALA A 65 15.33 5.35 32.86
C ALA A 65 16.09 6.65 32.73
N GLU A 66 15.36 7.77 32.81
CA GLU A 66 15.98 9.09 32.78
C GLU A 66 17.08 9.18 33.83
N GLY A 67 18.23 9.71 33.44
CA GLY A 67 19.37 9.80 34.33
C GLY A 67 20.47 8.82 33.96
N TYR A 68 21.24 8.42 34.97
CA TYR A 68 22.39 7.54 34.74
C TYR A 68 22.42 6.46 35.82
N PRO A 69 23.19 5.37 35.59
CA PRO A 69 23.25 4.25 36.54
C PRO A 69 23.47 4.69 37.99
N GLY A 70 22.56 4.30 38.89
CA GLY A 70 22.67 4.66 40.29
C GLY A 70 22.25 6.08 40.59
N LYS A 71 21.86 6.80 39.54
CA LYS A 71 21.45 8.19 39.67
C LYS A 71 20.24 8.47 38.77
N ARG A 72 19.23 7.62 38.84
CA ARG A 72 18.04 7.74 38.01
C ARG A 72 17.01 8.65 38.66
N TYR A 73 16.04 9.14 37.88
CA TYR A 73 14.90 9.83 38.47
C TYR A 73 13.92 8.82 39.04
N TYR A 74 13.70 7.73 38.32
CA TYR A 74 12.70 6.75 38.72
CA TYR A 74 12.70 6.71 38.68
C TYR A 74 13.31 5.56 39.45
N GLY A 75 12.48 4.84 40.20
CA GLY A 75 12.92 3.62 40.86
C GLY A 75 12.78 2.46 39.89
N GLY A 76 13.18 1.28 40.33
CA GLY A 76 13.06 0.07 39.52
C GLY A 76 14.06 -0.06 38.38
N CYS A 77 15.15 0.71 38.45
CA CYS A 77 16.16 0.69 37.39
C CYS A 77 17.37 -0.20 37.71
N GLU A 78 17.23 -1.09 38.69
CA GLU A 78 18.34 -1.93 39.12
CA GLU A 78 18.33 -1.94 39.13
C GLU A 78 18.96 -2.72 37.98
N TYR A 79 18.13 -3.29 37.11
CA TYR A 79 18.65 -4.18 36.07
C TYR A 79 19.05 -3.45 34.80
N VAL A 80 18.39 -2.34 34.47
CA VAL A 80 18.85 -1.55 33.33
C VAL A 80 20.12 -0.79 33.71
N ASP A 81 20.33 -0.58 35.00
CA ASP A 81 21.59 0.02 35.48
C ASP A 81 22.77 -0.90 35.23
N VAL A 82 22.58 -2.19 35.48
CA VAL A 82 23.61 -3.20 35.21
C VAL A 82 23.92 -3.19 33.71
N VAL A 83 22.86 -3.11 32.90
CA VAL A 83 23.00 -3.08 31.46
C VAL A 83 23.80 -1.88 30.96
N GLU A 84 23.41 -0.68 31.38
CA GLU A 84 24.07 0.53 30.90
C GLU A 84 25.51 0.62 31.38
N GLN A 85 25.76 0.23 32.63
CA GLN A 85 27.10 0.28 33.18
C GLN A 85 28.02 -0.73 32.48
N LEU A 86 27.47 -1.89 32.12
CA LEU A 86 28.23 -2.85 31.32
C LEU A 86 28.61 -2.24 29.97
N ALA A 87 27.67 -1.52 29.35
CA ALA A 87 27.92 -0.85 28.08
C ALA A 87 29.00 0.22 28.22
N ILE A 88 28.90 1.02 29.28
CA ILE A 88 29.88 2.06 29.56
C ILE A 88 31.27 1.49 29.82
N ASP A 89 31.35 0.49 30.71
CA ASP A 89 32.65 -0.10 31.06
C ASP A 89 33.30 -0.77 29.86
N ARG A 90 32.51 -1.48 29.08
CA ARG A 90 33.05 -2.20 27.93
C ARG A 90 33.55 -1.26 26.84
N VAL A 91 32.84 -0.17 26.60
CA VAL A 91 33.27 0.76 25.54
C VAL A 91 34.48 1.57 26.02
N LYS A 92 34.57 1.76 27.33
CA LYS A 92 35.75 2.41 27.90
C LYS A 92 36.98 1.52 27.69
N GLN A 93 36.78 0.22 27.89
CA GLN A 93 37.83 -0.77 27.73
C GLN A 93 38.25 -0.94 26.26
N LEU A 94 37.26 -0.90 25.35
CA LEU A 94 37.53 -1.07 23.92
C LEU A 94 38.48 0.00 23.41
N PHE A 95 38.29 1.24 23.86
CA PHE A 95 39.02 2.36 23.30
C PHE A 95 39.96 3.07 24.26
N GLY A 96 40.05 2.55 25.48
CA GLY A 96 40.90 3.14 26.50
C GLY A 96 40.45 4.53 26.90
N ALA A 97 39.14 4.74 26.91
CA ALA A 97 38.55 6.05 27.24
C ALA A 97 38.38 6.26 28.74
N GLU A 98 38.55 7.50 29.20
CA GLU A 98 38.43 7.82 30.64
C GLU A 98 36.97 7.84 31.10
N ALA A 99 36.07 8.14 30.18
CA ALA A 99 34.65 8.16 30.48
C ALA A 99 33.86 7.94 29.21
N ALA A 100 32.58 7.58 29.36
CA ALA A 100 31.74 7.31 28.20
C ALA A 100 30.27 7.56 28.51
N ASN A 101 29.53 7.94 27.48
CA ASN A 101 28.08 8.06 27.53
C ASN A 101 27.51 7.20 26.43
N VAL A 102 26.72 6.20 26.80
CA VAL A 102 26.21 5.24 25.81
C VAL A 102 24.74 5.49 25.47
N GLN A 103 24.21 6.63 25.92
CA GLN A 103 22.81 7.00 25.64
C GLN A 103 22.49 7.72 24.31
N PRO A 104 23.49 8.31 23.61
CA PRO A 104 23.05 8.99 22.38
C PRO A 104 22.23 8.12 21.43
N ASN A 105 21.09 8.66 20.99
CA ASN A 105 20.18 7.92 20.11
C ASN A 105 20.76 7.66 18.73
N SER A 106 21.78 8.42 18.38
CA SER A 106 22.42 8.31 17.06
C SER A 106 23.79 8.97 17.09
N GLY A 107 24.53 8.85 16.00
CA GLY A 107 25.79 9.56 15.87
C GLY A 107 25.57 11.06 15.85
N SER A 108 24.48 11.47 15.22
CA SER A 108 24.13 12.90 15.14
C SER A 108 23.89 13.47 16.54
N GLN A 109 23.14 12.76 17.37
CA GLN A 109 22.90 13.19 18.75
C GLN A 109 24.15 13.15 19.60
N ALA A 110 25.06 12.22 19.29
CA ALA A 110 26.34 12.14 19.98
C ALA A 110 27.12 13.41 19.72
N ASN A 111 27.15 13.83 18.45
CA ASN A 111 27.84 15.06 18.07
C ASN A 111 27.18 16.31 18.66
N GLN A 112 25.84 16.34 18.64
CA GLN A 112 25.08 17.45 19.20
C GLN A 112 25.29 17.53 20.72
N GLY A 113 25.46 16.38 21.36
CA GLY A 113 25.70 16.35 22.79
C GLY A 113 26.97 17.10 23.14
N VAL A 114 28.03 16.87 22.38
CA VAL A 114 29.29 17.57 22.58
C VAL A 114 29.12 19.06 22.33
N PHE A 115 28.41 19.40 21.25
CA PHE A 115 28.18 20.81 20.91
C PHE A 115 27.40 21.53 22.00
N PHE A 116 26.36 20.87 22.49
CA PHE A 116 25.52 21.47 23.53
C PHE A 116 26.31 21.63 24.83
N ALA A 117 27.21 20.70 25.08
CA ALA A 117 27.99 20.73 26.32
C ALA A 117 29.02 21.85 26.32
N MET A 118 29.68 22.07 25.19
CA MET A 118 30.88 22.90 25.17
C MET A 118 30.72 24.22 24.43
N LEU A 119 29.66 24.36 23.65
CA LEU A 119 29.51 25.55 22.80
C LEU A 119 28.22 26.32 23.08
N LYS A 120 28.19 27.56 22.63
CA LYS A 120 26.95 28.32 22.60
C LYS A 120 26.70 28.72 21.15
N PRO A 121 25.42 28.88 20.75
CA PRO A 121 25.08 29.25 19.37
C PRO A 121 25.85 30.48 18.89
N GLY A 122 26.48 30.37 17.73
CA GLY A 122 27.24 31.47 17.18
C GLY A 122 28.74 31.28 17.32
N ASP A 123 29.14 30.30 18.12
CA ASP A 123 30.56 30.01 18.28
C ASP A 123 31.17 29.51 16.98
N THR A 124 32.47 29.72 16.83
CA THR A 124 33.18 29.28 15.65
C THR A 124 33.76 27.88 15.82
N ILE A 125 33.51 27.02 14.85
CA ILE A 125 34.07 25.67 14.85
C ILE A 125 34.81 25.38 13.54
N MET A 126 35.69 24.40 13.59
CA MET A 126 36.35 23.89 12.39
C MET A 126 35.98 22.43 12.16
N GLY A 127 35.74 22.09 10.91
CA GLY A 127 35.40 20.72 10.56
C GLY A 127 35.83 20.44 9.13
N MET A 128 35.94 19.17 8.79
CA MET A 128 36.31 18.79 7.44
C MET A 128 35.16 19.11 6.49
N SER A 129 35.47 19.74 5.36
CA SER A 129 34.44 20.16 4.41
C SER A 129 33.68 18.95 3.89
N LEU A 130 32.40 19.14 3.60
CA LEU A 130 31.56 18.07 3.08
C LEU A 130 32.08 17.61 1.72
N ALA A 131 32.62 18.56 0.95
CA ALA A 131 33.09 18.28 -0.40
C ALA A 131 34.32 17.39 -0.40
N HIS A 132 35.05 17.35 0.72
CA HIS A 132 36.27 16.57 0.81
C HIS A 132 36.15 15.38 1.76
N GLY A 133 34.93 14.99 2.11
CA GLY A 133 34.73 13.76 2.87
C GLY A 133 34.17 13.92 4.27
N GLY A 134 33.93 15.16 4.68
CA GLY A 134 33.36 15.43 6.00
C GLY A 134 31.90 15.00 6.08
N HIS A 135 31.35 14.97 7.28
CA HIS A 135 29.95 14.58 7.49
C HIS A 135 29.03 15.79 7.65
N LEU A 136 27.73 15.58 7.44
CA LEU A 136 26.73 16.63 7.63
C LEU A 136 26.87 17.34 8.97
N THR A 137 27.12 16.58 10.02
CA THR A 137 27.17 17.13 11.37
C THR A 137 28.51 17.81 11.68
N HIS A 138 29.35 17.98 10.66
CA HIS A 138 30.64 18.63 10.84
C HIS A 138 30.60 20.05 10.30
N GLY A 139 29.40 20.57 10.06
CA GLY A 139 29.26 21.98 9.72
C GLY A 139 28.45 22.30 8.48
N SER A 140 27.65 21.35 7.99
CA SER A 140 26.79 21.60 6.85
C SER A 140 25.79 22.70 7.20
N PRO A 141 25.64 23.68 6.30
CA PRO A 141 24.76 24.83 6.56
C PRO A 141 23.28 24.45 6.72
N VAL A 142 22.90 23.27 6.22
CA VAL A 142 21.51 22.80 6.37
C VAL A 142 21.39 21.84 7.55
N ASN A 143 22.51 21.59 8.21
CA ASN A 143 22.52 20.84 9.45
C ASN A 143 22.63 21.80 10.63
N MET A 144 22.23 21.33 11.82
CA MET A 144 22.31 22.16 13.01
C MET A 144 23.74 22.66 13.22
N SER A 145 24.70 21.78 12.94
CA SER A 145 26.11 22.08 13.18
C SER A 145 26.57 23.30 12.37
N GLY A 146 25.95 23.51 11.21
CA GLY A 146 26.33 24.59 10.33
C GLY A 146 25.37 25.76 10.29
N LYS A 147 24.14 25.56 10.74
CA LYS A 147 23.15 26.64 10.70
C LYS A 147 23.19 27.52 11.95
N TRP A 148 23.48 26.91 13.10
CA TRP A 148 23.48 27.65 14.36
C TRP A 148 24.90 27.97 14.85
N PHE A 149 25.90 27.65 14.03
CA PHE A 149 27.30 27.93 14.37
C PHE A 149 28.05 28.47 13.17
N ASN A 150 29.11 29.23 13.44
CA ASN A 150 29.98 29.73 12.37
C ASN A 150 31.03 28.68 12.01
N VAL A 151 30.98 28.20 10.78
CA VAL A 151 31.82 27.08 10.37
C VAL A 151 32.95 27.49 9.45
N VAL A 152 34.18 27.13 9.84
CA VAL A 152 35.34 27.29 8.99
C VAL A 152 35.82 25.89 8.61
N SER A 153 35.73 25.55 7.33
CA SER A 153 36.07 24.20 6.89
CA SER A 153 36.06 24.21 6.89
C SER A 153 37.51 24.10 6.43
N TYR A 154 38.09 22.91 6.60
CA TYR A 154 39.42 22.58 6.08
C TYR A 154 39.28 21.32 5.23
N GLY A 155 40.21 21.11 4.31
CA GLY A 155 40.11 19.97 3.40
C GLY A 155 41.43 19.28 3.11
N LEU A 156 41.54 18.77 1.89
CA LEU A 156 42.71 18.02 1.47
C LEU A 156 43.70 18.90 0.70
N ASN A 157 44.93 18.42 0.59
CA ASN A 157 45.93 19.11 -0.22
C ASN A 157 45.94 18.51 -1.62
N GLU A 158 46.93 18.89 -2.42
CA GLU A 158 47.04 18.41 -3.79
C GLU A 158 47.27 16.90 -3.84
N ASN A 159 47.89 16.37 -2.80
CA ASN A 159 48.19 14.94 -2.72
C ASN A 159 47.00 14.13 -2.20
N GLU A 160 45.88 14.81 -1.98
CA GLU A 160 44.65 14.20 -1.47
C GLU A 160 44.84 13.54 -0.09
N ASP A 161 45.73 14.13 0.71
CA ASP A 161 45.86 13.83 2.14
C ASP A 161 45.32 15.06 2.87
N ILE A 162 45.02 14.94 4.16
CA ILE A 162 44.56 16.10 4.92
C ILE A 162 45.61 17.21 4.94
N ASP A 163 45.20 18.43 4.61
CA ASP A 163 46.11 19.58 4.60
C ASP A 163 46.27 20.17 6.00
N TYR A 164 47.16 19.59 6.78
CA TYR A 164 47.35 19.99 8.18
C TYR A 164 47.90 21.41 8.30
N ASP A 165 48.73 21.82 7.34
CA ASP A 165 49.30 23.16 7.35
C ASP A 165 48.21 24.21 7.17
N ALA A 166 47.33 24.01 6.20
CA ALA A 166 46.24 24.94 5.97
C ALA A 166 45.27 24.95 7.15
N ALA A 167 45.07 23.79 7.77
CA ALA A 167 44.19 23.71 8.92
C ALA A 167 44.77 24.51 10.09
N GLU A 168 46.07 24.41 10.29
CA GLU A 168 46.72 25.14 11.36
C GLU A 168 46.65 26.64 11.12
N LYS A 169 46.80 27.05 9.87
CA LYS A 169 46.70 28.47 9.52
C LYS A 169 45.28 28.98 9.76
N LEU A 170 44.29 28.18 9.37
CA LEU A 170 42.89 28.54 9.59
C LEU A 170 42.56 28.61 11.07
N ALA A 171 43.16 27.71 11.85
CA ALA A 171 42.92 27.70 13.29
C ALA A 171 43.47 28.95 13.96
N ASN A 172 44.67 29.37 13.57
CA ASN A 172 45.27 30.55 14.15
C ASN A 172 44.55 31.83 13.73
N GLU A 173 44.00 31.82 12.53
CA GLU A 173 43.31 32.98 11.97
C GLU A 173 41.91 33.16 12.56
N HIS A 174 41.14 32.08 12.61
CA HIS A 174 39.73 32.15 13.01
C HIS A 174 39.48 31.80 14.48
N LYS A 175 40.48 31.23 15.14
CA LYS A 175 40.40 30.87 16.55
C LYS A 175 39.12 30.11 16.91
N PRO A 176 38.96 28.90 16.36
CA PRO A 176 37.74 28.16 16.66
C PRO A 176 37.71 27.71 18.13
N LYS A 177 36.52 27.64 18.71
CA LYS A 177 36.39 27.15 20.07
C LYS A 177 36.53 25.63 20.07
N LEU A 178 36.22 25.03 18.92
CA LEU A 178 36.26 23.58 18.80
C LEU A 178 36.63 23.14 17.39
N ILE A 179 37.50 22.14 17.31
CA ILE A 179 37.88 21.58 16.02
C ILE A 179 37.37 20.16 15.90
N VAL A 180 36.64 19.89 14.83
CA VAL A 180 36.14 18.55 14.53
C VAL A 180 37.06 17.86 13.52
N ALA A 181 37.42 16.62 13.80
CA ALA A 181 38.16 15.80 12.86
C ALA A 181 37.42 14.49 12.64
N GLY A 182 37.75 13.79 11.57
CA GLY A 182 37.06 12.58 11.19
C GLY A 182 36.34 12.81 9.88
N ALA A 183 35.88 11.73 9.26
CA ALA A 183 35.30 11.82 7.94
C ALA A 183 34.34 10.67 7.63
N SER A 184 33.51 10.87 6.59
CA SER A 184 32.63 9.83 6.10
C SER A 184 33.24 9.15 4.87
N ALA A 185 34.18 9.84 4.25
CA ALA A 185 34.81 9.32 3.04
C ALA A 185 36.27 9.76 2.93
N PHE A 186 37.12 9.18 3.78
CA PHE A 186 38.56 9.42 3.72
C PHE A 186 39.29 8.11 4.01
N ALA A 187 40.18 7.72 3.10
CA ALA A 187 40.76 6.38 3.11
C ALA A 187 42.02 6.24 3.97
N LEU A 188 42.70 7.34 4.24
CA LEU A 188 43.99 7.29 4.94
C LEU A 188 43.86 7.38 6.46
N LYS A 189 44.95 7.04 7.14
CA LYS A 189 45.07 7.25 8.56
C LYS A 189 45.09 8.74 8.85
N ILE A 190 44.29 9.17 9.81
CA ILE A 190 44.25 10.58 10.19
C ILE A 190 45.23 10.81 11.34
N ASP A 191 46.04 11.87 11.23
CA ASP A 191 47.03 12.18 12.26
C ASP A 191 46.39 12.94 13.42
N PHE A 192 45.82 12.19 14.36
CA PHE A 192 45.09 12.80 15.48
C PHE A 192 46.02 13.59 16.41
N GLU A 193 47.24 13.11 16.57
CA GLU A 193 48.21 13.79 17.42
C GLU A 193 48.53 15.18 16.88
N ARG A 194 48.67 15.28 15.57
CA ARG A 194 48.95 16.56 14.90
CA ARG A 194 48.96 16.56 14.93
C ARG A 194 47.78 17.51 15.07
N LEU A 195 46.57 16.99 14.94
CA LEU A 195 45.36 17.79 15.10
C LEU A 195 45.20 18.27 16.55
N ALA A 196 45.58 17.42 17.50
CA ALA A 196 45.51 17.80 18.91
C ALA A 196 46.46 18.95 19.22
N LYS A 197 47.65 18.89 18.64
CA LYS A 197 48.65 19.94 18.85
C LYS A 197 48.15 21.26 18.27
N ILE A 198 47.51 21.18 17.10
CA ILE A 198 46.92 22.36 16.48
C ILE A 198 45.85 23.00 17.36
N ALA A 199 44.94 22.16 17.85
CA ALA A 199 43.84 22.65 18.68
C ALA A 199 44.35 23.26 19.97
N LYS A 200 45.34 22.60 20.58
CA LYS A 200 45.91 23.08 21.84
C LYS A 200 46.64 24.41 21.64
N SER A 201 47.20 24.61 20.45
CA SER A 201 47.95 25.83 20.17
C SER A 201 47.03 27.06 20.13
N VAL A 202 45.76 26.84 19.82
CA VAL A 202 44.80 27.93 19.73
C VAL A 202 43.72 27.84 20.82
N GLY A 203 43.95 26.97 21.80
CA GLY A 203 43.03 26.81 22.91
C GLY A 203 41.67 26.26 22.52
N ALA A 204 41.65 25.38 21.52
CA ALA A 204 40.40 24.78 21.05
C ALA A 204 40.25 23.35 21.56
N TYR A 205 39.00 22.92 21.71
CA TYR A 205 38.73 21.52 21.99
C TYR A 205 38.95 20.72 20.72
N LEU A 206 39.40 19.48 20.85
CA LEU A 206 39.44 18.57 19.71
C LEU A 206 38.40 17.47 19.88
N MET A 207 37.46 17.43 18.94
CA MET A 207 36.48 16.38 18.88
C MET A 207 36.73 15.53 17.65
N VAL A 208 36.93 14.24 17.86
CA VAL A 208 37.08 13.34 16.73
C VAL A 208 35.83 12.47 16.58
N ASP A 209 35.24 12.52 15.40
CA ASP A 209 34.11 11.68 15.05
C ASP A 209 34.65 10.45 14.31
N MET A 210 34.79 9.33 15.02
CA MET A 210 35.42 8.14 14.45
C MET A 210 34.41 7.12 13.94
N ALA A 211 33.18 7.57 13.69
CA ALA A 211 32.08 6.67 13.34
C ALA A 211 32.45 5.60 12.32
N HIS A 212 33.09 6.01 11.23
CA HIS A 212 33.46 5.05 10.20
C HIS A 212 34.58 4.09 10.62
N TYR A 213 35.50 4.57 11.44
CA TYR A 213 36.71 3.79 11.74
C TYR A 213 36.65 3.05 13.07
N ALA A 214 35.60 3.29 13.85
CA ALA A 214 35.54 2.82 15.24
C ALA A 214 35.84 1.33 15.42
N GLY A 215 35.30 0.49 14.53
CA GLY A 215 35.57 -0.94 14.60
C GLY A 215 37.05 -1.26 14.35
N LEU A 216 37.64 -0.58 13.37
CA LEU A 216 39.04 -0.80 13.04
C LEU A 216 39.92 -0.36 14.19
N ILE A 217 39.53 0.75 14.82
CA ILE A 217 40.26 1.31 15.95
C ILE A 217 40.19 0.39 17.15
N ALA A 218 39.02 -0.18 17.40
CA ALA A 218 38.85 -1.09 18.53
C ALA A 218 39.76 -2.29 18.37
N ALA A 219 39.98 -2.71 17.12
CA ALA A 219 40.82 -3.87 16.84
C ALA A 219 42.28 -3.49 16.70
N GLY A 220 42.57 -2.20 16.75
CA GLY A 220 43.94 -1.73 16.67
C GLY A 220 44.56 -1.77 15.28
N VAL A 221 43.72 -1.68 14.24
CA VAL A 221 44.24 -1.67 12.87
C VAL A 221 44.04 -0.30 12.24
N TYR A 222 43.74 0.67 13.08
CA TYR A 222 43.61 2.06 12.69
C TYR A 222 43.93 2.91 13.91
N PRO A 223 44.66 4.02 13.73
CA PRO A 223 45.07 4.87 14.86
C PRO A 223 43.91 5.32 15.75
N ASN A 224 44.15 5.25 17.06
CA ASN A 224 43.14 5.59 18.07
C ASN A 224 43.20 7.07 18.43
N PRO A 225 42.09 7.80 18.22
CA PRO A 225 42.08 9.23 18.55
C PRO A 225 41.94 9.51 20.04
N VAL A 226 41.52 8.51 20.81
CA VAL A 226 41.20 8.72 22.23
C VAL A 226 42.32 9.32 23.09
N PRO A 227 43.57 8.86 22.93
CA PRO A 227 44.59 9.53 23.76
C PRO A 227 44.81 11.01 23.41
N HIS A 228 44.33 11.46 22.26
CA HIS A 228 44.66 12.79 21.77
C HIS A 228 43.52 13.80 21.79
N ALA A 229 42.29 13.30 21.78
CA ALA A 229 41.13 14.18 21.68
C ALA A 229 40.44 14.38 23.03
N ASP A 230 39.82 15.55 23.19
CA ASP A 230 39.00 15.81 24.37
C ASP A 230 37.72 14.97 24.30
N PHE A 231 37.17 14.88 23.10
CA PHE A 231 35.96 14.11 22.85
C PHE A 231 36.12 13.22 21.63
N VAL A 232 35.62 12.00 21.73
CA VAL A 232 35.56 11.12 20.59
C VAL A 232 34.13 10.62 20.46
N THR A 233 33.48 10.97 19.36
CA THR A 233 32.12 10.49 19.12
C THR A 233 32.12 9.36 18.11
N THR A 234 31.07 8.56 18.14
CA THR A 234 30.94 7.46 17.20
C THR A 234 29.53 6.94 17.12
N THR A 235 29.25 6.27 16.01
CA THR A 235 28.06 5.45 15.89
C THR A 235 28.41 4.09 16.46
N THR A 236 27.41 3.33 16.88
CA THR A 236 27.66 1.97 17.36
C THR A 236 27.45 1.01 16.21
N HIS A 237 26.76 1.46 15.17
CA HIS A 237 26.67 0.68 13.93
C HIS A 237 27.92 0.99 13.09
N LYS A 238 27.84 0.72 11.78
CA LYS A 238 29.01 0.78 10.88
C LYS A 238 30.09 -0.26 11.24
N SER A 239 31.36 0.13 11.18
CA SER A 239 32.46 -0.83 11.34
C SER A 239 32.50 -1.46 12.73
N LEU A 240 31.92 -0.79 13.72
CA LEU A 240 31.85 -1.37 15.07
C LEU A 240 30.83 -2.51 15.11
N ARG A 241 29.97 -2.56 14.10
CA ARG A 241 29.01 -3.65 13.86
C ARG A 241 27.97 -3.85 14.96
N GLY A 242 27.57 -2.75 15.60
CA GLY A 242 26.56 -2.85 16.64
C GLY A 242 25.20 -2.40 16.18
N PRO A 243 24.31 -2.10 17.14
CA PRO A 243 22.99 -1.59 16.79
C PRO A 243 23.11 -0.15 16.35
N ARG A 244 22.04 0.39 15.78
CA ARG A 244 22.01 1.77 15.35
CA ARG A 244 22.02 1.78 15.36
C ARG A 244 21.91 2.70 16.56
N GLY A 245 22.92 3.54 16.75
CA GLY A 245 22.92 4.48 17.86
C GLY A 245 24.24 5.21 17.95
N GLY A 246 24.42 5.98 19.02
CA GLY A 246 25.63 6.76 19.19
C GLY A 246 26.27 6.59 20.55
N VAL A 247 27.52 7.03 20.65
CA VAL A 247 28.31 7.00 21.90
C VAL A 247 29.18 8.25 21.95
N ILE A 248 29.33 8.83 23.14
CA ILE A 248 30.36 9.84 23.34
C ILE A 248 31.43 9.29 24.29
N LEU A 249 32.68 9.36 23.86
CA LEU A 249 33.82 9.09 24.72
C LEU A 249 34.41 10.43 25.08
N MET A 250 34.74 10.65 26.35
CA MET A 250 35.31 11.94 26.73
C MET A 250 36.34 11.79 27.85
N LYS A 251 37.23 12.76 27.94
CA LYS A 251 38.17 12.81 29.06
C LYS A 251 37.39 13.08 30.34
N ALA A 252 37.95 12.62 31.46
CA ALA A 252 37.28 12.64 32.74
C ALA A 252 36.87 14.05 33.16
N GLU A 253 37.67 15.04 32.78
CA GLU A 253 37.36 16.41 33.20
C GLU A 253 36.10 16.94 32.52
N TYR A 254 35.66 16.28 31.45
CA TYR A 254 34.45 16.70 30.75
C TYR A 254 33.29 15.74 30.96
N GLU A 255 33.41 14.85 31.94
CA GLU A 255 32.38 13.84 32.17
C GLU A 255 31.04 14.48 32.55
N LYS A 256 31.10 15.43 33.48
CA LYS A 256 29.86 16.07 33.94
C LYS A 256 29.16 16.90 32.86
N PRO A 257 29.87 17.80 32.16
CA PRO A 257 29.12 18.58 31.18
C PRO A 257 28.60 17.74 30.01
N ILE A 258 29.29 16.67 29.65
CA ILE A 258 28.83 15.77 28.59
C ILE A 258 27.58 15.00 29.01
N ASN A 259 27.63 14.39 30.20
CA ASN A 259 26.49 13.64 30.71
C ASN A 259 25.26 14.53 30.90
N SER A 260 25.48 15.74 31.37
CA SER A 260 24.40 16.70 31.56
C SER A 260 23.81 17.16 30.24
N ALA A 261 24.65 17.23 29.21
CA ALA A 261 24.19 17.68 27.89
C ALA A 261 23.33 16.61 27.23
N ILE A 262 23.68 15.35 27.39
CA ILE A 262 22.85 14.29 26.85
C ILE A 262 21.53 14.24 27.61
N PHE A 263 21.61 14.29 28.93
CA PHE A 263 20.40 14.41 29.75
C PHE A 263 20.66 15.27 30.99
N PRO A 264 19.79 16.26 31.23
CA PRO A 264 18.54 16.59 30.53
C PRO A 264 18.70 17.56 29.36
N GLY A 265 19.90 17.66 28.80
CA GLY A 265 20.16 18.62 27.73
C GLY A 265 19.40 18.43 26.43
N ILE A 266 19.63 17.31 25.74
CA ILE A 266 19.05 17.11 24.42
C ILE A 266 18.28 15.80 24.25
N GLN A 267 18.28 14.95 25.28
CA GLN A 267 17.51 13.73 25.22
C GLN A 267 16.67 13.57 26.49
N GLY A 268 15.79 12.57 26.48
CA GLY A 268 15.00 12.23 27.65
C GLY A 268 15.34 10.82 28.07
N GLY A 269 14.33 9.95 28.08
CA GLY A 269 14.56 8.55 28.40
C GLY A 269 15.44 7.87 27.37
N PRO A 270 16.54 7.25 27.83
CA PRO A 270 17.39 6.51 26.89
C PRO A 270 16.70 5.24 26.40
N LEU A 271 17.10 4.75 25.23
CA LEU A 271 16.59 3.49 24.70
C LEU A 271 17.34 2.33 25.34
N MET A 272 16.84 1.81 26.44
CA MET A 272 17.58 0.81 27.22
C MET A 272 17.74 -0.51 26.47
N HIS A 273 16.79 -0.80 25.58
CA HIS A 273 16.87 -2.02 24.78
C HIS A 273 18.00 -1.88 23.75
N VAL A 274 18.20 -0.68 23.22
CA VAL A 274 19.29 -0.45 22.28
C VAL A 274 20.64 -0.42 23.01
N ILE A 275 20.64 0.13 24.23
CA ILE A 275 21.84 0.17 25.06
C ILE A 275 22.28 -1.25 25.42
N ALA A 276 21.32 -2.13 25.68
CA ALA A 276 21.62 -3.54 25.89
C ALA A 276 22.26 -4.14 24.64
N ALA A 277 21.72 -3.80 23.48
CA ALA A 277 22.29 -4.25 22.22
C ALA A 277 23.69 -3.66 22.00
N LYS A 278 23.90 -2.44 22.46
CA LYS A 278 25.23 -1.84 22.42
C LYS A 278 26.20 -2.66 23.28
N ALA A 279 25.77 -3.04 24.48
CA ALA A 279 26.63 -3.81 25.37
C ALA A 279 27.01 -5.15 24.75
N VAL A 280 26.06 -5.82 24.10
CA VAL A 280 26.32 -7.09 23.44
C VAL A 280 27.32 -6.91 22.30
N ALA A 281 27.17 -5.83 21.54
CA ALA A 281 28.09 -5.55 20.44
C ALA A 281 29.49 -5.25 20.97
N PHE A 282 29.58 -4.56 22.11
CA PHE A 282 30.88 -4.23 22.70
C PHE A 282 31.56 -5.49 23.21
N LYS A 283 30.76 -6.39 23.79
CA LYS A 283 31.26 -7.69 24.21
CA LYS A 283 31.25 -7.70 24.22
C LYS A 283 31.87 -8.43 23.02
N GLU A 284 31.15 -8.42 21.90
CA GLU A 284 31.64 -9.05 20.68
C GLU A 284 32.90 -8.38 20.18
N ALA A 285 32.96 -7.06 20.27
CA ALA A 285 34.10 -6.31 19.75
C ALA A 285 35.36 -6.53 20.58
N LEU A 286 35.18 -7.00 21.82
CA LEU A 286 36.30 -7.26 22.70
C LEU A 286 36.93 -8.63 22.44
N SER A 287 36.26 -9.48 21.67
CA SER A 287 36.74 -10.83 21.43
C SER A 287 37.90 -10.83 20.42
N PRO A 288 38.74 -11.88 20.46
CA PRO A 288 39.78 -12.05 19.45
C PRO A 288 39.20 -12.21 18.05
N GLU A 289 37.99 -12.75 17.96
CA GLU A 289 37.34 -12.94 16.67
C GLU A 289 37.09 -11.61 15.96
N PHE A 290 36.84 -10.56 16.74
CA PHE A 290 36.56 -9.25 16.17
C PHE A 290 37.82 -8.60 15.58
N LYS A 291 38.96 -8.77 16.24
CA LYS A 291 40.21 -8.22 15.71
CA LYS A 291 40.20 -8.23 15.71
C LYS A 291 40.57 -8.92 14.40
N GLU A 292 40.32 -10.22 14.33
CA GLU A 292 40.55 -11.00 13.12
C GLU A 292 39.61 -10.54 12.01
N TYR A 293 38.37 -10.24 12.39
CA TYR A 293 37.41 -9.70 11.45
C TYR A 293 37.90 -8.39 10.86
N GLN A 294 38.36 -7.49 11.72
CA GLN A 294 38.80 -6.17 11.25
C GLN A 294 40.11 -6.25 10.45
N GLN A 295 40.92 -7.26 10.75
CA GLN A 295 42.13 -7.46 9.95
C GLN A 295 41.73 -7.83 8.52
N LYS A 296 40.68 -8.65 8.40
CA LYS A 296 40.17 -9.04 7.09
C LYS A 296 39.50 -7.86 6.39
N VAL A 297 38.89 -6.98 7.17
CA VAL A 297 38.27 -5.77 6.64
C VAL A 297 39.29 -4.89 5.93
N VAL A 298 40.42 -4.63 6.60
CA VAL A 298 41.51 -3.85 6.02
C VAL A 298 42.12 -4.53 4.80
N GLU A 299 42.32 -5.84 4.90
CA GLU A 299 42.89 -6.62 3.81
C GLU A 299 41.98 -6.60 2.58
N ASN A 300 40.69 -6.86 2.79
CA ASN A 300 39.74 -6.87 1.68
C ASN A 300 39.61 -5.51 1.00
N ALA A 301 39.62 -4.44 1.78
CA ALA A 301 39.56 -3.09 1.24
C ALA A 301 40.81 -2.79 0.38
N ARG A 302 41.98 -3.19 0.86
CA ARG A 302 43.21 -3.00 0.10
CA ARG A 302 43.22 -3.01 0.11
C ARG A 302 43.20 -3.79 -1.20
N VAL A 303 42.77 -5.05 -1.13
CA VAL A 303 42.70 -5.91 -2.30
C VAL A 303 41.69 -5.37 -3.31
N LEU A 304 40.55 -4.90 -2.81
CA LEU A 304 39.54 -4.29 -3.68
C LEU A 304 40.12 -3.08 -4.40
N ALA A 305 40.81 -2.22 -3.65
CA ALA A 305 41.41 -1.03 -4.24
C ALA A 305 42.49 -1.40 -5.24
N GLU A 306 43.31 -2.37 -4.88
CA GLU A 306 44.38 -2.85 -5.76
C GLU A 306 43.82 -3.39 -7.07
N THR A 307 42.73 -4.14 -6.98
CA THR A 307 42.14 -4.76 -8.15
C THR A 307 41.58 -3.70 -9.11
N LEU A 308 40.94 -2.68 -8.55
CA LEU A 308 40.39 -1.59 -9.34
C LEU A 308 41.48 -0.80 -10.05
N VAL A 309 42.63 -0.64 -9.40
CA VAL A 309 43.76 0.05 -9.98
C VAL A 309 44.34 -0.71 -11.18
N LYS A 310 44.42 -2.03 -11.07
CA LYS A 310 44.88 -2.87 -12.18
C LYS A 310 43.97 -2.73 -13.39
N ARG A 311 42.70 -2.46 -13.13
CA ARG A 311 41.71 -2.35 -14.20
C ARG A 311 41.63 -0.93 -14.76
N GLY A 312 42.45 -0.03 -14.25
CA GLY A 312 42.55 1.30 -14.82
C GLY A 312 41.87 2.43 -14.05
N LEU A 313 41.27 2.10 -12.91
CA LEU A 313 40.64 3.11 -12.07
C LEU A 313 41.67 3.80 -11.19
N ARG A 314 41.28 4.91 -10.57
CA ARG A 314 42.17 5.62 -9.65
C ARG A 314 41.55 5.71 -8.26
N ILE A 315 42.38 5.56 -7.23
CA ILE A 315 41.93 5.71 -5.85
C ILE A 315 42.31 7.08 -5.32
N VAL A 316 41.32 7.84 -4.84
CA VAL A 316 41.61 9.13 -4.21
C VAL A 316 42.56 8.89 -3.04
N SER A 317 43.56 9.78 -2.91
CA SER A 317 44.67 9.67 -1.95
C SER A 317 45.72 8.63 -2.36
N GLY A 318 45.50 7.96 -3.48
CA GLY A 318 46.48 7.04 -4.03
C GLY A 318 46.53 5.66 -3.41
N ARG A 319 45.84 5.48 -2.28
CA ARG A 319 45.83 4.20 -1.57
C ARG A 319 44.75 4.23 -0.50
N THR A 320 44.45 3.07 0.08
CA THR A 320 43.60 3.03 1.26
C THR A 320 44.40 2.46 2.43
N GLU A 321 44.11 2.97 3.63
CA GLU A 321 44.73 2.47 4.84
C GLU A 321 43.63 2.10 5.83
N SER A 322 42.45 1.80 5.32
CA SER A 322 41.30 1.55 6.18
C SER A 322 40.29 0.62 5.53
N HIS A 323 39.01 0.89 5.79
CA HIS A 323 37.92 0.07 5.29
C HIS A 323 37.35 0.64 4.00
N VAL A 324 37.73 1.87 3.68
CA VAL A 324 37.01 2.64 2.66
C VAL A 324 37.91 3.17 1.55
N MET A 325 37.32 3.42 0.38
CA MET A 325 38.03 4.08 -0.69
C MET A 325 37.08 4.91 -1.53
N LEU A 326 37.61 5.98 -2.11
CA LEU A 326 36.85 6.83 -3.03
C LEU A 326 37.43 6.63 -4.42
N VAL A 327 36.62 6.12 -5.33
CA VAL A 327 37.12 5.73 -6.66
C VAL A 327 36.88 6.81 -7.70
N ASP A 328 37.98 7.31 -8.28
CA ASP A 328 37.94 8.26 -9.38
C ASP A 328 37.57 7.52 -10.66
N LEU A 329 36.41 7.86 -11.24
CA LEU A 329 35.87 7.10 -12.36
C LEU A 329 36.17 7.72 -13.74
N ARG A 330 36.86 8.85 -13.76
CA ARG A 330 36.99 9.63 -14.99
C ARG A 330 37.71 8.92 -16.16
N ALA A 331 38.65 8.03 -15.86
CA ALA A 331 39.36 7.32 -16.92
C ALA A 331 38.43 6.38 -17.66
N LYS A 332 37.31 6.02 -17.04
CA LYS A 332 36.36 5.12 -17.66
C LYS A 332 35.17 5.86 -18.24
N HIS A 333 35.22 7.19 -18.16
CA HIS A 333 34.20 8.06 -18.75
C HIS A 333 32.80 7.72 -18.28
N ILE A 334 32.66 7.58 -16.96
CA ILE A 334 31.37 7.29 -16.36
C ILE A 334 31.21 8.12 -15.10
N THR A 335 30.00 8.64 -14.89
CA THR A 335 29.72 9.42 -13.70
C THR A 335 29.41 8.50 -12.51
N GLY A 336 29.50 9.04 -11.30
CA GLY A 336 29.18 8.27 -10.12
C GLY A 336 27.72 7.87 -10.16
N LYS A 337 26.88 8.79 -10.63
CA LYS A 337 25.45 8.54 -10.74
C LYS A 337 25.18 7.35 -11.66
N ALA A 338 25.83 7.33 -12.83
CA ALA A 338 25.63 6.24 -13.78
C ALA A 338 26.19 4.94 -13.25
N ALA A 339 27.35 5.03 -12.59
CA ALA A 339 28.00 3.85 -12.03
C ALA A 339 27.13 3.21 -10.96
N GLU A 340 26.58 4.04 -10.07
CA GLU A 340 25.72 3.52 -9.02
C GLU A 340 24.51 2.82 -9.62
N ALA A 341 23.93 3.41 -10.66
CA ALA A 341 22.73 2.83 -11.28
C ALA A 341 23.04 1.49 -11.93
N ALA A 342 24.11 1.45 -12.73
CA ALA A 342 24.48 0.24 -13.45
C ALA A 342 24.89 -0.87 -12.49
N LEU A 343 25.69 -0.53 -11.49
CA LEU A 343 26.11 -1.52 -10.51
C LEU A 343 24.92 -2.08 -9.74
N GLY A 344 23.97 -1.20 -9.42
CA GLY A 344 22.77 -1.60 -8.72
C GLY A 344 21.95 -2.63 -9.49
N ALA A 345 21.88 -2.46 -10.80
CA ALA A 345 21.18 -3.40 -11.66
C ALA A 345 21.83 -4.78 -11.62
N ALA A 346 23.14 -4.82 -11.37
CA ALA A 346 23.89 -6.07 -11.25
C ALA A 346 24.01 -6.57 -9.81
N HIS A 347 23.18 -5.99 -8.93
CA HIS A 347 23.10 -6.35 -7.52
C HIS A 347 24.38 -6.09 -6.72
N ILE A 348 25.06 -5.01 -7.09
CA ILE A 348 26.18 -4.51 -6.31
C ILE A 348 25.83 -3.11 -5.83
N THR A 349 25.73 -2.96 -4.52
CA THR A 349 25.29 -1.71 -3.92
C THR A 349 26.47 -0.81 -3.57
N VAL A 350 26.53 0.35 -4.21
CA VAL A 350 27.53 1.36 -3.89
C VAL A 350 26.83 2.69 -3.73
N ASN A 351 27.56 3.76 -3.41
CA ASN A 351 26.95 5.07 -3.54
C ASN A 351 27.90 6.04 -4.22
N LYS A 352 27.32 6.90 -5.05
CA LYS A 352 28.05 7.96 -5.73
C LYS A 352 28.67 8.89 -4.71
N ASN A 353 29.79 9.50 -5.06
CA ASN A 353 30.46 10.40 -4.15
C ASN A 353 31.38 11.33 -4.90
N ALA A 354 31.28 12.62 -4.60
CA ALA A 354 32.12 13.62 -5.24
C ALA A 354 33.58 13.41 -4.85
N ILE A 355 34.47 13.58 -5.83
CA ILE A 355 35.90 13.52 -5.60
C ILE A 355 36.42 14.94 -5.44
N PRO A 356 37.65 15.10 -4.90
CA PRO A 356 38.24 16.45 -4.82
C PRO A 356 38.28 17.13 -6.18
N ASN A 357 37.84 18.40 -6.22
CA ASN A 357 37.77 19.17 -7.46
C ASN A 357 36.93 18.47 -8.52
N ASP A 358 35.78 17.95 -8.11
CA ASP A 358 34.90 17.23 -9.02
C ASP A 358 34.33 18.16 -10.07
N PRO A 359 34.54 17.83 -11.36
CA PRO A 359 34.03 18.66 -12.46
C PRO A 359 32.52 18.52 -12.67
N GLU A 360 31.89 17.58 -11.98
CA GLU A 360 30.45 17.33 -12.15
C GLU A 360 29.60 18.00 -11.06
N LYS A 361 28.31 18.12 -11.34
CA LYS A 361 27.36 18.64 -10.37
C LYS A 361 27.25 17.69 -9.18
N PRO A 362 26.94 18.22 -7.98
CA PRO A 362 26.90 17.42 -6.75
C PRO A 362 26.02 16.17 -6.80
N PHE A 363 24.95 16.19 -7.59
CA PHE A 363 24.07 15.02 -7.67
C PHE A 363 24.50 14.06 -8.78
N VAL A 364 25.60 14.37 -9.43
CA VAL A 364 26.12 13.51 -10.50
C VAL A 364 27.43 12.86 -10.05
N THR A 365 28.40 13.70 -9.68
CA THR A 365 29.72 13.29 -9.17
C THR A 365 30.56 12.52 -10.20
N SER A 366 31.84 12.37 -9.87
CA SER A 366 32.76 11.64 -10.73
C SER A 366 33.35 10.43 -10.00
N GLY A 367 32.69 10.01 -8.93
CA GLY A 367 33.22 8.91 -8.14
C GLY A 367 32.19 8.06 -7.42
N ILE A 368 32.66 6.95 -6.87
CA ILE A 368 31.85 6.09 -6.01
C ILE A 368 32.64 5.73 -4.77
N ARG A 369 31.95 5.69 -3.63
CA ARG A 369 32.58 5.29 -2.38
C ARG A 369 32.33 3.81 -2.16
N LEU A 370 33.42 3.08 -1.87
CA LEU A 370 33.35 1.64 -1.62
C LEU A 370 33.88 1.29 -0.24
N GLY A 371 33.25 0.32 0.42
CA GLY A 371 33.73 -0.15 1.71
C GLY A 371 33.63 -1.66 1.81
N SER A 372 34.53 -2.25 2.60
CA SER A 372 34.56 -3.68 2.80
C SER A 372 33.89 -4.27 4.07
N PRO A 373 33.45 -3.44 5.04
CA PRO A 373 32.91 -4.09 6.26
C PRO A 373 31.75 -5.07 6.06
N ALA A 374 30.76 -4.72 5.24
CA ALA A 374 29.60 -5.57 5.07
C ALA A 374 29.95 -6.90 4.43
N MET A 375 30.70 -6.84 3.33
CA MET A 375 31.03 -8.06 2.60
C MET A 375 31.99 -8.94 3.41
N THR A 376 32.84 -8.31 4.23
CA THR A 376 33.75 -9.09 5.06
C THR A 376 32.96 -9.82 6.13
N THR A 377 31.94 -9.15 6.66
CA THR A 377 31.09 -9.76 7.70
C THR A 377 30.39 -11.03 7.21
N ARG A 378 29.94 -11.02 5.96
CA ARG A 378 29.26 -12.20 5.41
C ARG A 378 30.24 -13.24 4.90
N GLY A 379 31.54 -13.00 5.10
CA GLY A 379 32.54 -14.03 4.90
C GLY A 379 33.48 -13.92 3.71
N PHE A 380 33.44 -12.80 3.00
CA PHE A 380 34.35 -12.62 1.85
C PHE A 380 35.79 -12.57 2.29
N GLY A 381 36.66 -13.24 1.54
CA GLY A 381 38.08 -13.17 1.76
C GLY A 381 38.76 -12.47 0.59
N PRO A 382 40.11 -12.48 0.58
CA PRO A 382 40.93 -11.82 -0.44
C PRO A 382 40.53 -12.20 -1.87
N ALA A 383 40.25 -13.48 -2.10
CA ALA A 383 39.86 -13.93 -3.43
C ALA A 383 38.51 -13.32 -3.86
N GLU A 384 37.56 -13.30 -2.95
CA GLU A 384 36.24 -12.73 -3.25
C GLU A 384 36.35 -11.22 -3.44
N ALA A 385 37.19 -10.59 -2.63
CA ALA A 385 37.40 -9.14 -2.74
C ALA A 385 37.95 -8.79 -4.11
N GLU A 386 38.85 -9.63 -4.63
CA GLU A 386 39.40 -9.42 -5.96
C GLU A 386 38.36 -9.67 -7.05
N GLN A 387 37.55 -10.71 -6.89
CA GLN A 387 36.48 -11.02 -7.83
CA GLN A 387 36.48 -11.01 -7.83
C GLN A 387 35.47 -9.86 -7.90
N VAL A 388 35.09 -9.35 -6.73
CA VAL A 388 34.17 -8.21 -6.66
C VAL A 388 34.76 -6.99 -7.37
N GLY A 389 36.06 -6.77 -7.19
CA GLY A 389 36.74 -5.69 -7.88
C GLY A 389 36.64 -5.82 -9.38
N ASN A 390 36.90 -7.02 -9.89
CA ASN A 390 36.82 -7.28 -11.32
C ASN A 390 35.38 -7.19 -11.83
N LEU A 391 34.43 -7.65 -11.02
CA LEU A 391 33.02 -7.55 -11.40
C LEU A 391 32.63 -6.08 -11.52
N ILE A 392 33.09 -5.27 -10.57
CA ILE A 392 32.82 -3.83 -10.60
C ILE A 392 33.40 -3.18 -11.85
N ALA A 393 34.66 -3.49 -12.14
CA ALA A 393 35.34 -2.93 -13.30
C ALA A 393 34.65 -3.31 -14.61
N ASP A 394 34.16 -4.56 -14.68
CA ASP A 394 33.45 -5.02 -15.86
C ASP A 394 32.24 -4.15 -16.16
N VAL A 395 31.48 -3.81 -15.11
CA VAL A 395 30.31 -2.96 -15.24
C VAL A 395 30.72 -1.53 -15.58
N LEU A 396 31.77 -1.05 -14.94
CA LEU A 396 32.23 0.31 -15.19
C LEU A 396 32.67 0.49 -16.65
N GLU A 397 33.21 -0.57 -17.24
CA GLU A 397 33.71 -0.49 -18.61
C GLU A 397 32.62 -0.72 -19.65
N ASN A 398 31.46 -1.21 -19.20
CA ASN A 398 30.34 -1.42 -20.12
C ASN A 398 29.01 -1.34 -19.40
N PRO A 399 28.68 -0.14 -18.88
CA PRO A 399 27.58 0.08 -17.92
C PRO A 399 26.20 -0.07 -18.54
N GLU A 400 26.13 0.03 -19.86
CA GLU A 400 24.85 0.03 -20.56
C GLU A 400 24.66 -1.25 -21.36
N ASP A 401 25.62 -2.16 -21.25
CA ASP A 401 25.55 -3.44 -21.96
C ASP A 401 24.76 -4.47 -21.18
N ALA A 402 23.62 -4.86 -21.74
CA ALA A 402 22.71 -5.79 -21.07
C ALA A 402 23.37 -7.12 -20.77
N ALA A 403 24.20 -7.58 -21.69
CA ALA A 403 24.89 -8.87 -21.52
C ALA A 403 25.89 -8.80 -20.37
N THR A 404 26.53 -7.65 -20.19
CA THR A 404 27.49 -7.46 -19.12
C THR A 404 26.79 -7.41 -17.76
N ILE A 405 25.69 -6.67 -17.68
CA ILE A 405 24.94 -6.57 -16.44
C ILE A 405 24.44 -7.93 -15.99
N GLU A 406 23.93 -8.73 -16.92
CA GLU A 406 23.41 -10.05 -16.59
C GLU A 406 24.50 -11.01 -16.12
N ARG A 407 25.63 -11.00 -16.82
CA ARG A 407 26.75 -11.88 -16.47
C ARG A 407 27.27 -11.57 -15.07
N VAL A 408 27.38 -10.28 -14.75
CA VAL A 408 27.85 -9.87 -13.43
C VAL A 408 26.81 -10.24 -12.38
N ARG A 409 25.53 -10.03 -12.67
CA ARG A 409 24.46 -10.37 -11.74
C ARG A 409 24.44 -11.85 -11.39
N ALA A 410 24.72 -12.70 -12.39
CA ALA A 410 24.73 -14.14 -12.21
C ALA A 410 25.89 -14.54 -11.29
N GLN A 411 27.02 -13.86 -11.44
CA GLN A 411 28.17 -14.14 -10.61
C GLN A 411 27.96 -13.62 -9.20
N VAL A 412 27.29 -12.49 -9.08
CA VAL A 412 26.92 -11.95 -7.76
C VAL A 412 25.99 -12.92 -7.06
N ALA A 413 25.04 -13.47 -7.81
CA ALA A 413 24.11 -14.44 -7.25
C ALA A 413 24.86 -15.67 -6.73
N GLU A 414 25.90 -16.07 -7.45
CA GLU A 414 26.73 -17.19 -7.02
C GLU A 414 27.44 -16.88 -5.70
N LEU A 415 27.88 -15.63 -5.55
CA LEU A 415 28.57 -15.19 -4.34
C LEU A 415 27.65 -15.07 -3.11
N THR A 416 26.46 -14.49 -3.31
CA THR A 416 25.55 -14.28 -2.19
C THR A 416 24.98 -15.60 -1.67
N LYS A 417 24.83 -16.57 -2.57
CA LYS A 417 24.40 -17.91 -2.18
C LYS A 417 25.47 -18.65 -1.41
N ARG A 418 26.73 -18.53 -1.82
CA ARG A 418 27.78 -19.25 -1.10
C ARG A 418 28.13 -18.55 0.21
N PHE A 419 27.90 -17.24 0.27
CA PHE A 419 28.17 -16.47 1.48
C PHE A 419 26.90 -15.78 2.03
N PRO A 420 25.99 -16.57 2.64
CA PRO A 420 24.77 -15.99 3.20
C PRO A 420 25.08 -15.07 4.37
N VAL A 421 24.26 -14.06 4.60
CA VAL A 421 24.49 -13.14 5.70
C VAL A 421 24.06 -13.79 7.00
N TYR A 422 22.83 -14.27 7.03
CA TYR A 422 22.30 -14.95 8.21
C TYR A 422 22.00 -16.41 7.90
N ARG A 423 22.62 -17.32 8.65
CA ARG A 423 22.40 -18.74 8.47
C ARG A 423 21.40 -19.26 9.51
N SER B 15 -33.38 9.19 -30.97
CA SER B 15 -32.47 8.90 -29.87
C SER B 15 -31.03 8.70 -30.35
N THR B 16 -30.35 9.78 -30.72
CA THR B 16 -28.94 9.73 -31.05
C THR B 16 -28.13 10.32 -29.90
N ILE B 17 -26.85 9.98 -29.82
CA ILE B 17 -26.01 10.47 -28.74
C ILE B 17 -25.92 12.00 -28.76
N ALA B 18 -25.82 12.56 -29.97
CA ALA B 18 -25.68 14.00 -30.14
C ALA B 18 -26.86 14.74 -29.53
N ASN B 19 -28.06 14.21 -29.74
CA ASN B 19 -29.28 14.83 -29.21
C ASN B 19 -29.46 14.58 -27.72
N VAL B 20 -29.21 13.35 -27.30
CA VAL B 20 -29.48 12.93 -25.92
C VAL B 20 -28.37 13.34 -24.96
N ASP B 21 -27.12 13.26 -25.40
CA ASP B 21 -26.00 13.54 -24.52
C ASP B 21 -24.88 14.21 -25.29
N PRO B 22 -24.99 15.54 -25.51
CA PRO B 22 -24.01 16.30 -26.28
C PRO B 22 -22.58 16.18 -25.74
N GLU B 23 -22.45 16.13 -24.41
CA GLU B 23 -21.14 16.03 -23.77
C GLU B 23 -20.45 14.72 -24.11
N ILE B 24 -21.18 13.61 -23.99
CA ILE B 24 -20.63 12.30 -24.32
C ILE B 24 -20.37 12.18 -25.82
N PHE B 25 -21.30 12.68 -26.64
CA PHE B 25 -21.13 12.67 -28.10
C PHE B 25 -19.86 13.40 -28.52
N ALA B 26 -19.63 14.58 -27.94
CA ALA B 26 -18.49 15.40 -28.29
C ALA B 26 -17.18 14.69 -27.93
N ALA B 27 -17.17 14.02 -26.78
CA ALA B 27 -16.00 13.28 -26.31
C ALA B 27 -15.72 12.09 -27.23
N ILE B 28 -16.77 11.39 -27.64
CA ILE B 28 -16.62 10.26 -28.54
C ILE B 28 -16.05 10.72 -29.89
N GLU B 29 -16.54 11.87 -30.37
CA GLU B 29 -16.04 12.45 -31.62
C GLU B 29 -14.55 12.81 -31.50
N GLN B 30 -14.16 13.32 -30.34
CA GLN B 30 -12.77 13.67 -30.11
C GLN B 30 -11.90 12.43 -30.04
N GLU B 31 -12.46 11.35 -29.50
CA GLU B 31 -11.72 10.09 -29.43
C GLU B 31 -11.59 9.47 -30.82
N ASN B 32 -12.63 9.63 -31.64
CA ASN B 32 -12.56 9.21 -33.05
C ASN B 32 -11.40 9.90 -33.75
N ARG B 33 -11.29 11.21 -33.55
CA ARG B 33 -10.27 12.01 -34.20
C ARG B 33 -8.88 11.70 -33.64
N ARG B 34 -8.80 11.42 -32.35
CA ARG B 34 -7.54 11.08 -31.71
C ARG B 34 -6.99 9.75 -32.26
N GLN B 35 -7.87 8.78 -32.48
CA GLN B 35 -7.45 7.51 -33.05
C GLN B 35 -6.92 7.74 -34.48
N GLU B 36 -7.48 8.70 -35.20
CA GLU B 36 -6.98 9.00 -36.54
C GLU B 36 -5.64 9.73 -36.50
N ASP B 37 -5.51 10.72 -35.62
CA ASP B 37 -4.38 11.65 -35.63
C ASP B 37 -3.13 11.17 -34.89
N HIS B 38 -3.18 9.96 -34.36
CA HIS B 38 -2.03 9.42 -33.65
C HIS B 38 -1.62 8.07 -34.22
N ILE B 39 -0.31 7.85 -34.31
CA ILE B 39 0.18 6.54 -34.69
C ILE B 39 0.26 5.67 -33.43
N GLU B 40 -0.60 4.65 -33.39
CA GLU B 40 -0.74 3.79 -32.23
C GLU B 40 0.20 2.59 -32.29
N LEU B 41 1.13 2.54 -31.34
CA LEU B 41 2.13 1.48 -31.29
C LEU B 41 2.02 0.69 -29.99
N ILE B 42 0.99 0.95 -29.20
CA ILE B 42 0.76 0.15 -28.01
C ILE B 42 0.38 -1.27 -28.47
N ALA B 43 1.16 -2.24 -28.02
CA ALA B 43 1.15 -3.58 -28.61
C ALA B 43 -0.16 -4.33 -28.39
N SER B 44 -0.94 -3.87 -27.42
CA SER B 44 -2.20 -4.51 -27.07
C SER B 44 -3.39 -3.86 -27.77
N GLU B 45 -3.15 -2.78 -28.53
CA GLU B 45 -4.23 -2.04 -29.15
C GLU B 45 -4.42 -2.44 -30.61
N ASN B 46 -5.64 -2.25 -31.09
CA ASN B 46 -5.99 -2.49 -32.48
C ASN B 46 -7.22 -1.67 -32.83
N TYR B 47 -7.62 -1.72 -34.08
CA TYR B 47 -8.85 -1.07 -34.49
C TYR B 47 -9.80 -2.13 -34.99
N THR B 48 -10.92 -2.33 -34.30
CA THR B 48 -11.85 -3.38 -34.69
C THR B 48 -12.80 -2.86 -35.77
N SER B 49 -13.40 -3.77 -36.52
CA SER B 49 -14.17 -3.40 -37.71
C SER B 49 -15.50 -2.74 -37.38
N PRO B 50 -16.04 -1.94 -38.33
CA PRO B 50 -17.38 -1.38 -38.17
C PRO B 50 -18.43 -2.46 -37.91
N ALA B 51 -18.28 -3.64 -38.52
CA ALA B 51 -19.23 -4.73 -38.30
C ALA B 51 -19.21 -5.23 -36.86
N VAL B 52 -18.01 -5.36 -36.29
CA VAL B 52 -17.88 -5.78 -34.90
C VAL B 52 -18.52 -4.77 -33.95
N MET B 53 -18.23 -3.49 -34.17
CA MET B 53 -18.77 -2.45 -33.33
C MET B 53 -20.30 -2.40 -33.47
N ALA B 54 -20.80 -2.63 -34.67
CA ALA B 54 -22.25 -2.61 -34.91
C ALA B 54 -22.93 -3.73 -34.15
N ALA B 55 -22.25 -4.87 -34.04
CA ALA B 55 -22.80 -6.02 -33.35
C ALA B 55 -22.93 -5.76 -31.85
N GLN B 56 -21.92 -5.14 -31.24
CA GLN B 56 -22.06 -4.89 -29.81
C GLN B 56 -22.85 -3.59 -29.56
N GLY B 57 -23.29 -2.96 -30.64
CA GLY B 57 -24.22 -1.84 -30.56
C GLY B 57 -25.66 -2.26 -30.84
N SER B 58 -25.91 -3.57 -30.80
CA SER B 58 -27.22 -4.12 -31.15
C SER B 58 -28.14 -4.27 -29.93
N GLN B 59 -29.37 -4.72 -30.20
CA GLN B 59 -30.38 -4.89 -29.14
C GLN B 59 -30.11 -6.13 -28.30
N LEU B 60 -29.06 -6.87 -28.63
CA LEU B 60 -28.74 -8.08 -27.87
C LEU B 60 -28.30 -7.73 -26.45
N THR B 61 -28.02 -6.45 -26.19
CA THR B 61 -27.72 -6.00 -24.84
C THR B 61 -28.98 -6.11 -23.95
N ASN B 62 -30.15 -6.26 -24.57
CA ASN B 62 -31.38 -6.36 -23.81
C ASN B 62 -31.69 -7.76 -23.28
N LYS B 63 -30.86 -8.75 -23.60
CA LYS B 63 -31.24 -10.13 -23.26
C LYS B 63 -30.47 -10.71 -22.08
N TYR B 64 -31.21 -11.21 -21.09
CA TYR B 64 -30.61 -12.01 -20.03
C TYR B 64 -30.57 -13.47 -20.47
N ALA B 65 -29.37 -14.03 -20.52
CA ALA B 65 -29.19 -15.39 -21.00
C ALA B 65 -28.24 -16.21 -20.12
N GLU B 66 -28.47 -16.18 -18.81
CA GLU B 66 -27.73 -17.01 -17.87
C GLU B 66 -27.77 -18.47 -18.32
N GLY B 67 -26.61 -19.13 -18.26
CA GLY B 67 -26.50 -20.51 -18.69
C GLY B 67 -25.77 -20.60 -20.00
N TYR B 68 -26.05 -21.67 -20.76
CA TYR B 68 -25.36 -21.94 -22.02
C TYR B 68 -26.37 -22.33 -23.10
N PRO B 69 -25.97 -22.27 -24.39
CA PRO B 69 -26.88 -22.62 -25.48
C PRO B 69 -27.61 -23.93 -25.27
N GLY B 70 -28.94 -23.88 -25.30
CA GLY B 70 -29.75 -25.08 -25.07
C GLY B 70 -29.87 -25.44 -23.61
N LYS B 71 -29.21 -24.66 -22.75
CA LYS B 71 -29.22 -24.90 -21.31
C LYS B 71 -29.36 -23.57 -20.55
N ARG B 72 -30.31 -22.73 -20.96
CA ARG B 72 -30.47 -21.42 -20.32
C ARG B 72 -31.41 -21.50 -19.12
N TYR B 73 -31.36 -20.51 -18.24
CA TYR B 73 -32.34 -20.40 -17.17
C TYR B 73 -33.66 -19.82 -17.70
N TYR B 74 -33.56 -18.84 -18.59
CA TYR B 74 -34.72 -18.14 -19.14
CA TYR B 74 -34.76 -18.19 -19.11
C TYR B 74 -35.13 -18.67 -20.51
N GLY B 75 -36.38 -18.45 -20.88
CA GLY B 75 -36.85 -18.79 -22.21
C GLY B 75 -36.51 -17.64 -23.14
N GLY B 76 -36.86 -17.79 -24.41
CA GLY B 76 -36.64 -16.73 -25.38
C GLY B 76 -35.21 -16.54 -25.82
N CYS B 77 -34.37 -17.56 -25.59
CA CYS B 77 -32.97 -17.47 -25.94
C CYS B 77 -32.64 -18.14 -27.27
N GLU B 78 -33.66 -18.42 -28.06
CA GLU B 78 -33.48 -19.13 -29.33
CA GLU B 78 -33.47 -19.14 -29.33
C GLU B 78 -32.42 -18.48 -30.21
N TYR B 79 -32.47 -17.17 -30.33
CA TYR B 79 -31.60 -16.46 -31.26
C TYR B 79 -30.25 -16.07 -30.67
N VAL B 80 -30.18 -15.82 -29.37
CA VAL B 80 -28.87 -15.59 -28.77
C VAL B 80 -28.09 -16.90 -28.66
N ASP B 81 -28.82 -18.02 -28.63
CA ASP B 81 -28.21 -19.35 -28.62
C ASP B 81 -27.47 -19.61 -29.94
N VAL B 82 -28.09 -19.21 -31.05
CA VAL B 82 -27.45 -19.31 -32.37
C VAL B 82 -26.18 -18.47 -32.38
N VAL B 83 -26.29 -17.27 -31.81
CA VAL B 83 -25.16 -16.33 -31.73
C VAL B 83 -23.98 -16.90 -30.95
N GLU B 84 -24.25 -17.38 -29.73
CA GLU B 84 -23.17 -17.90 -28.89
C GLU B 84 -22.57 -19.18 -29.46
N GLN B 85 -23.40 -20.06 -30.03
CA GLN B 85 -22.90 -21.32 -30.57
C GLN B 85 -22.04 -21.08 -31.81
N LEU B 86 -22.40 -20.08 -32.62
CA LEU B 86 -21.56 -19.66 -33.74
C LEU B 86 -20.21 -19.18 -33.21
N ALA B 87 -20.24 -18.42 -32.13
CA ALA B 87 -19.00 -17.93 -31.52
C ALA B 87 -18.14 -19.09 -31.04
N ILE B 88 -18.76 -20.05 -30.37
CA ILE B 88 -18.06 -21.24 -29.88
C ILE B 88 -17.46 -22.07 -31.02
N ASP B 89 -18.28 -22.39 -32.02
CA ASP B 89 -17.82 -23.23 -33.13
C ASP B 89 -16.69 -22.57 -33.91
N ARG B 90 -16.81 -21.27 -34.16
CA ARG B 90 -15.79 -20.55 -34.92
C ARG B 90 -14.48 -20.41 -34.16
N VAL B 91 -14.53 -20.15 -32.87
CA VAL B 91 -13.27 -19.97 -32.16
C VAL B 91 -12.61 -21.33 -31.95
N LYS B 92 -13.42 -22.39 -31.88
CA LYS B 92 -12.89 -23.74 -31.83
C LYS B 92 -12.19 -24.09 -33.14
N GLN B 93 -12.78 -23.66 -34.25
CA GLN B 93 -12.21 -23.92 -35.57
C GLN B 93 -10.94 -23.11 -35.77
N LEU B 94 -10.93 -21.87 -35.27
CA LEU B 94 -9.79 -20.97 -35.41
C LEU B 94 -8.51 -21.52 -34.79
N PHE B 95 -8.64 -22.15 -33.63
CA PHE B 95 -7.47 -22.60 -32.88
C PHE B 95 -7.39 -24.11 -32.72
N GLY B 96 -8.36 -24.82 -33.30
CA GLY B 96 -8.39 -26.27 -33.21
C GLY B 96 -8.61 -26.76 -31.78
N ALA B 97 -9.40 -26.03 -31.01
CA ALA B 97 -9.64 -26.36 -29.62
C ALA B 97 -10.76 -27.40 -29.48
N GLU B 98 -10.66 -28.23 -28.44
CA GLU B 98 -11.66 -29.27 -28.20
C GLU B 98 -12.96 -28.70 -27.64
N ALA B 99 -12.87 -27.60 -26.92
CA ALA B 99 -14.04 -26.96 -26.34
C ALA B 99 -13.76 -25.47 -26.11
N ALA B 100 -14.81 -24.68 -25.91
CA ALA B 100 -14.62 -23.25 -25.72
C ALA B 100 -15.74 -22.62 -24.89
N ASN B 101 -15.38 -21.55 -24.19
CA ASN B 101 -16.33 -20.70 -23.48
C ASN B 101 -16.13 -19.27 -23.96
N VAL B 102 -17.17 -18.67 -24.53
CA VAL B 102 -17.03 -17.34 -25.12
C VAL B 102 -17.69 -16.25 -24.26
N GLN B 103 -18.09 -16.61 -23.04
CA GLN B 103 -18.72 -15.64 -22.15
C GLN B 103 -17.82 -14.73 -21.28
N PRO B 104 -16.51 -15.04 -21.07
CA PRO B 104 -15.74 -14.17 -20.17
C PRO B 104 -15.79 -12.70 -20.57
N ASN B 105 -16.06 -11.84 -19.60
CA ASN B 105 -16.20 -10.40 -19.81
C ASN B 105 -14.91 -9.72 -20.21
N SER B 106 -13.79 -10.38 -19.94
CA SER B 106 -12.47 -9.82 -20.22
C SER B 106 -11.44 -10.92 -20.21
N GLY B 107 -10.20 -10.57 -20.56
CA GLY B 107 -9.10 -11.51 -20.44
C GLY B 107 -8.88 -11.85 -18.97
N SER B 108 -9.07 -10.86 -18.10
CA SER B 108 -8.89 -11.07 -16.67
C SER B 108 -9.89 -12.09 -16.14
N GLN B 109 -11.15 -11.96 -16.55
CA GLN B 109 -12.18 -12.92 -16.13
C GLN B 109 -11.99 -14.30 -16.73
N ALA B 110 -11.43 -14.37 -17.95
CA ALA B 110 -11.13 -15.67 -18.55
C ALA B 110 -10.10 -16.39 -17.68
N ASN B 111 -9.07 -15.65 -17.27
CA ASN B 111 -8.04 -16.21 -16.40
C ASN B 111 -8.60 -16.58 -15.02
N GLN B 112 -9.47 -15.72 -14.48
CA GLN B 112 -10.08 -16.00 -13.18
C GLN B 112 -10.98 -17.24 -13.27
N GLY B 113 -11.59 -17.45 -14.43
CA GLY B 113 -12.43 -18.61 -14.64
C GLY B 113 -11.67 -19.91 -14.51
N VAL B 114 -10.50 -19.96 -15.14
CA VAL B 114 -9.65 -21.14 -15.05
C VAL B 114 -9.21 -21.35 -13.60
N PHE B 115 -8.81 -20.28 -12.92
CA PHE B 115 -8.37 -20.39 -11.53
C PHE B 115 -9.49 -20.91 -10.64
N PHE B 116 -10.69 -20.37 -10.81
CA PHE B 116 -11.82 -20.75 -9.99
C PHE B 116 -12.20 -22.20 -10.26
N ALA B 117 -12.00 -22.64 -11.51
CA ALA B 117 -12.36 -24.00 -11.90
C ALA B 117 -11.43 -25.05 -11.30
N MET B 118 -10.14 -24.75 -11.28
CA MET B 118 -9.13 -25.77 -11.00
C MET B 118 -8.39 -25.60 -9.68
N LEU B 119 -8.52 -24.43 -9.07
CA LEU B 119 -7.71 -24.11 -7.90
C LEU B 119 -8.55 -23.80 -6.66
N LYS B 120 -7.88 -23.83 -5.51
CA LYS B 120 -8.45 -23.32 -4.27
C LYS B 120 -7.53 -22.23 -3.76
N PRO B 121 -8.08 -21.23 -3.05
CA PRO B 121 -7.26 -20.17 -2.47
C PRO B 121 -6.11 -20.72 -1.64
N GLY B 122 -4.89 -20.25 -1.89
CA GLY B 122 -3.73 -20.72 -1.15
C GLY B 122 -2.89 -21.68 -1.96
N ASP B 123 -3.44 -22.13 -3.09
CA ASP B 123 -2.71 -23.05 -3.96
C ASP B 123 -1.51 -22.36 -4.57
N THR B 124 -0.49 -23.15 -4.89
CA THR B 124 0.72 -22.61 -5.49
C THR B 124 0.63 -22.63 -7.01
N ILE B 125 0.94 -21.51 -7.63
CA ILE B 125 0.98 -21.43 -9.09
C ILE B 125 2.33 -20.91 -9.56
N MET B 126 2.62 -21.17 -10.82
CA MET B 126 3.80 -20.60 -11.47
C MET B 126 3.36 -19.71 -12.61
N GLY B 127 4.01 -18.56 -12.75
CA GLY B 127 3.69 -17.65 -13.83
C GLY B 127 4.91 -16.83 -14.18
N MET B 128 4.90 -16.25 -15.38
CA MET B 128 6.01 -15.40 -15.78
C MET B 128 6.00 -14.13 -14.94
N SER B 129 7.17 -13.76 -14.41
CA SER B 129 7.25 -12.59 -13.56
C SER B 129 6.86 -11.34 -14.32
N LEU B 130 6.27 -10.39 -13.60
CA LEU B 130 5.87 -9.11 -14.17
C LEU B 130 7.10 -8.34 -14.66
N ALA B 131 8.22 -8.50 -13.96
CA ALA B 131 9.43 -7.77 -14.29
C ALA B 131 10.02 -8.23 -15.63
N HIS B 132 9.70 -9.45 -16.04
CA HIS B 132 10.26 -9.97 -17.29
C HIS B 132 9.21 -10.16 -18.39
N GLY B 133 8.04 -9.55 -18.22
CA GLY B 133 7.06 -9.53 -19.30
C GLY B 133 5.73 -10.22 -19.04
N GLY B 134 5.57 -10.79 -17.84
CA GLY B 134 4.33 -11.43 -17.46
C GLY B 134 3.21 -10.43 -17.25
N HIS B 135 1.97 -10.93 -17.13
CA HIS B 135 0.82 -10.06 -16.93
C HIS B 135 0.36 -10.04 -15.47
N LEU B 136 -0.40 -9.00 -15.10
CA LEU B 136 -0.95 -8.86 -13.75
C LEU B 136 -1.66 -10.11 -13.25
N THR B 137 -2.41 -10.75 -14.13
CA THR B 137 -3.21 -11.92 -13.76
C THR B 137 -2.39 -13.19 -13.70
N HIS B 138 -1.07 -13.06 -13.85
CA HIS B 138 -0.18 -14.22 -13.81
C HIS B 138 0.54 -14.29 -12.47
N GLY B 139 0.06 -13.53 -11.49
CA GLY B 139 0.58 -13.64 -10.13
C GLY B 139 1.00 -12.36 -9.43
N SER B 140 0.57 -11.21 -9.93
CA SER B 140 0.87 -9.95 -9.26
C SER B 140 0.28 -9.94 -7.86
N PRO B 141 1.07 -9.50 -6.86
CA PRO B 141 0.60 -9.51 -5.47
C PRO B 141 -0.59 -8.58 -5.22
N VAL B 142 -0.81 -7.59 -6.07
CA VAL B 142 -1.94 -6.66 -5.94
C VAL B 142 -3.10 -7.07 -6.84
N ASN B 143 -2.90 -8.15 -7.59
CA ASN B 143 -3.96 -8.76 -8.38
C ASN B 143 -4.47 -9.96 -7.60
N MET B 144 -5.68 -10.42 -7.92
CA MET B 144 -6.24 -11.57 -7.24
C MET B 144 -5.34 -12.80 -7.37
N SER B 145 -4.72 -12.95 -8.53
CA SER B 145 -3.91 -14.13 -8.83
C SER B 145 -2.73 -14.28 -7.88
N GLY B 146 -2.22 -13.16 -7.37
CA GLY B 146 -1.06 -13.22 -6.49
C GLY B 146 -1.40 -12.97 -5.03
N LYS B 147 -2.55 -12.36 -4.77
CA LYS B 147 -2.92 -12.05 -3.40
C LYS B 147 -3.64 -13.22 -2.74
N TRP B 148 -4.40 -13.98 -3.53
CA TRP B 148 -5.14 -15.11 -2.98
C TRP B 148 -4.49 -16.45 -3.30
N PHE B 149 -3.31 -16.41 -3.93
CA PHE B 149 -2.60 -17.63 -4.26
C PHE B 149 -1.11 -17.47 -3.98
N ASN B 150 -0.42 -18.58 -3.76
CA ASN B 150 1.03 -18.56 -3.58
C ASN B 150 1.74 -18.62 -4.93
N VAL B 151 2.48 -17.57 -5.27
CA VAL B 151 3.06 -17.47 -6.61
C VAL B 151 4.57 -17.70 -6.63
N VAL B 152 5.00 -18.62 -7.48
CA VAL B 152 6.42 -18.81 -7.78
C VAL B 152 6.65 -18.39 -9.22
N SER B 153 7.44 -17.34 -9.42
CA SER B 153 7.63 -16.76 -10.75
CA SER B 153 7.61 -16.77 -10.75
C SER B 153 8.89 -17.26 -11.44
N TYR B 154 8.84 -17.32 -12.76
CA TYR B 154 10.02 -17.65 -13.55
C TYR B 154 10.22 -16.53 -14.57
N GLY B 155 11.45 -16.40 -15.07
CA GLY B 155 11.76 -15.31 -15.98
C GLY B 155 12.64 -15.70 -17.15
N LEU B 156 13.49 -14.76 -17.58
CA LEU B 156 14.34 -14.95 -18.76
C LEU B 156 15.76 -15.38 -18.38
N ASN B 157 16.48 -15.94 -19.35
CA ASN B 157 17.89 -16.29 -19.15
C ASN B 157 18.83 -15.19 -19.66
N GLU B 158 20.10 -15.55 -19.82
CA GLU B 158 21.13 -14.61 -20.27
C GLU B 158 20.85 -14.12 -21.70
N ASN B 159 20.20 -14.95 -22.50
CA ASN B 159 19.86 -14.59 -23.87
C ASN B 159 18.53 -13.83 -23.93
N GLU B 160 17.96 -13.56 -22.76
CA GLU B 160 16.65 -12.90 -22.65
C GLU B 160 15.58 -13.69 -23.38
N ASP B 161 15.74 -15.02 -23.34
CA ASP B 161 14.73 -15.96 -23.79
C ASP B 161 14.15 -16.59 -22.53
N ILE B 162 13.00 -17.24 -22.62
CA ILE B 162 12.43 -17.90 -21.45
C ILE B 162 13.40 -18.94 -20.89
N ASP B 163 13.65 -18.86 -19.58
CA ASP B 163 14.56 -19.79 -18.91
C ASP B 163 13.83 -21.07 -18.54
N TYR B 164 13.70 -21.98 -19.50
CA TYR B 164 12.92 -23.20 -19.30
C TYR B 164 13.56 -24.12 -18.26
N ASP B 165 14.88 -24.12 -18.19
CA ASP B 165 15.57 -24.95 -17.21
C ASP B 165 15.25 -24.47 -15.79
N ALA B 166 15.34 -23.16 -15.57
CA ALA B 166 15.06 -22.60 -14.25
C ALA B 166 13.59 -22.79 -13.87
N ALA B 167 12.71 -22.74 -14.88
CA ALA B 167 11.30 -22.96 -14.65
C ALA B 167 11.06 -24.40 -14.23
N GLU B 168 11.78 -25.33 -14.87
CA GLU B 168 11.63 -26.74 -14.56
C GLU B 168 12.14 -27.03 -13.15
N LYS B 169 13.22 -26.37 -12.76
CA LYS B 169 13.78 -26.54 -11.43
C LYS B 169 12.82 -25.99 -10.39
N LEU B 170 12.23 -24.83 -10.68
CA LEU B 170 11.26 -24.23 -9.79
C LEU B 170 10.01 -25.10 -9.66
N ALA B 171 9.62 -25.71 -10.77
CA ALA B 171 8.43 -26.56 -10.79
C ALA B 171 8.61 -27.80 -9.92
N ASN B 172 9.78 -28.42 -9.98
CA ASN B 172 10.04 -29.60 -9.16
C ASN B 172 10.16 -29.26 -7.68
N GLU B 173 10.62 -28.06 -7.39
CA GLU B 173 10.81 -27.62 -6.00
C GLU B 173 9.50 -27.25 -5.30
N HIS B 174 8.68 -26.45 -5.97
CA HIS B 174 7.49 -25.88 -5.32
C HIS B 174 6.20 -26.62 -5.64
N LYS B 175 6.25 -27.53 -6.61
CA LYS B 175 5.11 -28.34 -7.00
C LYS B 175 3.84 -27.51 -7.23
N PRO B 176 3.85 -26.64 -8.24
CA PRO B 176 2.67 -25.80 -8.47
C PRO B 176 1.49 -26.65 -8.93
N LYS B 177 0.26 -26.25 -8.59
CA LYS B 177 -0.90 -26.97 -9.06
C LYS B 177 -1.14 -26.61 -10.52
N LEU B 178 -0.71 -25.41 -10.88
CA LEU B 178 -0.96 -24.88 -12.21
C LEU B 178 0.18 -23.98 -12.63
N ILE B 179 0.60 -24.13 -13.89
CA ILE B 179 1.64 -23.30 -14.45
C ILE B 179 1.04 -22.42 -15.54
N VAL B 180 1.27 -21.10 -15.41
CA VAL B 180 0.83 -20.15 -16.42
C VAL B 180 1.97 -19.82 -17.38
N ALA B 181 1.66 -19.82 -18.67
CA ALA B 181 2.60 -19.36 -19.68
C ALA B 181 1.91 -18.28 -20.50
N GLY B 182 2.70 -17.49 -21.22
CA GLY B 182 2.19 -16.36 -21.96
C GLY B 182 2.76 -15.09 -21.36
N ALA B 183 2.63 -13.99 -22.08
CA ALA B 183 3.25 -12.74 -21.65
C ALA B 183 2.56 -11.53 -22.25
N SER B 184 2.82 -10.37 -21.66
CA SER B 184 2.29 -9.12 -22.16
C SER B 184 3.35 -8.37 -22.95
N ALA B 185 4.61 -8.73 -22.70
CA ALA B 185 5.73 -8.10 -23.37
C ALA B 185 6.87 -9.08 -23.58
N PHE B 186 6.69 -10.01 -24.51
CA PHE B 186 7.73 -10.96 -24.89
C PHE B 186 7.69 -11.17 -26.40
N ALA B 187 8.83 -10.98 -27.06
CA ALA B 187 8.85 -10.91 -28.52
C ALA B 187 9.04 -12.26 -29.20
N LEU B 188 9.58 -13.24 -28.48
CA LEU B 188 9.93 -14.51 -29.12
C LEU B 188 8.82 -15.55 -29.10
N LYS B 189 9.01 -16.58 -29.92
CA LYS B 189 8.16 -17.77 -29.88
C LYS B 189 8.35 -18.48 -28.55
N ILE B 190 7.23 -18.82 -27.91
CA ILE B 190 7.24 -19.54 -26.65
C ILE B 190 7.13 -21.04 -26.94
N ASP B 191 7.99 -21.83 -26.31
CA ASP B 191 7.99 -23.28 -26.51
C ASP B 191 6.92 -23.93 -25.64
N PHE B 192 5.70 -23.98 -26.15
CA PHE B 192 4.59 -24.51 -25.38
C PHE B 192 4.73 -26.01 -25.13
N GLU B 193 5.31 -26.72 -26.09
CA GLU B 193 5.49 -28.16 -25.93
C GLU B 193 6.40 -28.49 -24.75
N ARG B 194 7.47 -27.71 -24.60
CA ARG B 194 8.42 -27.89 -23.49
CA ARG B 194 8.40 -27.90 -23.49
C ARG B 194 7.76 -27.56 -22.15
N LEU B 195 6.93 -26.51 -22.15
CA LEU B 195 6.24 -26.12 -20.92
C LEU B 195 5.22 -27.19 -20.53
N ALA B 196 4.60 -27.80 -21.54
CA ALA B 196 3.65 -28.88 -21.29
C ALA B 196 4.34 -30.08 -20.66
N LYS B 197 5.56 -30.37 -21.10
CA LYS B 197 6.33 -31.47 -20.54
C LYS B 197 6.71 -31.19 -19.09
N ILE B 198 7.12 -29.94 -18.83
CA ILE B 198 7.48 -29.52 -17.47
C ILE B 198 6.29 -29.65 -16.53
N ALA B 199 5.14 -29.16 -16.97
CA ALA B 199 3.92 -29.22 -16.16
C ALA B 199 3.50 -30.67 -15.90
N LYS B 200 3.59 -31.50 -16.93
CA LYS B 200 3.19 -32.90 -16.82
C LYS B 200 4.11 -33.67 -15.88
N SER B 201 5.39 -33.30 -15.85
CA SER B 201 6.37 -34.00 -15.03
C SER B 201 6.10 -33.83 -13.54
N VAL B 202 5.41 -32.74 -13.18
CA VAL B 202 5.10 -32.47 -11.78
C VAL B 202 3.60 -32.52 -11.50
N GLY B 203 2.84 -33.00 -12.47
CA GLY B 203 1.40 -33.13 -12.31
C GLY B 203 0.65 -31.82 -12.17
N ALA B 204 1.14 -30.78 -12.84
CA ALA B 204 0.48 -29.49 -12.82
C ALA B 204 -0.29 -29.25 -14.10
N TYR B 205 -1.34 -28.45 -14.03
CA TYR B 205 -2.05 -28.04 -15.23
C TYR B 205 -1.19 -27.01 -15.97
N LEU B 206 -1.32 -26.97 -17.28
CA LEU B 206 -0.71 -25.90 -18.06
C LEU B 206 -1.78 -24.99 -18.66
N MET B 207 -1.76 -23.74 -18.23
CA MET B 207 -2.62 -22.70 -18.79
C MET B 207 -1.78 -21.70 -19.57
N VAL B 208 -2.09 -21.53 -20.85
CA VAL B 208 -1.42 -20.50 -21.63
C VAL B 208 -2.35 -19.33 -21.90
N ASP B 209 -1.89 -18.14 -21.52
CA ASP B 209 -2.58 -16.90 -21.81
C ASP B 209 -1.99 -16.33 -23.11
N MET B 210 -2.68 -16.56 -24.22
CA MET B 210 -2.16 -16.17 -25.53
C MET B 210 -2.72 -14.85 -26.03
N ALA B 211 -3.28 -14.06 -25.13
CA ALA B 211 -4.00 -12.82 -25.49
C ALA B 211 -3.24 -11.98 -26.54
N HIS B 212 -1.96 -11.74 -26.31
CA HIS B 212 -1.20 -10.90 -27.22
C HIS B 212 -0.96 -11.54 -28.59
N TYR B 213 -0.84 -12.87 -28.62
CA TYR B 213 -0.44 -13.58 -29.82
C TYR B 213 -1.61 -14.21 -30.59
N ALA B 214 -2.80 -14.14 -30.02
CA ALA B 214 -3.96 -14.88 -30.51
C ALA B 214 -4.24 -14.70 -32.00
N GLY B 215 -4.14 -13.47 -32.49
CA GLY B 215 -4.38 -13.19 -33.90
C GLY B 215 -3.34 -13.85 -34.78
N LEU B 216 -2.09 -13.80 -34.34
CA LEU B 216 -0.99 -14.39 -35.09
C LEU B 216 -1.12 -15.91 -35.13
N ILE B 217 -1.56 -16.47 -34.01
CA ILE B 217 -1.74 -17.91 -33.89
C ILE B 217 -2.83 -18.40 -34.84
N ALA B 218 -3.93 -17.67 -34.90
CA ALA B 218 -5.04 -18.04 -35.78
C ALA B 218 -4.59 -18.05 -37.24
N ALA B 219 -3.69 -17.15 -37.60
CA ALA B 219 -3.20 -17.06 -38.98
C ALA B 219 -2.02 -17.99 -39.23
N GLY B 220 -1.54 -18.64 -38.17
CA GLY B 220 -0.46 -19.60 -38.29
C GLY B 220 0.93 -19.01 -38.44
N VAL B 221 1.11 -17.78 -37.97
CA VAL B 221 2.43 -17.14 -38.03
C VAL B 221 3.03 -17.03 -36.62
N TYR B 222 2.45 -17.78 -35.69
CA TYR B 222 2.96 -17.90 -34.32
C TYR B 222 2.50 -19.25 -33.78
N PRO B 223 3.38 -19.97 -33.06
CA PRO B 223 3.06 -21.31 -32.56
C PRO B 223 1.76 -21.38 -31.74
N ASN B 224 0.99 -22.44 -31.99
CA ASN B 224 -0.29 -22.66 -31.33
C ASN B 224 -0.15 -23.46 -30.04
N PRO B 225 -0.57 -22.88 -28.90
CA PRO B 225 -0.46 -23.59 -27.62
C PRO B 225 -1.53 -24.65 -27.38
N VAL B 226 -2.61 -24.60 -28.14
CA VAL B 226 -3.78 -25.45 -27.90
C VAL B 226 -3.49 -26.96 -27.90
N PRO B 227 -2.68 -27.47 -28.84
CA PRO B 227 -2.41 -28.90 -28.75
C PRO B 227 -1.63 -29.32 -27.50
N HIS B 228 -1.03 -28.36 -26.80
CA HIS B 228 -0.13 -28.68 -25.71
C HIS B 228 -0.68 -28.32 -24.34
N ALA B 229 -1.62 -27.40 -24.29
CA ALA B 229 -2.12 -26.89 -23.02
C ALA B 229 -3.47 -27.47 -22.61
N ASP B 230 -3.68 -27.56 -21.30
CA ASP B 230 -4.99 -27.93 -20.76
C ASP B 230 -5.98 -26.81 -20.95
N PHE B 231 -5.51 -25.58 -20.75
CA PHE B 231 -6.34 -24.38 -20.90
C PHE B 231 -5.61 -23.31 -21.68
N VAL B 232 -6.32 -22.66 -22.58
CA VAL B 232 -5.78 -21.51 -23.28
C VAL B 232 -6.76 -20.35 -23.17
N THR B 233 -6.32 -19.29 -22.49
CA THR B 233 -7.15 -18.10 -22.37
C THR B 233 -6.68 -17.02 -23.32
N THR B 234 -7.57 -16.10 -23.64
CA THR B 234 -7.25 -14.99 -24.53
C THR B 234 -8.24 -13.86 -24.41
N THR B 235 -7.80 -12.67 -24.82
CA THR B 235 -8.71 -11.57 -25.08
C THR B 235 -9.19 -11.73 -26.52
N THR B 236 -10.34 -11.13 -26.85
CA THR B 236 -10.81 -11.16 -28.22
C THR B 236 -10.38 -9.89 -28.94
N HIS B 237 -9.99 -8.88 -28.17
CA HIS B 237 -9.36 -7.70 -28.75
C HIS B 237 -7.86 -7.99 -28.94
N LYS B 238 -7.04 -6.94 -29.05
CA LYS B 238 -5.61 -7.07 -29.38
C LYS B 238 -5.41 -7.65 -30.79
N SER B 239 -4.42 -8.53 -30.97
CA SER B 239 -4.06 -8.99 -32.32
C SER B 239 -5.18 -9.77 -32.99
N LEU B 240 -6.11 -10.30 -32.20
CA LEU B 240 -7.27 -11.00 -32.75
C LEU B 240 -8.25 -10.02 -33.39
N ARG B 241 -8.11 -8.74 -33.03
CA ARG B 241 -8.83 -7.62 -33.64
C ARG B 241 -10.36 -7.70 -33.46
N GLY B 242 -10.81 -8.26 -32.35
CA GLY B 242 -12.23 -8.35 -32.09
C GLY B 242 -12.69 -7.33 -31.06
N PRO B 243 -13.88 -7.55 -30.48
CA PRO B 243 -14.39 -6.65 -29.45
C PRO B 243 -13.65 -6.89 -28.14
N ARG B 244 -13.85 -6.02 -27.17
CA ARG B 244 -13.20 -6.18 -25.87
CA ARG B 244 -13.21 -6.18 -25.86
C ARG B 244 -13.89 -7.27 -25.05
N GLY B 245 -13.15 -8.33 -24.75
CA GLY B 245 -13.71 -9.44 -24.00
C GLY B 245 -12.76 -10.60 -23.89
N GLY B 246 -13.24 -11.72 -23.35
CA GLY B 246 -12.39 -12.88 -23.15
C GLY B 246 -12.96 -14.20 -23.65
N VAL B 247 -12.09 -15.19 -23.75
CA VAL B 247 -12.46 -16.53 -24.16
C VAL B 247 -11.62 -17.55 -23.41
N ILE B 248 -12.21 -18.67 -23.04
CA ILE B 248 -11.45 -19.81 -22.55
C ILE B 248 -11.53 -20.95 -23.56
N LEU B 249 -10.37 -21.46 -23.95
CA LEU B 249 -10.30 -22.69 -24.72
C LEU B 249 -9.83 -23.79 -23.77
N MET B 250 -10.46 -24.96 -23.82
CA MET B 250 -10.06 -26.05 -22.94
C MET B 250 -10.18 -27.41 -23.60
N LYS B 251 -9.41 -28.37 -23.11
CA LYS B 251 -9.52 -29.74 -23.54
C LYS B 251 -10.88 -30.28 -23.11
N ALA B 252 -11.37 -31.29 -23.81
CA ALA B 252 -12.72 -31.78 -23.60
C ALA B 252 -12.97 -32.21 -22.16
N GLU B 253 -11.95 -32.77 -21.51
CA GLU B 253 -12.12 -33.29 -20.15
C GLU B 253 -12.35 -32.20 -19.11
N TYR B 254 -12.07 -30.95 -19.48
CA TYR B 254 -12.24 -29.84 -18.55
C TYR B 254 -13.41 -28.94 -18.92
N GLU B 255 -14.26 -29.40 -19.83
CA GLU B 255 -15.39 -28.59 -20.31
C GLU B 255 -16.38 -28.30 -19.19
N LYS B 256 -16.73 -29.34 -18.43
CA LYS B 256 -17.70 -29.18 -17.36
C LYS B 256 -17.22 -28.22 -16.25
N PRO B 257 -16.00 -28.42 -15.72
CA PRO B 257 -15.59 -27.48 -14.67
C PRO B 257 -15.37 -26.04 -15.17
N ILE B 258 -14.91 -25.87 -16.41
CA ILE B 258 -14.71 -24.53 -16.95
C ILE B 258 -16.05 -23.79 -17.12
N ASN B 259 -17.02 -24.43 -17.74
CA ASN B 259 -18.33 -23.79 -17.95
C ASN B 259 -19.01 -23.42 -16.63
N SER B 260 -18.91 -24.30 -15.64
CA SER B 260 -19.49 -24.06 -14.33
C SER B 260 -18.79 -22.91 -13.60
N ALA B 261 -17.49 -22.76 -13.84
CA ALA B 261 -16.73 -21.71 -13.17
C ALA B 261 -17.09 -20.33 -13.72
N ILE B 262 -17.31 -20.25 -15.03
CA ILE B 262 -17.75 -18.98 -15.62
C ILE B 262 -19.16 -18.65 -15.18
N PHE B 263 -20.05 -19.63 -15.24
CA PHE B 263 -21.40 -19.47 -14.70
C PHE B 263 -21.89 -20.79 -14.14
N PRO B 264 -22.40 -20.78 -12.89
CA PRO B 264 -22.64 -19.61 -12.05
C PRO B 264 -21.47 -19.23 -11.13
N GLY B 265 -20.25 -19.64 -11.48
CA GLY B 265 -19.10 -19.41 -10.63
C GLY B 265 -18.70 -17.96 -10.41
N ILE B 266 -18.33 -17.25 -11.48
CA ILE B 266 -17.79 -15.90 -11.32
C ILE B 266 -18.49 -14.84 -12.18
N GLN B 267 -19.42 -15.26 -13.02
CA GLN B 267 -20.20 -14.32 -13.81
C GLN B 267 -21.69 -14.62 -13.71
N GLY B 268 -22.50 -13.71 -14.24
CA GLY B 268 -23.94 -13.94 -14.29
C GLY B 268 -24.34 -13.95 -15.76
N GLY B 269 -25.23 -13.04 -16.14
CA GLY B 269 -25.65 -12.92 -17.53
C GLY B 269 -24.51 -12.52 -18.45
N PRO B 270 -24.28 -13.30 -19.51
CA PRO B 270 -23.23 -12.94 -20.47
C PRO B 270 -23.64 -11.73 -21.31
N LEU B 271 -22.65 -11.02 -21.86
CA LEU B 271 -22.93 -9.90 -22.74
C LEU B 271 -23.21 -10.42 -24.15
N MET B 272 -24.49 -10.65 -24.46
CA MET B 272 -24.82 -11.31 -25.72
C MET B 272 -24.48 -10.48 -26.94
N HIS B 273 -24.49 -9.15 -26.81
CA HIS B 273 -24.14 -8.27 -27.90
C HIS B 273 -22.63 -8.32 -28.16
N VAL B 274 -21.85 -8.46 -27.10
CA VAL B 274 -20.40 -8.59 -27.26
C VAL B 274 -20.07 -9.94 -27.84
N ILE B 275 -20.83 -10.96 -27.42
CA ILE B 275 -20.64 -12.31 -27.96
C ILE B 275 -20.96 -12.35 -29.45
N ALA B 276 -21.98 -11.61 -29.88
CA ALA B 276 -22.25 -11.46 -31.30
C ALA B 276 -21.07 -10.79 -32.00
N ALA B 277 -20.51 -9.77 -31.37
CA ALA B 277 -19.36 -9.07 -31.92
C ALA B 277 -18.14 -10.00 -31.98
N LYS B 278 -18.03 -10.88 -30.99
CA LYS B 278 -16.97 -11.90 -30.98
C LYS B 278 -17.15 -12.85 -32.16
N ALA B 279 -18.38 -13.27 -32.41
CA ALA B 279 -18.66 -14.18 -33.52
C ALA B 279 -18.27 -13.54 -34.85
N VAL B 280 -18.57 -12.26 -35.01
CA VAL B 280 -18.21 -11.54 -36.24
C VAL B 280 -16.69 -11.46 -36.41
N ALA B 281 -15.99 -11.17 -35.32
CA ALA B 281 -14.53 -11.09 -35.36
C ALA B 281 -13.92 -12.45 -35.69
N PHE B 282 -14.53 -13.52 -35.20
CA PHE B 282 -14.03 -14.87 -35.49
C PHE B 282 -14.23 -15.21 -36.97
N LYS B 283 -15.36 -14.76 -37.52
CA LYS B 283 -15.64 -14.93 -38.94
C LYS B 283 -14.56 -14.23 -39.76
N GLU B 284 -14.22 -13.01 -39.37
CA GLU B 284 -13.19 -12.24 -40.05
C GLU B 284 -11.83 -12.92 -39.95
N ALA B 285 -11.54 -13.46 -38.77
CA ALA B 285 -10.24 -14.09 -38.52
C ALA B 285 -10.09 -15.41 -39.29
N LEU B 286 -11.20 -15.96 -39.75
CA LEU B 286 -11.18 -17.20 -40.51
C LEU B 286 -10.88 -16.97 -41.99
N SER B 287 -10.93 -15.70 -42.41
CA SER B 287 -10.74 -15.33 -43.82
C SER B 287 -9.29 -15.36 -44.26
N PRO B 288 -9.05 -15.55 -45.57
CA PRO B 288 -7.70 -15.44 -46.10
C PRO B 288 -7.13 -14.04 -45.91
N GLU B 289 -7.98 -13.02 -45.93
CA GLU B 289 -7.53 -11.65 -45.74
C GLU B 289 -6.89 -11.46 -44.36
N PHE B 290 -7.38 -12.20 -43.37
CA PHE B 290 -6.86 -12.07 -42.00
C PHE B 290 -5.45 -12.61 -41.91
N LYS B 291 -5.20 -13.73 -42.60
CA LYS B 291 -3.88 -14.32 -42.61
C LYS B 291 -2.88 -13.40 -43.29
N GLU B 292 -3.33 -12.71 -44.35
CA GLU B 292 -2.49 -11.73 -45.03
C GLU B 292 -2.18 -10.56 -44.09
N TYR B 293 -3.17 -10.15 -43.31
CA TYR B 293 -3.00 -9.10 -42.33
C TYR B 293 -1.93 -9.48 -41.30
N GLN B 294 -1.99 -10.69 -40.76
CA GLN B 294 -1.04 -11.08 -39.71
C GLN B 294 0.37 -11.29 -40.28
N GLN B 295 0.46 -11.64 -41.56
CA GLN B 295 1.76 -11.75 -42.21
C GLN B 295 2.41 -10.36 -42.27
N LYS B 296 1.61 -9.34 -42.54
CA LYS B 296 2.09 -7.96 -42.56
C LYS B 296 2.40 -7.45 -41.16
N VAL B 297 1.64 -7.92 -40.17
CA VAL B 297 1.90 -7.58 -38.77
C VAL B 297 3.31 -8.04 -38.35
N VAL B 298 3.61 -9.29 -38.64
CA VAL B 298 4.92 -9.85 -38.35
C VAL B 298 6.02 -9.12 -39.13
N GLU B 299 5.76 -8.85 -40.41
CA GLU B 299 6.71 -8.16 -41.27
C GLU B 299 6.97 -6.75 -40.75
N ASN B 300 5.91 -6.00 -40.47
CA ASN B 300 6.07 -4.63 -40.01
C ASN B 300 6.78 -4.57 -38.65
N ALA B 301 6.51 -5.51 -37.77
CA ALA B 301 7.18 -5.55 -36.47
C ALA B 301 8.69 -5.77 -36.65
N ARG B 302 9.05 -6.69 -37.54
CA ARG B 302 10.45 -6.99 -37.78
CA ARG B 302 10.45 -7.00 -37.80
C ARG B 302 11.18 -5.80 -38.40
N VAL B 303 10.53 -5.14 -39.36
CA VAL B 303 11.10 -3.98 -40.02
C VAL B 303 11.30 -2.82 -39.04
N LEU B 304 10.30 -2.63 -38.17
CA LEU B 304 10.37 -1.61 -37.12
C LEU B 304 11.56 -1.85 -36.19
N ALA B 305 11.74 -3.10 -35.77
CA ALA B 305 12.87 -3.48 -34.91
C ALA B 305 14.21 -3.31 -35.62
N GLU B 306 14.26 -3.73 -36.88
CA GLU B 306 15.47 -3.62 -37.69
C GLU B 306 15.90 -2.15 -37.81
N THR B 307 14.91 -1.28 -38.01
CA THR B 307 15.15 0.14 -38.19
C THR B 307 15.71 0.79 -36.93
N LEU B 308 15.13 0.44 -35.78
CA LEU B 308 15.58 0.97 -34.50
C LEU B 308 17.00 0.51 -34.19
N VAL B 309 17.31 -0.71 -34.56
CA VAL B 309 18.66 -1.25 -34.37
C VAL B 309 19.67 -0.49 -35.24
N LYS B 310 19.28 -0.17 -36.48
CA LYS B 310 20.13 0.65 -37.35
C LYS B 310 20.39 2.02 -36.75
N ARG B 311 19.43 2.52 -35.97
CA ARG B 311 19.55 3.84 -35.36
C ARG B 311 20.23 3.79 -34.00
N GLY B 312 20.68 2.60 -33.58
CA GLY B 312 21.48 2.47 -32.38
C GLY B 312 20.80 1.93 -31.14
N LEU B 313 19.51 1.60 -31.26
CA LEU B 313 18.76 1.03 -30.14
C LEU B 313 18.98 -0.48 -30.03
N ARG B 314 18.54 -1.06 -28.92
CA ARG B 314 18.66 -2.50 -28.73
C ARG B 314 17.29 -3.14 -28.50
N ILE B 315 17.09 -4.32 -29.08
CA ILE B 315 15.85 -5.07 -28.88
C ILE B 315 16.05 -6.18 -27.86
N VAL B 316 15.24 -6.17 -26.80
CA VAL B 316 15.29 -7.25 -25.83
C VAL B 316 15.03 -8.58 -26.54
N SER B 317 15.81 -9.59 -26.17
CA SER B 317 15.83 -10.93 -26.81
C SER B 317 16.59 -10.93 -28.14
N GLY B 318 17.06 -9.76 -28.58
CA GLY B 318 17.88 -9.65 -29.77
C GLY B 318 17.14 -9.66 -31.11
N ARG B 319 15.86 -9.98 -31.07
CA ARG B 319 15.04 -10.05 -32.28
C ARG B 319 13.57 -10.14 -31.87
N THR B 320 12.67 -9.96 -32.84
CA THR B 320 11.26 -10.25 -32.59
C THR B 320 10.84 -11.37 -33.53
N GLU B 321 9.95 -12.23 -33.03
CA GLU B 321 9.38 -13.31 -33.82
C GLU B 321 7.86 -13.17 -33.77
N SER B 322 7.40 -11.97 -33.53
CA SER B 322 5.97 -11.74 -33.34
C SER B 322 5.52 -10.34 -33.72
N HIS B 323 4.55 -9.81 -32.98
CA HIS B 323 3.97 -8.50 -33.23
C HIS B 323 4.61 -7.42 -32.39
N VAL B 324 5.38 -7.84 -31.38
CA VAL B 324 5.80 -6.95 -30.30
C VAL B 324 7.32 -6.90 -30.12
N MET B 325 7.81 -5.81 -29.57
CA MET B 325 9.21 -5.71 -29.19
C MET B 325 9.35 -4.82 -27.96
N LEU B 326 10.39 -5.09 -27.19
CA LEU B 326 10.74 -4.27 -26.05
C LEU B 326 12.05 -3.57 -26.37
N VAL B 327 12.02 -2.23 -26.41
CA VAL B 327 13.18 -1.48 -26.85
C VAL B 327 14.00 -0.97 -25.66
N ASP B 328 15.26 -1.41 -25.60
CA ASP B 328 16.26 -0.93 -24.63
C ASP B 328 16.73 0.45 -25.04
N LEU B 329 16.48 1.46 -24.22
CA LEU B 329 16.71 2.86 -24.58
C LEU B 329 18.05 3.43 -24.12
N ARG B 330 18.86 2.61 -23.44
CA ARG B 330 20.04 3.12 -22.74
C ARG B 330 21.09 3.79 -23.63
N ALA B 331 21.19 3.38 -24.88
CA ALA B 331 22.17 3.99 -25.79
C ALA B 331 21.79 5.44 -26.11
N LYS B 332 20.52 5.78 -25.92
CA LYS B 332 20.06 7.14 -26.22
C LYS B 332 19.93 7.97 -24.95
N HIS B 333 20.31 7.39 -23.82
CA HIS B 333 20.34 8.08 -22.54
C HIS B 333 19.00 8.74 -22.21
N ILE B 334 17.93 7.95 -22.34
CA ILE B 334 16.59 8.43 -22.07
C ILE B 334 15.81 7.33 -21.34
N THR B 335 14.97 7.71 -20.38
CA THR B 335 14.18 6.73 -19.65
C THR B 335 12.94 6.36 -20.45
N GLY B 336 12.32 5.25 -20.10
CA GLY B 336 11.10 4.82 -20.76
C GLY B 336 10.00 5.84 -20.55
N LYS B 337 9.94 6.36 -19.32
CA LYS B 337 8.95 7.36 -18.95
C LYS B 337 9.11 8.63 -19.78
N ALA B 338 10.35 9.08 -19.92
CA ALA B 338 10.63 10.28 -20.71
C ALA B 338 10.36 10.04 -22.19
N ALA B 339 10.68 8.84 -22.66
CA ALA B 339 10.46 8.48 -24.06
C ALA B 339 8.98 8.44 -24.42
N GLU B 340 8.17 7.86 -23.53
CA GLU B 340 6.74 7.78 -23.76
C GLU B 340 6.16 9.19 -23.90
N ALA B 341 6.61 10.09 -23.03
CA ALA B 341 6.13 11.47 -23.03
C ALA B 341 6.52 12.22 -24.30
N ALA B 342 7.78 12.13 -24.68
CA ALA B 342 8.29 12.83 -25.85
C ALA B 342 7.61 12.31 -27.13
N LEU B 343 7.48 11.00 -27.22
CA LEU B 343 6.83 10.37 -28.35
C LEU B 343 5.36 10.76 -28.42
N GLY B 344 4.72 10.85 -27.25
CA GLY B 344 3.33 11.26 -27.19
C GLY B 344 3.15 12.66 -27.74
N ALA B 345 4.10 13.54 -27.42
CA ALA B 345 4.06 14.92 -27.91
C ALA B 345 4.19 14.97 -29.43
N ALA B 346 4.86 13.96 -30.00
CA ALA B 346 5.02 13.86 -31.44
C ALA B 346 3.92 12.98 -32.05
N HIS B 347 2.86 12.74 -31.28
CA HIS B 347 1.70 11.96 -31.70
C HIS B 347 2.05 10.51 -32.04
N ILE B 348 3.01 9.95 -31.32
CA ILE B 348 3.33 8.53 -31.42
C ILE B 348 3.07 7.92 -30.05
N THR B 349 2.11 7.00 -29.99
CA THR B 349 1.67 6.42 -28.72
C THR B 349 2.38 5.11 -28.44
N VAL B 350 3.16 5.11 -27.35
CA VAL B 350 3.83 3.90 -26.89
C VAL B 350 3.59 3.78 -25.40
N ASN B 351 4.08 2.73 -24.77
CA ASN B 351 4.12 2.72 -23.32
C ASN B 351 5.47 2.26 -22.79
N LYS B 352 5.88 2.88 -21.68
CA LYS B 352 7.11 2.51 -20.99
C LYS B 352 7.02 1.07 -20.52
N ASN B 353 8.16 0.42 -20.39
CA ASN B 353 8.21 -0.97 -19.95
C ASN B 353 9.58 -1.31 -19.42
N ALA B 354 9.63 -1.91 -18.23
CA ALA B 354 10.92 -2.30 -17.65
C ALA B 354 11.59 -3.37 -18.51
N ILE B 355 12.91 -3.26 -18.63
CA ILE B 355 13.71 -4.27 -19.31
C ILE B 355 14.37 -5.18 -18.27
N PRO B 356 14.86 -6.36 -18.70
CA PRO B 356 15.58 -7.21 -17.74
C PRO B 356 16.76 -6.48 -17.09
N ASN B 357 16.86 -6.58 -15.76
CA ASN B 357 17.89 -5.91 -14.99
C ASN B 357 17.89 -4.40 -15.22
N ASP B 358 16.70 -3.81 -15.19
CA ASP B 358 16.52 -2.38 -15.42
C ASP B 358 17.18 -1.57 -14.29
N PRO B 359 18.09 -0.64 -14.66
CA PRO B 359 18.75 0.20 -13.65
C PRO B 359 17.84 1.31 -13.12
N GLU B 360 16.67 1.50 -13.71
CA GLU B 360 15.74 2.53 -13.28
C GLU B 360 14.62 1.97 -12.39
N LYS B 361 13.95 2.85 -11.66
CA LYS B 361 12.80 2.46 -10.84
C LYS B 361 11.66 1.97 -11.75
N PRO B 362 10.82 1.06 -11.23
CA PRO B 362 9.73 0.44 -11.99
C PRO B 362 8.79 1.42 -12.69
N PHE B 363 8.63 2.61 -12.11
CA PHE B 363 7.74 3.61 -12.69
C PHE B 363 8.50 4.53 -13.65
N VAL B 364 9.79 4.26 -13.82
CA VAL B 364 10.63 5.05 -14.71
C VAL B 364 11.05 4.21 -15.92
N THR B 365 11.68 3.07 -15.63
CA THR B 365 12.10 2.05 -16.62
C THR B 365 13.14 2.56 -17.61
N SER B 366 13.73 1.61 -18.35
CA SER B 366 14.74 1.91 -19.34
C SER B 366 14.29 1.51 -20.74
N GLY B 367 12.99 1.30 -20.92
CA GLY B 367 12.49 0.82 -22.19
C GLY B 367 11.09 1.23 -22.57
N ILE B 368 10.73 0.94 -23.82
CA ILE B 368 9.36 1.12 -24.29
C ILE B 368 8.94 -0.13 -25.06
N ARG B 369 7.67 -0.50 -24.92
CA ARG B 369 7.12 -1.64 -25.65
C ARG B 369 6.44 -1.13 -26.92
N LEU B 370 6.77 -1.73 -28.06
CA LEU B 370 6.20 -1.35 -29.35
C LEU B 370 5.49 -2.55 -30.00
N GLY B 371 4.36 -2.29 -30.65
CA GLY B 371 3.66 -3.33 -31.37
C GLY B 371 3.15 -2.85 -32.72
N SER B 372 3.05 -3.77 -33.67
CA SER B 372 2.59 -3.44 -35.02
C SER B 372 1.12 -3.71 -35.43
N PRO B 373 0.31 -4.40 -34.59
CA PRO B 373 -1.05 -4.69 -35.09
C PRO B 373 -1.90 -3.48 -35.48
N ALA B 374 -1.88 -2.41 -34.70
CA ALA B 374 -2.71 -1.22 -34.98
C ALA B 374 -2.28 -0.52 -36.27
N MET B 375 -0.98 -0.26 -36.42
CA MET B 375 -0.52 0.48 -37.60
C MET B 375 -0.69 -0.38 -38.86
N THR B 376 -0.59 -1.70 -38.71
CA THR B 376 -0.79 -2.61 -39.83
C THR B 376 -2.26 -2.64 -40.27
N THR B 377 -3.17 -2.55 -39.30
CA THR B 377 -4.60 -2.54 -39.59
C THR B 377 -5.01 -1.34 -40.45
N ARG B 378 -4.44 -0.16 -40.18
CA ARG B 378 -4.75 1.03 -40.95
C ARG B 378 -3.95 1.13 -42.26
N GLY B 379 -3.17 0.10 -42.57
CA GLY B 379 -2.60 -0.03 -43.90
C GLY B 379 -1.10 0.20 -44.05
N PHE B 380 -0.38 0.35 -42.94
CA PHE B 380 1.07 0.57 -43.02
C PHE B 380 1.76 -0.66 -43.58
N GLY B 381 2.71 -0.44 -44.47
CA GLY B 381 3.55 -1.52 -45.00
C GLY B 381 4.97 -1.33 -44.51
N PRO B 382 5.92 -2.13 -45.03
CA PRO B 382 7.34 -2.09 -44.65
C PRO B 382 7.94 -0.70 -44.74
N ALA B 383 7.59 0.05 -45.77
CA ALA B 383 8.14 1.40 -45.96
C ALA B 383 7.70 2.32 -44.82
N GLU B 384 6.43 2.23 -44.42
CA GLU B 384 5.91 3.04 -43.33
C GLU B 384 6.47 2.60 -41.98
N ALA B 385 6.60 1.29 -41.79
CA ALA B 385 7.17 0.77 -40.56
C ALA B 385 8.61 1.29 -40.38
N GLU B 386 9.36 1.34 -41.49
CA GLU B 386 10.73 1.86 -41.43
C GLU B 386 10.75 3.34 -41.14
N GLN B 387 9.83 4.08 -41.76
CA GLN B 387 9.66 5.51 -41.49
CA GLN B 387 9.69 5.51 -41.48
C GLN B 387 9.34 5.74 -40.00
N VAL B 388 8.44 4.92 -39.47
CA VAL B 388 8.04 5.02 -38.07
C VAL B 388 9.25 4.81 -37.15
N GLY B 389 10.10 3.84 -37.50
CA GLY B 389 11.30 3.58 -36.74
C GLY B 389 12.22 4.78 -36.65
N ASN B 390 12.45 5.42 -37.79
CA ASN B 390 13.30 6.61 -37.86
C ASN B 390 12.72 7.81 -37.13
N LEU B 391 11.41 7.98 -37.20
CA LEU B 391 10.74 9.07 -36.49
C LEU B 391 10.91 8.90 -34.99
N ILE B 392 10.77 7.67 -34.53
CA ILE B 392 10.97 7.33 -33.12
C ILE B 392 12.39 7.66 -32.69
N ALA B 393 13.36 7.24 -33.49
CA ALA B 393 14.76 7.50 -33.19
C ALA B 393 15.03 9.01 -33.20
N ASP B 394 14.39 9.73 -34.10
CA ASP B 394 14.57 11.18 -34.17
C ASP B 394 14.15 11.84 -32.86
N VAL B 395 13.03 11.41 -32.30
CA VAL B 395 12.54 11.96 -31.04
C VAL B 395 13.42 11.53 -29.87
N LEU B 396 13.84 10.28 -29.87
CA LEU B 396 14.66 9.74 -28.77
C LEU B 396 16.00 10.47 -28.65
N GLU B 397 16.54 10.94 -29.77
CA GLU B 397 17.86 11.58 -29.79
C GLU B 397 17.79 13.06 -29.41
N ASN B 398 16.58 13.62 -29.39
CA ASN B 398 16.37 15.01 -28.99
C ASN B 398 14.96 15.21 -28.45
N PRO B 399 14.67 14.63 -27.28
CA PRO B 399 13.29 14.50 -26.79
C PRO B 399 12.63 15.81 -26.37
N GLU B 400 13.43 16.82 -26.00
CA GLU B 400 12.88 18.05 -25.47
C GLU B 400 13.10 19.23 -26.42
N ASP B 401 13.59 18.94 -27.62
CA ASP B 401 13.76 19.97 -28.63
C ASP B 401 12.43 20.21 -29.35
N ALA B 402 11.86 21.39 -29.14
CA ALA B 402 10.54 21.70 -29.68
C ALA B 402 10.52 21.61 -31.20
N ALA B 403 11.62 21.99 -31.83
CA ALA B 403 11.70 21.95 -33.29
C ALA B 403 11.69 20.51 -33.82
N THR B 404 12.34 19.61 -33.08
CA THR B 404 12.39 18.21 -33.47
C THR B 404 11.02 17.54 -33.32
N ILE B 405 10.38 17.78 -32.18
CA ILE B 405 9.06 17.22 -31.91
C ILE B 405 8.05 17.69 -32.95
N GLU B 406 8.15 18.97 -33.33
CA GLU B 406 7.23 19.54 -34.31
C GLU B 406 7.46 18.92 -35.69
N ARG B 407 8.72 18.71 -36.04
CA ARG B 407 9.07 18.12 -37.33
C ARG B 407 8.54 16.70 -37.46
N VAL B 408 8.67 15.92 -36.39
CA VAL B 408 8.17 14.55 -36.38
C VAL B 408 6.64 14.54 -36.44
N ARG B 409 6.00 15.44 -35.70
CA ARG B 409 4.55 15.53 -35.67
C ARG B 409 3.96 15.84 -37.04
N ALA B 410 4.67 16.65 -37.82
CA ALA B 410 4.24 16.98 -39.17
C ALA B 410 4.32 15.74 -40.06
N GLN B 411 5.38 14.95 -39.87
CA GLN B 411 5.56 13.73 -40.63
C GLN B 411 4.56 12.65 -40.22
N VAL B 412 4.24 12.60 -38.94
CA VAL B 412 3.21 11.69 -38.46
C VAL B 412 1.87 12.05 -39.11
N ALA B 413 1.59 13.35 -39.17
CA ALA B 413 0.35 13.84 -39.77
C ALA B 413 0.25 13.44 -41.24
N GLU B 414 1.38 13.45 -41.93
CA GLU B 414 1.38 13.04 -43.33
C GLU B 414 1.02 11.56 -43.43
N LEU B 415 1.52 10.76 -42.51
CA LEU B 415 1.22 9.33 -42.51
C LEU B 415 -0.23 9.04 -42.14
N THR B 416 -0.73 9.70 -41.09
CA THR B 416 -2.09 9.41 -40.61
C THR B 416 -3.17 9.90 -41.57
N LYS B 417 -2.91 11.00 -42.26
CA LYS B 417 -3.85 11.51 -43.26
C LYS B 417 -3.92 10.57 -44.45
N ARG B 418 -2.76 10.00 -44.82
CA ARG B 418 -2.66 9.12 -45.98
C ARG B 418 -3.27 7.75 -45.68
N PHE B 419 -3.23 7.33 -44.41
CA PHE B 419 -3.75 6.03 -44.00
C PHE B 419 -4.83 6.18 -42.94
N PRO B 420 -6.03 6.57 -43.37
CA PRO B 420 -7.12 6.72 -42.38
C PRO B 420 -7.50 5.38 -41.76
N VAL B 421 -7.98 5.40 -40.52
CA VAL B 421 -8.37 4.17 -39.85
C VAL B 421 -9.75 3.73 -40.32
N TYR B 422 -10.71 4.63 -40.21
CA TYR B 422 -12.07 4.35 -40.64
C TYR B 422 -12.48 5.24 -41.81
N ARG B 423 -12.89 4.60 -42.89
CA ARG B 423 -13.35 5.29 -44.09
C ARG B 423 -14.88 5.36 -44.11
N PHE C 10 27.21 -15.68 13.09
CA PHE C 10 25.98 -15.16 12.50
C PHE C 10 24.96 -16.27 12.19
N ASP C 11 25.03 -17.35 12.95
CA ASP C 11 23.99 -18.37 12.92
C ASP C 11 22.97 -18.08 14.03
N ARG C 12 21.71 -17.97 13.66
CA ARG C 12 20.66 -17.59 14.60
C ARG C 12 20.45 -18.63 15.70
N ALA C 13 20.92 -19.84 15.46
CA ALA C 13 20.84 -20.91 16.46
C ALA C 13 21.97 -20.77 17.48
N GLN C 14 23.05 -20.12 17.07
CA GLN C 14 24.23 -19.98 17.92
C GLN C 14 24.35 -18.59 18.53
N SER C 15 24.01 -17.56 17.75
CA SER C 15 24.14 -16.19 18.24
C SER C 15 22.88 -15.76 19.02
N THR C 16 22.73 -16.32 20.22
CA THR C 16 21.68 -15.90 21.13
C THR C 16 22.32 -15.06 22.23
N ILE C 17 21.51 -14.29 22.95
CA ILE C 17 22.05 -13.44 23.99
C ILE C 17 22.75 -14.29 25.06
N ALA C 18 22.14 -15.41 25.42
CA ALA C 18 22.69 -16.31 26.42
C ALA C 18 24.07 -16.84 26.00
N ASN C 19 24.21 -17.19 24.73
CA ASN C 19 25.48 -17.72 24.24
C ASN C 19 26.56 -16.65 24.10
N VAL C 20 26.18 -15.48 23.61
CA VAL C 20 27.13 -14.40 23.35
C VAL C 20 27.47 -13.57 24.60
N ASP C 21 26.46 -13.32 25.43
CA ASP C 21 26.64 -12.40 26.54
C ASP C 21 25.81 -12.82 27.76
N PRO C 22 26.32 -13.78 28.55
CA PRO C 22 25.59 -14.29 29.72
C PRO C 22 25.18 -13.21 30.72
N GLU C 23 26.02 -12.19 30.91
CA GLU C 23 25.72 -11.11 31.85
C GLU C 23 24.50 -10.30 31.43
N ILE C 24 24.49 -9.90 30.16
CA ILE C 24 23.37 -9.14 29.62
C ILE C 24 22.12 -9.98 29.63
N PHE C 25 22.28 -11.27 29.29
CA PHE C 25 21.16 -12.20 29.34
C PHE C 25 20.51 -12.19 30.71
N ALA C 26 21.34 -12.28 31.74
CA ALA C 26 20.85 -12.35 33.11
C ALA C 26 20.12 -11.06 33.52
N ALA C 27 20.66 -9.93 33.10
CA ALA C 27 20.06 -8.64 33.43
C ALA C 27 18.69 -8.47 32.76
N ILE C 28 18.60 -8.86 31.49
CA ILE C 28 17.34 -8.79 30.77
C ILE C 28 16.31 -9.72 31.41
N GLU C 29 16.74 -10.91 31.80
CA GLU C 29 15.85 -11.88 32.45
C GLU C 29 15.29 -11.35 33.77
N GLN C 30 16.13 -10.65 34.53
CA GLN C 30 15.69 -10.08 35.79
C GLN C 30 14.73 -8.93 35.55
N GLU C 31 14.97 -8.18 34.48
CA GLU C 31 14.07 -7.08 34.12
C GLU C 31 12.73 -7.61 33.63
N ASN C 32 12.73 -8.73 32.90
CA ASN C 32 11.47 -9.39 32.52
C ASN C 32 10.63 -9.73 33.76
N ARG C 33 11.28 -10.30 34.75
CA ARG C 33 10.60 -10.71 35.98
C ARG C 33 10.19 -9.51 36.83
N ARG C 34 11.00 -8.45 36.80
CA ARG C 34 10.67 -7.23 37.52
C ARG C 34 9.38 -6.62 36.96
N GLN C 35 9.25 -6.63 35.64
CA GLN C 35 8.04 -6.12 34.99
C GLN C 35 6.82 -6.97 35.34
N GLU C 36 6.99 -8.27 35.55
CA GLU C 36 5.89 -9.14 35.98
C GLU C 36 5.54 -8.91 37.45
N ASP C 37 6.56 -8.86 38.30
CA ASP C 37 6.37 -8.91 39.76
C ASP C 37 6.06 -7.55 40.40
N HIS C 38 5.99 -6.49 39.60
CA HIS C 38 5.70 -5.16 40.12
C HIS C 38 4.48 -4.56 39.46
N ILE C 39 3.66 -3.87 40.25
CA ILE C 39 2.56 -3.11 39.69
C ILE C 39 3.09 -1.76 39.25
N GLU C 40 3.10 -1.53 37.93
CA GLU C 40 3.65 -0.33 37.33
C GLU C 40 2.58 0.77 37.20
N LEU C 41 2.78 1.88 37.90
CA LEU C 41 1.82 2.98 37.88
C LEU C 41 2.45 4.28 37.38
N ILE C 42 3.67 4.19 36.88
CA ILE C 42 4.29 5.37 36.27
C ILE C 42 3.53 5.68 34.98
N ALA C 43 3.00 6.89 34.89
CA ALA C 43 2.01 7.25 33.87
C ALA C 43 2.56 7.25 32.46
N SER C 44 3.89 7.26 32.35
CA SER C 44 4.55 7.32 31.06
C SER C 44 4.97 5.94 30.56
N GLU C 45 4.71 4.92 31.39
CA GLU C 45 5.13 3.56 31.07
C GLU C 45 3.96 2.74 30.51
N ASN C 46 4.30 1.72 29.73
CA ASN C 46 3.31 0.78 29.21
C ASN C 46 4.00 -0.52 28.89
N TYR C 47 3.25 -1.51 28.44
CA TYR C 47 3.85 -2.75 27.94
C TYR C 47 3.53 -2.91 26.47
N THR C 48 4.54 -2.84 25.61
CA THR C 48 4.27 -2.92 24.19
C THR C 48 4.18 -4.39 23.77
N SER C 49 3.49 -4.63 22.66
CA SER C 49 3.18 -6.00 22.24
C SER C 49 4.42 -6.74 21.74
N PRO C 50 4.39 -8.08 21.79
CA PRO C 50 5.46 -8.89 21.20
C PRO C 50 5.68 -8.58 19.72
N ALA C 51 4.61 -8.24 18.99
CA ALA C 51 4.73 -7.92 17.57
C ALA C 51 5.56 -6.65 17.38
N VAL C 52 5.34 -5.67 18.23
CA VAL C 52 6.10 -4.42 18.18
C VAL C 52 7.59 -4.66 18.47
N MET C 53 7.85 -5.43 19.52
CA MET C 53 9.23 -5.76 19.91
C MET C 53 9.93 -6.57 18.82
N ALA C 54 9.19 -7.46 18.17
CA ALA C 54 9.74 -8.29 17.11
C ALA C 54 10.18 -7.44 15.92
N ALA C 55 9.44 -6.38 15.64
CA ALA C 55 9.77 -5.50 14.53
C ALA C 55 11.06 -4.74 14.79
N GLN C 56 11.26 -4.21 15.99
CA GLN C 56 12.49 -3.47 16.22
C GLN C 56 13.64 -4.42 16.57
N GLY C 57 13.36 -5.72 16.58
CA GLY C 57 14.42 -6.71 16.69
C GLY C 57 14.76 -7.31 15.34
N SER C 58 14.32 -6.65 14.28
CA SER C 58 14.49 -7.16 12.92
C SER C 58 15.76 -6.66 12.23
N GLN C 59 16.01 -7.16 11.03
CA GLN C 59 17.22 -6.82 10.29
C GLN C 59 17.19 -5.43 9.67
N LEU C 60 16.10 -4.69 9.88
CA LEU C 60 15.97 -3.34 9.34
C LEU C 60 16.95 -2.37 10.01
N THR C 61 17.55 -2.80 11.12
CA THR C 61 18.58 -2.01 11.78
C THR C 61 19.83 -1.96 10.89
N ASN C 62 19.92 -2.85 9.90
CA ASN C 62 21.09 -2.87 9.02
C ASN C 62 21.02 -1.87 7.87
N LYS C 63 19.90 -1.16 7.72
CA LYS C 63 19.74 -0.31 6.53
C LYS C 63 19.92 1.18 6.81
N TYR C 64 20.80 1.82 6.06
CA TYR C 64 20.89 3.28 6.05
C TYR C 64 19.89 3.82 5.05
N ALA C 65 18.97 4.65 5.52
CA ALA C 65 17.90 5.16 4.67
C ALA C 65 17.69 6.67 4.84
N GLU C 66 18.79 7.42 4.79
CA GLU C 66 18.73 8.87 4.82
C GLU C 66 17.80 9.43 3.75
N GLY C 67 16.95 10.38 4.14
CA GLY C 67 15.98 10.95 3.23
C GLY C 67 14.58 10.45 3.55
N TYR C 68 13.71 10.43 2.56
CA TYR C 68 12.33 10.06 2.76
C TYR C 68 11.88 9.08 1.67
N PRO C 69 10.75 8.37 1.88
CA PRO C 69 10.26 7.39 0.90
C PRO C 69 10.23 7.90 -0.53
N GLY C 70 10.92 7.18 -1.42
CA GLY C 70 10.97 7.54 -2.83
C GLY C 70 11.95 8.68 -3.07
N LYS C 71 12.56 9.17 -2.00
CA LYS C 71 13.49 10.30 -2.08
C LYS C 71 14.71 10.03 -1.21
N ARG C 72 15.29 8.83 -1.33
CA ARG C 72 16.45 8.46 -0.52
C ARG C 72 17.75 8.85 -1.20
N TYR C 73 18.80 8.92 -0.40
CA TYR C 73 20.16 9.16 -0.89
C TYR C 73 20.76 7.88 -1.44
N TYR C 74 20.50 6.78 -0.74
CA TYR C 74 21.04 5.49 -1.14
C TYR C 74 19.99 4.64 -1.84
N GLY C 75 20.44 3.66 -2.60
CA GLY C 75 19.56 2.73 -3.26
C GLY C 75 19.19 1.60 -2.33
N GLY C 76 18.37 0.67 -2.82
CA GLY C 76 17.98 -0.50 -2.05
C GLY C 76 16.96 -0.22 -0.95
N CYS C 77 16.30 0.93 -1.02
CA CYS C 77 15.37 1.31 0.03
C CYS C 77 13.92 1.00 -0.30
N GLU C 78 13.70 0.15 -1.30
CA GLU C 78 12.35 -0.16 -1.77
C GLU C 78 11.44 -0.63 -0.65
N TYR C 79 11.95 -1.50 0.22
CA TYR C 79 11.10 -2.12 1.23
C TYR C 79 10.98 -1.31 2.52
N VAL C 80 12.03 -0.56 2.88
CA VAL C 80 11.92 0.31 4.04
C VAL C 80 11.06 1.53 3.71
N ASP C 81 10.95 1.85 2.42
CA ASP C 81 10.05 2.90 1.96
C ASP C 81 8.60 2.48 2.21
N VAL C 82 8.29 1.23 1.90
CA VAL C 82 6.98 0.66 2.16
C VAL C 82 6.69 0.72 3.65
N VAL C 83 7.69 0.35 4.45
CA VAL C 83 7.55 0.37 5.89
C VAL C 83 7.25 1.77 6.42
N GLU C 84 8.06 2.75 6.02
CA GLU C 84 7.90 4.11 6.52
C GLU C 84 6.59 4.73 6.04
N GLN C 85 6.22 4.49 4.79
CA GLN C 85 5.00 5.10 4.25
C GLN C 85 3.75 4.55 4.93
N LEU C 86 3.77 3.27 5.29
CA LEU C 86 2.69 2.70 6.08
C LEU C 86 2.61 3.39 7.44
N ALA C 87 3.76 3.63 8.05
CA ALA C 87 3.81 4.30 9.34
C ALA C 87 3.25 5.72 9.22
N ILE C 88 3.66 6.43 8.17
CA ILE C 88 3.16 7.78 7.92
C ILE C 88 1.64 7.80 7.69
N ASP C 89 1.17 6.93 6.80
CA ASP C 89 -0.26 6.89 6.45
C ASP C 89 -1.12 6.52 7.65
N ARG C 90 -0.66 5.55 8.43
CA ARG C 90 -1.44 5.08 9.57
C ARG C 90 -1.53 6.12 10.68
N VAL C 91 -0.44 6.83 10.95
CA VAL C 91 -0.48 7.82 12.03
C VAL C 91 -1.26 9.04 11.56
N LYS C 92 -1.27 9.30 10.26
CA LYS C 92 -2.09 10.37 9.70
C LYS C 92 -3.57 10.03 9.86
N GLN C 93 -3.90 8.75 9.64
CA GLN C 93 -5.26 8.27 9.77
C GLN C 93 -5.69 8.25 11.24
N LEU C 94 -4.75 7.91 12.13
CA LEU C 94 -5.06 7.85 13.56
C LEU C 94 -5.51 9.19 14.13
N PHE C 95 -4.87 10.28 13.72
CA PHE C 95 -5.10 11.57 14.33
C PHE C 95 -5.70 12.60 13.39
N GLY C 96 -5.96 12.19 12.15
CA GLY C 96 -6.52 13.09 11.15
C GLY C 96 -5.58 14.22 10.79
N ALA C 97 -4.28 13.94 10.79
CA ALA C 97 -3.27 14.95 10.50
C ALA C 97 -3.04 15.09 9.00
N GLU C 98 -2.72 16.30 8.58
CA GLU C 98 -2.50 16.57 7.17
C GLU C 98 -1.16 16.01 6.68
N ALA C 99 -0.18 15.92 7.57
CA ALA C 99 1.13 15.39 7.21
C ALA C 99 1.83 14.84 8.45
N ALA C 100 2.84 14.00 8.25
CA ALA C 100 3.51 13.40 9.39
C ALA C 100 4.95 13.03 9.10
N ASN C 101 5.77 13.06 10.16
CA ASN C 101 7.16 12.60 10.11
C ASN C 101 7.37 11.56 11.21
N VAL C 102 7.75 10.35 10.81
CA VAL C 102 7.88 9.23 11.74
C VAL C 102 9.34 8.89 12.05
N GLN C 103 10.27 9.74 11.63
CA GLN C 103 11.69 9.53 11.90
C GLN C 103 12.24 10.03 13.25
N PRO C 104 11.53 10.91 14.00
CA PRO C 104 12.18 11.33 15.26
C PRO C 104 12.61 10.17 16.16
N ASN C 105 13.86 10.21 16.61
CA ASN C 105 14.42 9.15 17.45
C ASN C 105 13.79 9.09 18.83
N SER C 106 13.15 10.18 19.22
CA SER C 106 12.52 10.28 20.53
C SER C 106 11.50 11.41 20.54
N GLY C 107 10.80 11.56 21.66
CA GLY C 107 9.90 12.69 21.84
C GLY C 107 10.68 13.99 21.88
N SER C 108 11.87 13.95 22.49
CA SER C 108 12.74 15.13 22.57
C SER C 108 13.18 15.61 21.20
N GLN C 109 13.59 14.67 20.34
CA GLN C 109 13.99 15.01 18.97
C GLN C 109 12.82 15.47 18.13
N ALA C 110 11.62 14.95 18.43
CA ALA C 110 10.43 15.40 17.73
C ALA C 110 10.23 16.88 18.01
N ASN C 111 10.33 17.25 19.29
CA ASN C 111 10.16 18.64 19.71
C ASN C 111 11.27 19.53 19.17
N GLN C 112 12.50 19.02 19.21
CA GLN C 112 13.64 19.77 18.70
C GLN C 112 13.52 19.96 17.19
N GLY C 113 12.89 18.99 16.54
CA GLY C 113 12.67 19.08 15.10
C GLY C 113 11.81 20.27 14.77
N VAL C 114 10.74 20.44 15.55
CA VAL C 114 9.86 21.58 15.36
C VAL C 114 10.58 22.89 15.62
N PHE C 115 11.36 22.94 16.70
CA PHE C 115 12.11 24.13 17.05
C PHE C 115 13.11 24.51 15.97
N PHE C 116 13.82 23.51 15.46
CA PHE C 116 14.84 23.75 14.44
C PHE C 116 14.19 24.25 13.15
N ALA C 117 12.99 23.76 12.86
CA ALA C 117 12.30 24.12 11.63
C ALA C 117 11.79 25.56 11.66
N MET C 118 11.26 25.98 12.81
CA MET C 118 10.50 27.23 12.87
C MET C 118 11.20 28.35 13.63
N LEU C 119 12.23 28.02 14.40
CA LEU C 119 12.84 29.00 15.28
C LEU C 119 14.33 29.23 15.01
N LYS C 120 14.82 30.33 15.55
CA LYS C 120 16.25 30.60 15.60
C LYS C 120 16.64 30.74 17.06
N PRO C 121 17.86 30.34 17.42
CA PRO C 121 18.32 30.47 18.80
C PRO C 121 18.15 31.89 19.32
N GLY C 122 17.51 32.03 20.48
CA GLY C 122 17.26 33.34 21.05
C GLY C 122 15.82 33.79 20.92
N ASP C 123 15.04 33.08 20.12
CA ASP C 123 13.61 33.40 19.96
C ASP C 123 12.85 33.15 21.26
N THR C 124 11.74 33.85 21.42
CA THR C 124 10.92 33.71 22.62
C THR C 124 9.86 32.64 22.41
N ILE C 125 9.75 31.71 23.35
CA ILE C 125 8.71 30.68 23.30
C ILE C 125 7.91 30.67 24.61
N MET C 126 6.71 30.10 24.53
CA MET C 126 5.91 29.87 25.74
C MET C 126 5.69 28.39 25.92
N GLY C 127 5.76 27.95 27.17
CA GLY C 127 5.53 26.57 27.50
C GLY C 127 5.02 26.45 28.93
N MET C 128 4.39 25.33 29.24
CA MET C 128 3.92 25.06 30.59
C MET C 128 5.14 24.87 31.49
N SER C 129 5.13 25.50 32.67
CA SER C 129 6.27 25.41 33.58
C SER C 129 6.47 23.96 34.03
N LEU C 130 7.72 23.60 34.27
CA LEU C 130 8.04 22.25 34.74
C LEU C 130 7.41 22.01 36.11
N ALA C 131 7.34 23.06 36.91
CA ALA C 131 6.82 22.97 38.27
C ALA C 131 5.32 22.72 38.30
N HIS C 132 4.62 23.06 37.20
CA HIS C 132 3.17 22.88 37.15
C HIS C 132 2.76 21.79 36.17
N GLY C 133 3.70 20.93 35.78
CA GLY C 133 3.40 19.74 35.02
C GLY C 133 3.96 19.71 33.61
N GLY C 134 4.65 20.78 33.21
CA GLY C 134 5.27 20.84 31.90
C GLY C 134 6.45 19.90 31.77
N HIS C 135 6.92 19.70 30.55
CA HIS C 135 8.05 18.80 30.33
C HIS C 135 9.34 19.59 30.14
N LEU C 136 10.47 18.90 30.34
CA LEU C 136 11.80 19.46 30.17
C LEU C 136 11.97 20.19 28.83
N THR C 137 11.43 19.60 27.78
CA THR C 137 11.60 20.14 26.43
C THR C 137 10.63 21.29 26.14
N HIS C 138 9.91 21.72 27.17
CA HIS C 138 8.96 22.82 27.01
C HIS C 138 9.53 24.10 27.60
N GLY C 139 10.83 24.10 27.84
CA GLY C 139 11.51 25.32 28.22
C GLY C 139 12.38 25.29 29.47
N SER C 140 12.73 24.10 29.95
CA SER C 140 13.62 24.01 31.10
C SER C 140 14.98 24.60 30.79
N PRO C 141 15.51 25.43 31.70
CA PRO C 141 16.79 26.13 31.50
C PRO C 141 17.99 25.18 31.36
N VAL C 142 17.85 23.93 31.80
CA VAL C 142 18.93 22.95 31.65
C VAL C 142 18.69 22.06 30.44
N ASN C 143 17.57 22.29 29.75
CA ASN C 143 17.29 21.62 28.48
C ASN C 143 17.60 22.58 27.34
N MET C 144 17.81 22.06 26.14
CA MET C 144 18.09 22.93 24.99
C MET C 144 16.98 23.95 24.79
N SER C 145 15.75 23.52 25.04
CA SER C 145 14.57 24.36 24.83
C SER C 145 14.62 25.63 25.69
N GLY C 146 15.26 25.55 26.83
CA GLY C 146 15.32 26.68 27.75
C GLY C 146 16.66 27.39 27.80
N LYS C 147 17.73 26.73 27.36
CA LYS C 147 19.05 27.34 27.41
C LYS C 147 19.34 28.17 26.17
N TRP C 148 18.86 27.72 25.01
CA TRP C 148 19.14 28.40 23.76
C TRP C 148 17.98 29.24 23.25
N PHE C 149 16.94 29.35 24.07
CA PHE C 149 15.76 30.15 23.72
C PHE C 149 15.30 30.94 24.94
N ASN C 150 14.58 32.04 24.68
CA ASN C 150 14.00 32.82 25.76
C ASN C 150 12.65 32.25 26.15
N VAL C 151 12.53 31.80 27.39
CA VAL C 151 11.33 31.09 27.81
C VAL C 151 10.44 31.90 28.74
N VAL C 152 9.17 32.02 28.34
CA VAL C 152 8.13 32.58 29.18
C VAL C 152 7.15 31.46 29.53
N SER C 153 7.05 31.12 30.82
CA SER C 153 6.25 29.97 31.22
C SER C 153 4.87 30.35 31.77
N TYR C 154 3.92 29.45 31.61
CA TYR C 154 2.60 29.62 32.19
C TYR C 154 2.26 28.37 33.01
N GLY C 155 1.33 28.49 33.95
CA GLY C 155 1.01 27.38 34.81
C GLY C 155 -0.47 27.24 35.09
N LEU C 156 -0.80 26.77 36.30
CA LEU C 156 -2.19 26.55 36.68
C LEU C 156 -2.74 27.72 37.49
N ASN C 157 -4.06 27.80 37.60
CA ASN C 157 -4.71 28.80 38.42
C ASN C 157 -5.01 28.26 39.82
N GLU C 158 -5.80 28.99 40.58
CA GLU C 158 -6.17 28.59 41.94
C GLU C 158 -6.94 27.27 41.95
N ASN C 159 -7.68 27.01 40.88
CA ASN C 159 -8.46 25.79 40.75
C ASN C 159 -7.63 24.61 40.24
N GLU C 160 -6.34 24.86 40.03
CA GLU C 160 -5.41 23.85 39.50
C GLU C 160 -5.85 23.34 38.12
N ASP C 161 -6.45 24.25 37.35
CA ASP C 161 -6.70 24.04 35.93
C ASP C 161 -5.74 24.99 35.21
N ILE C 162 -5.52 24.78 33.92
CA ILE C 162 -4.63 25.67 33.17
C ILE C 162 -5.15 27.11 33.20
N ASP C 163 -4.28 28.05 33.56
CA ASP C 163 -4.65 29.47 33.62
C ASP C 163 -4.54 30.11 32.23
N TYR C 164 -5.59 29.92 31.43
CA TYR C 164 -5.61 30.41 30.05
C TYR C 164 -5.58 31.93 29.99
N ASP C 165 -6.17 32.59 30.99
CA ASP C 165 -6.18 34.05 31.03
C ASP C 165 -4.78 34.62 31.24
N ALA C 166 -4.06 34.07 32.21
CA ALA C 166 -2.70 34.53 32.49
C ALA C 166 -1.77 34.20 31.32
N ALA C 167 -2.04 33.07 30.66
CA ALA C 167 -1.25 32.68 29.51
C ALA C 167 -1.48 33.65 28.35
N GLU C 168 -2.73 34.10 28.19
CA GLU C 168 -3.05 35.04 27.12
C GLU C 168 -2.41 36.41 27.38
N LYS C 169 -2.38 36.81 28.65
CA LYS C 169 -1.74 38.07 29.03
C LYS C 169 -0.23 37.98 28.80
N LEU C 170 0.35 36.83 29.14
CA LEU C 170 1.77 36.60 28.91
C LEU C 170 2.10 36.60 27.43
N ALA C 171 1.19 36.06 26.62
CA ALA C 171 1.39 36.00 25.17
C ALA C 171 1.41 37.39 24.55
N ASN C 172 0.49 38.24 24.97
CA ASN C 172 0.43 39.60 24.45
C ASN C 172 1.61 40.46 24.91
N GLU C 173 2.13 40.16 26.10
CA GLU C 173 3.23 40.94 26.67
C GLU C 173 4.58 40.59 26.04
N HIS C 174 4.88 39.31 25.94
CA HIS C 174 6.22 38.88 25.53
C HIS C 174 6.30 38.52 24.04
N LYS C 175 5.13 38.42 23.40
CA LYS C 175 5.04 38.13 21.97
C LYS C 175 5.90 36.94 21.53
N PRO C 176 5.58 35.73 22.02
CA PRO C 176 6.38 34.55 21.67
C PRO C 176 6.22 34.17 20.20
N LYS C 177 7.26 33.59 19.61
CA LYS C 177 7.17 33.12 18.23
C LYS C 177 6.40 31.81 18.19
N LEU C 178 6.43 31.07 19.30
CA LEU C 178 5.81 29.77 19.38
C LEU C 178 5.32 29.48 20.79
N ILE C 179 4.12 28.89 20.89
CA ILE C 179 3.56 28.50 22.17
C ILE C 179 3.51 26.98 22.25
N VAL C 180 4.10 26.42 23.31
CA VAL C 180 4.06 24.98 23.54
C VAL C 180 2.92 24.66 24.50
N ALA C 181 2.15 23.63 24.14
CA ALA C 181 1.10 23.13 25.01
C ALA C 181 1.26 21.63 25.22
N GLY C 182 0.64 21.12 26.27
CA GLY C 182 0.79 19.72 26.63
C GLY C 182 1.51 19.62 27.95
N ALA C 183 1.52 18.42 28.53
CA ALA C 183 2.09 18.26 29.86
C ALA C 183 2.52 16.82 30.12
N SER C 184 3.37 16.66 31.14
CA SER C 184 3.81 15.35 31.59
C SER C 184 3.02 14.94 32.83
N ALA C 185 2.42 15.92 33.49
CA ALA C 185 1.67 15.65 34.71
C ALA C 185 0.47 16.61 34.85
N PHE C 186 -0.54 16.40 34.02
CA PHE C 186 -1.76 17.19 34.10
C PHE C 186 -2.96 16.28 33.80
N ALA C 187 -3.92 16.26 34.71
CA ALA C 187 -4.97 15.25 34.68
C ALA C 187 -6.19 15.64 33.83
N LEU C 188 -6.39 16.93 33.61
CA LEU C 188 -7.60 17.42 32.95
C LEU C 188 -7.48 17.50 31.44
N LYS C 189 -8.62 17.65 30.78
CA LYS C 189 -8.66 17.93 29.35
C LYS C 189 -8.08 19.31 29.08
N ILE C 190 -7.19 19.39 28.09
CA ILE C 190 -6.60 20.67 27.71
C ILE C 190 -7.41 21.31 26.59
N ASP C 191 -7.72 22.59 26.75
CA ASP C 191 -8.50 23.33 25.76
C ASP C 191 -7.62 23.80 24.61
N PHE C 192 -7.43 22.93 23.62
CA PHE C 192 -6.55 23.24 22.51
C PHE C 192 -7.10 24.36 21.62
N GLU C 193 -8.42 24.43 21.50
CA GLU C 193 -9.04 25.47 20.70
C GLU C 193 -8.76 26.86 21.28
N ARG C 194 -8.88 26.99 22.61
CA ARG C 194 -8.62 28.24 23.30
CA ARG C 194 -8.63 28.25 23.27
C ARG C 194 -7.16 28.66 23.14
N LEU C 195 -6.27 27.68 23.24
CA LEU C 195 -4.84 27.94 23.07
C LEU C 195 -4.51 28.35 21.64
N ALA C 196 -5.18 27.75 20.66
CA ALA C 196 -4.98 28.09 19.26
C ALA C 196 -5.38 29.53 18.97
N LYS C 197 -6.46 29.98 19.62
CA LYS C 197 -6.93 31.35 19.47
C LYS C 197 -5.92 32.34 20.06
N ILE C 198 -5.38 31.99 21.23
CA ILE C 198 -4.38 32.82 21.89
C ILE C 198 -3.15 32.97 21.00
N ALA C 199 -2.67 31.86 20.46
CA ALA C 199 -1.51 31.85 19.59
C ALA C 199 -1.75 32.66 18.32
N LYS C 200 -2.93 32.49 17.73
CA LYS C 200 -3.27 33.19 16.51
C LYS C 200 -3.40 34.69 16.76
N SER C 201 -3.83 35.06 17.97
CA SER C 201 -4.02 36.46 18.32
C SER C 201 -2.71 37.23 18.39
N VAL C 202 -1.60 36.54 18.65
CA VAL C 202 -0.31 37.21 18.74
C VAL C 202 0.62 36.76 17.62
N GLY C 203 0.07 36.04 16.65
CA GLY C 203 0.85 35.59 15.51
C GLY C 203 1.92 34.57 15.85
N ALA C 204 1.63 33.71 16.83
CA ALA C 204 2.55 32.66 17.24
C ALA C 204 2.12 31.30 16.71
N TYR C 205 3.08 30.40 16.54
CA TYR C 205 2.77 29.01 16.22
C TYR C 205 2.23 28.30 17.45
N LEU C 206 1.33 27.33 17.24
CA LEU C 206 0.93 26.46 18.34
C LEU C 206 1.46 25.05 18.12
N MET C 207 2.32 24.63 19.03
CA MET C 207 2.81 23.26 19.07
C MET C 207 2.23 22.56 20.29
N VAL C 208 1.51 21.47 20.06
CA VAL C 208 1.01 20.69 21.17
C VAL C 208 1.78 19.38 21.30
N ASP C 209 2.33 19.16 22.48
CA ASP C 209 3.02 17.92 22.80
C ASP C 209 2.05 16.98 23.48
N MET C 210 1.50 16.03 22.73
CA MET C 210 0.46 15.16 23.25
C MET C 210 0.99 13.80 23.70
N ALA C 211 2.29 13.72 23.94
CA ALA C 211 2.97 12.45 24.24
C ALA C 211 2.20 11.57 25.23
N HIS C 212 1.79 12.14 26.35
CA HIS C 212 1.08 11.37 27.37
C HIS C 212 -0.32 10.93 26.97
N TYR C 213 -1.00 11.75 26.16
CA TYR C 213 -2.41 11.52 25.86
C TYR C 213 -2.68 10.85 24.50
N ALA C 214 -1.62 10.67 23.72
CA ALA C 214 -1.73 10.22 22.32
C ALA C 214 -2.61 8.98 22.12
N GLY C 215 -2.46 8.01 23.01
CA GLY C 215 -3.28 6.81 22.93
C GLY C 215 -4.75 7.11 23.18
N LEU C 216 -5.01 7.95 24.18
CA LEU C 216 -6.38 8.34 24.53
C LEU C 216 -7.03 9.15 23.41
N ILE C 217 -6.23 10.01 22.79
CA ILE C 217 -6.69 10.83 21.68
C ILE C 217 -7.04 9.97 20.46
N ALA C 218 -6.19 8.99 20.16
CA ALA C 218 -6.42 8.10 19.03
C ALA C 218 -7.72 7.32 19.19
N ALA C 219 -8.08 7.01 20.44
CA ALA C 219 -9.30 6.26 20.73
C ALA C 219 -10.50 7.20 20.89
N GLY C 220 -10.23 8.49 20.89
CA GLY C 220 -11.29 9.49 20.99
C GLY C 220 -11.84 9.65 22.40
N VAL C 221 -11.05 9.36 23.42
CA VAL C 221 -11.50 9.55 24.80
C VAL C 221 -10.76 10.71 25.47
N TYR C 222 -10.09 11.50 24.64
CA TYR C 222 -9.40 12.72 25.06
C TYR C 222 -9.35 13.64 23.84
N PRO C 223 -9.57 14.95 24.05
CA PRO C 223 -9.63 15.92 22.94
C PRO C 223 -8.41 15.89 22.02
N ASN C 224 -8.67 15.95 20.71
CA ASN C 224 -7.62 15.93 19.69
C ASN C 224 -7.11 17.32 19.37
N PRO C 225 -5.81 17.57 19.57
CA PRO C 225 -5.23 18.88 19.30
C PRO C 225 -4.96 19.15 17.81
N VAL C 226 -5.00 18.09 17.00
CA VAL C 226 -4.63 18.18 15.58
C VAL C 226 -5.40 19.22 14.76
N PRO C 227 -6.74 19.32 14.92
CA PRO C 227 -7.41 20.36 14.13
C PRO C 227 -7.02 21.79 14.54
N HIS C 228 -6.38 21.95 15.70
CA HIS C 228 -6.16 23.28 16.24
C HIS C 228 -4.71 23.74 16.20
N ALA C 229 -3.78 22.79 16.16
CA ALA C 229 -2.37 23.11 16.26
C ALA C 229 -1.65 23.11 14.90
N ASP C 230 -0.63 23.95 14.78
CA ASP C 230 0.23 23.94 13.61
C ASP C 230 1.07 22.67 13.59
N PHE C 231 1.56 22.30 14.77
CA PHE C 231 2.38 21.10 14.94
C PHE C 231 1.89 20.31 16.14
N VAL C 232 1.85 18.99 15.99
CA VAL C 232 1.56 18.11 17.12
C VAL C 232 2.67 17.08 17.23
N THR C 233 3.41 17.12 18.33
CA THR C 233 4.48 16.15 18.56
C THR C 233 4.01 15.10 19.55
N THR C 234 4.65 13.93 19.50
CA THR C 234 4.31 12.87 20.40
C THR C 234 5.38 11.79 20.47
N THR C 235 5.36 11.04 21.57
CA THR C 235 6.11 9.80 21.68
C THR C 235 5.24 8.67 21.13
N THR C 236 5.88 7.57 20.73
CA THR C 236 5.11 6.42 20.26
C THR C 236 4.92 5.40 21.39
N HIS C 237 5.74 5.50 22.42
CA HIS C 237 5.52 4.72 23.63
C HIS C 237 4.49 5.45 24.49
N LYS C 238 4.44 5.14 25.78
CA LYS C 238 3.40 5.65 26.69
C LYS C 238 2.00 5.13 26.29
N SER C 239 0.98 5.97 26.36
CA SER C 239 -0.40 5.51 26.18
C SER C 239 -0.67 4.99 24.77
N LEU C 240 0.15 5.40 23.81
CA LEU C 240 0.00 4.92 22.45
C LEU C 240 0.48 3.46 22.36
N ARG C 241 1.22 3.03 23.39
CA ARG C 241 1.65 1.65 23.58
C ARG C 241 2.52 1.11 22.44
N GLY C 242 3.31 1.99 21.84
CA GLY C 242 4.20 1.57 20.77
C GLY C 242 5.65 1.47 21.22
N PRO C 243 6.59 1.46 20.25
CA PRO C 243 8.01 1.43 20.57
C PRO C 243 8.47 2.80 21.05
N ARG C 244 9.68 2.86 21.57
CA ARG C 244 10.23 4.12 22.03
CA ARG C 244 10.25 4.12 22.03
C ARG C 244 10.72 4.97 20.85
N GLY C 245 10.11 6.13 20.68
CA GLY C 245 10.48 7.03 19.60
C GLY C 245 9.52 8.20 19.54
N GLY C 246 9.64 9.02 18.51
CA GLY C 246 8.80 10.19 18.37
C GLY C 246 8.16 10.33 16.99
N VAL C 247 7.17 11.20 16.92
CA VAL C 247 6.46 11.50 15.69
C VAL C 247 6.14 12.98 15.70
N ILE C 248 6.25 13.63 14.54
CA ILE C 248 5.73 14.98 14.37
C ILE C 248 4.54 14.95 13.43
N LEU C 249 3.43 15.53 13.86
CA LEU C 249 2.30 15.79 13.00
C LEU C 249 2.27 17.28 12.68
N MET C 250 2.04 17.62 11.41
CA MET C 250 2.02 19.04 11.05
C MET C 250 1.00 19.33 9.96
N LYS C 251 0.58 20.60 9.89
CA LYS C 251 -0.27 21.04 8.79
C LYS C 251 0.53 20.98 7.50
N ALA C 252 -0.17 20.87 6.37
CA ALA C 252 0.47 20.66 5.08
C ALA C 252 1.47 21.75 4.75
N GLU C 253 1.18 22.98 5.17
CA GLU C 253 2.04 24.11 4.84
C GLU C 253 3.41 24.05 5.53
N TYR C 254 3.53 23.22 6.56
CA TYR C 254 4.80 23.10 7.28
C TYR C 254 5.50 21.78 6.99
N GLU C 255 5.03 21.07 5.96
CA GLU C 255 5.58 19.77 5.62
C GLU C 255 7.05 19.87 5.23
N LYS C 256 7.37 20.83 4.37
CA LYS C 256 8.75 20.98 3.89
C LYS C 256 9.73 21.36 5.01
N PRO C 257 9.44 22.42 5.78
CA PRO C 257 10.46 22.74 6.79
C PRO C 257 10.58 21.67 7.87
N ILE C 258 9.49 20.98 8.19
CA ILE C 258 9.56 19.93 9.21
C ILE C 258 10.40 18.74 8.73
N ASN C 259 10.13 18.25 7.53
CA ASN C 259 10.89 17.12 6.99
C ASN C 259 12.36 17.48 6.83
N SER C 260 12.65 18.70 6.39
CA SER C 260 14.02 19.16 6.23
C SER C 260 14.71 19.33 7.58
N ALA C 261 13.94 19.67 8.61
CA ALA C 261 14.50 19.87 9.94
C ALA C 261 14.92 18.55 10.57
N ILE C 262 14.09 17.53 10.37
CA ILE C 262 14.43 16.21 10.90
C ILE C 262 15.62 15.68 10.15
N PHE C 263 15.60 15.81 8.83
CA PHE C 263 16.76 15.45 8.04
C PHE C 263 16.91 16.35 6.81
N PRO C 264 18.11 16.91 6.58
CA PRO C 264 19.36 16.67 7.32
C PRO C 264 19.60 17.62 8.49
N GLY C 265 18.53 18.21 9.03
CA GLY C 265 18.67 19.20 10.08
C GLY C 265 19.27 18.69 11.39
N ILE C 266 18.60 17.75 12.05
CA ILE C 266 19.03 17.33 13.37
C ILE C 266 19.22 15.83 13.54
N GLN C 267 18.88 15.06 12.50
CA GLN C 267 19.14 13.63 12.53
C GLN C 267 19.82 13.20 11.23
N GLY C 268 20.25 11.94 11.20
CA GLY C 268 20.83 11.36 10.00
C GLY C 268 19.97 10.19 9.57
N GLY C 269 20.57 9.00 9.52
CA GLY C 269 19.83 7.79 9.19
C GLY C 269 18.77 7.45 10.22
N PRO C 270 17.52 7.29 9.77
CA PRO C 270 16.44 6.89 10.69
C PRO C 270 16.58 5.44 11.15
N LEU C 271 15.99 5.13 12.30
CA LEU C 271 15.97 3.75 12.79
C LEU C 271 14.83 3.00 12.13
N MET C 272 15.11 2.37 10.99
CA MET C 272 14.04 1.76 10.19
C MET C 272 13.35 0.61 10.90
N HIS C 273 14.07 -0.07 11.79
CA HIS C 273 13.49 -1.17 12.53
C HIS C 273 12.49 -0.64 13.55
N VAL C 274 12.79 0.52 14.13
CA VAL C 274 11.88 1.15 15.09
C VAL C 274 10.68 1.74 14.35
N ILE C 275 10.92 2.27 13.14
CA ILE C 275 9.84 2.81 12.32
C ILE C 275 8.85 1.72 11.95
N ALA C 276 9.35 0.53 11.67
CA ALA C 276 8.51 -0.64 11.43
C ALA C 276 7.66 -0.96 12.66
N ALA C 277 8.29 -0.90 13.83
CA ALA C 277 7.60 -1.13 15.09
C ALA C 277 6.54 -0.05 15.33
N LYS C 278 6.83 1.18 14.92
CA LYS C 278 5.86 2.26 15.01
C LYS C 278 4.64 1.93 14.16
N ALA C 279 4.88 1.42 12.95
CA ALA C 279 3.83 1.04 12.03
C ALA C 279 2.96 -0.07 12.62
N VAL C 280 3.58 -1.05 13.27
CA VAL C 280 2.84 -2.13 13.90
C VAL C 280 1.98 -1.57 15.02
N ALA C 281 2.56 -0.66 15.80
CA ALA C 281 1.84 -0.03 16.90
C ALA C 281 0.64 0.77 16.42
N PHE C 282 0.79 1.45 15.29
CA PHE C 282 -0.30 2.26 14.73
C PHE C 282 -1.42 1.36 14.23
N LYS C 283 -1.04 0.22 13.67
CA LYS C 283 -2.02 -0.77 13.22
CA LYS C 283 -2.01 -0.78 13.22
C LYS C 283 -2.85 -1.26 14.40
N GLU C 284 -2.19 -1.53 15.52
CA GLU C 284 -2.89 -1.96 16.73
C GLU C 284 -3.81 -0.85 17.23
N ALA C 285 -3.35 0.39 17.13
CA ALA C 285 -4.08 1.54 17.63
C ALA C 285 -5.32 1.87 16.80
N LEU C 286 -5.37 1.34 15.58
CA LEU C 286 -6.52 1.57 14.68
C LEU C 286 -7.67 0.59 14.94
N SER C 287 -7.40 -0.45 15.72
CA SER C 287 -8.39 -1.50 15.98
C SER C 287 -9.47 -1.05 16.97
N PRO C 288 -10.64 -1.71 16.93
CA PRO C 288 -11.67 -1.45 17.94
C PRO C 288 -11.19 -1.82 19.34
N GLU C 289 -10.33 -2.84 19.43
CA GLU C 289 -9.80 -3.31 20.70
C GLU C 289 -9.00 -2.24 21.44
N PHE C 290 -8.35 -1.36 20.66
CA PHE C 290 -7.56 -0.30 21.26
C PHE C 290 -8.45 0.75 21.90
N LYS C 291 -9.56 1.08 21.24
CA LYS C 291 -10.50 2.03 21.79
CA LYS C 291 -10.51 2.03 21.78
C LYS C 291 -11.09 1.50 23.10
N GLU C 292 -11.38 0.21 23.11
CA GLU C 292 -11.88 -0.47 24.31
C GLU C 292 -10.81 -0.45 25.42
N TYR C 293 -9.55 -0.62 25.04
CA TYR C 293 -8.45 -0.54 25.98
C TYR C 293 -8.39 0.86 26.62
N GLN C 294 -8.46 1.89 25.79
CA GLN C 294 -8.35 3.25 26.30
C GLN C 294 -9.56 3.68 27.11
N GLN C 295 -10.72 3.10 26.82
CA GLN C 295 -11.90 3.39 27.64
C GLN C 295 -11.65 2.84 29.05
N LYS C 296 -11.04 1.67 29.13
CA LYS C 296 -10.70 1.07 30.41
C LYS C 296 -9.59 1.85 31.11
N VAL C 297 -8.69 2.46 30.32
CA VAL C 297 -7.64 3.29 30.89
C VAL C 297 -8.23 4.49 31.65
N VAL C 298 -9.16 5.19 31.01
CA VAL C 298 -9.82 6.33 31.65
C VAL C 298 -10.64 5.90 32.88
N GLU C 299 -11.36 4.78 32.74
CA GLU C 299 -12.15 4.26 33.84
C GLU C 299 -11.27 3.88 35.04
N ASN C 300 -10.20 3.13 34.79
CA ASN C 300 -9.33 2.71 35.87
C ASN C 300 -8.68 3.90 36.58
N ALA C 301 -8.31 4.92 35.81
CA ALA C 301 -7.72 6.12 36.39
C ALA C 301 -8.72 6.81 37.31
N ARG C 302 -9.97 6.91 36.86
CA ARG C 302 -10.99 7.57 37.67
CA ARG C 302 -11.01 7.56 37.66
C ARG C 302 -11.24 6.81 38.97
N VAL C 303 -11.34 5.48 38.86
CA VAL C 303 -11.57 4.64 40.03
C VAL C 303 -10.41 4.74 41.02
N LEU C 304 -9.19 4.77 40.50
CA LEU C 304 -8.00 4.92 41.33
C LEU C 304 -8.01 6.26 42.08
N ALA C 305 -8.34 7.33 41.38
CA ALA C 305 -8.44 8.64 42.01
C ALA C 305 -9.59 8.67 43.03
N GLU C 306 -10.71 8.06 42.67
CA GLU C 306 -11.86 8.01 43.57
C GLU C 306 -11.52 7.29 44.88
N THR C 307 -10.78 6.18 44.76
CA THR C 307 -10.42 5.37 45.91
C THR C 307 -9.48 6.13 46.86
N LEU C 308 -8.50 6.83 46.29
CA LEU C 308 -7.56 7.60 47.09
C LEU C 308 -8.26 8.74 47.85
N VAL C 309 -9.25 9.35 47.21
CA VAL C 309 -10.01 10.41 47.86
C VAL C 309 -10.80 9.86 49.05
N LYS C 310 -11.37 8.67 48.87
CA LYS C 310 -12.09 7.99 49.95
C LYS C 310 -11.17 7.71 51.13
N ARG C 311 -9.89 7.50 50.84
CA ARG C 311 -8.91 7.18 51.88
C ARG C 311 -8.26 8.44 52.46
N GLY C 312 -8.69 9.62 52.01
CA GLY C 312 -8.25 10.86 52.62
C GLY C 312 -7.20 11.65 51.86
N LEU C 313 -6.79 11.15 50.71
CA LEU C 313 -5.79 11.84 49.89
C LEU C 313 -6.47 12.91 49.04
N ARG C 314 -5.68 13.78 48.42
CA ARG C 314 -6.24 14.80 47.55
C ARG C 314 -5.66 14.69 46.13
N ILE C 315 -6.52 14.90 45.14
CA ILE C 315 -6.11 14.88 43.75
C ILE C 315 -5.93 16.30 43.23
N VAL C 316 -4.76 16.60 42.67
CA VAL C 316 -4.55 17.90 42.04
C VAL C 316 -5.58 18.09 40.93
N SER C 317 -6.14 19.30 40.83
CA SER C 317 -7.24 19.67 39.93
C SER C 317 -8.58 19.11 40.39
N GLY C 318 -8.57 18.35 41.48
CA GLY C 318 -9.80 17.84 42.07
C GLY C 318 -10.40 16.61 41.38
N ARG C 319 -9.87 16.27 40.21
CA ARG C 319 -10.38 15.13 39.45
C ARG C 319 -9.41 14.77 38.32
N THR C 320 -9.61 13.62 37.70
CA THR C 320 -8.90 13.30 36.47
C THR C 320 -9.89 13.10 35.32
N GLU C 321 -9.47 13.52 34.13
CA GLU C 321 -10.23 13.35 32.90
C GLU C 321 -9.35 12.62 31.88
N SER C 322 -8.39 11.86 32.38
CA SER C 322 -7.43 11.20 31.51
C SER C 322 -6.87 9.91 32.11
N HIS C 323 -5.60 9.66 31.82
CA HIS C 323 -4.90 8.45 32.26
C HIS C 323 -4.12 8.69 33.54
N VAL C 324 -3.94 9.95 33.90
CA VAL C 324 -2.97 10.35 34.92
C VAL C 324 -3.60 11.16 36.04
N MET C 325 -2.97 11.15 37.21
CA MET C 325 -3.37 11.99 38.33
C MET C 325 -2.15 12.40 39.16
N LEU C 326 -2.24 13.56 39.80
CA LEU C 326 -1.21 14.01 40.71
C LEU C 326 -1.77 14.01 42.12
N VAL C 327 -1.19 13.21 43.00
CA VAL C 327 -1.73 13.02 44.35
C VAL C 327 -1.03 13.88 45.40
N ASP C 328 -1.78 14.76 46.05
CA ASP C 328 -1.29 15.56 47.16
C ASP C 328 -1.21 14.71 48.42
N LEU C 329 -0.01 14.53 48.97
CA LEU C 329 0.20 13.58 50.06
C LEU C 329 0.19 14.19 51.46
N ARG C 330 0.02 15.51 51.53
CA ARG C 330 0.23 16.24 52.78
C ARG C 330 -0.66 15.80 53.93
N ALA C 331 -1.85 15.29 53.63
CA ALA C 331 -2.78 14.85 54.67
C ALA C 331 -2.27 13.62 55.41
N LYS C 332 -1.35 12.88 54.79
CA LYS C 332 -0.81 11.68 55.42
C LYS C 332 0.60 11.94 55.98
N HIS C 333 1.03 13.20 55.90
CA HIS C 333 2.32 13.64 56.47
C HIS C 333 3.48 12.80 55.95
N ILE C 334 3.53 12.66 54.63
CA ILE C 334 4.58 11.90 53.98
C ILE C 334 5.01 12.63 52.71
N THR C 335 6.31 12.62 52.43
CA THR C 335 6.82 13.26 51.22
C THR C 335 6.68 12.34 50.02
N GLY C 336 6.76 12.90 48.82
CA GLY C 336 6.69 12.11 47.61
C GLY C 336 7.86 11.14 47.54
N LYS C 337 9.02 11.62 47.96
CA LYS C 337 10.23 10.80 47.96
C LYS C 337 10.06 9.59 48.88
N ALA C 338 9.54 9.83 50.08
CA ALA C 338 9.33 8.76 51.06
C ALA C 338 8.22 7.82 50.58
N ALA C 339 7.18 8.40 49.98
CA ALA C 339 6.07 7.61 49.47
C ALA C 339 6.55 6.71 48.35
N GLU C 340 7.35 7.25 47.44
CA GLU C 340 7.87 6.48 46.32
C GLU C 340 8.69 5.30 46.80
N ALA C 341 9.54 5.52 47.80
CA ALA C 341 10.40 4.47 48.34
C ALA C 341 9.57 3.39 49.03
N ALA C 342 8.63 3.79 49.88
CA ALA C 342 7.83 2.83 50.63
C ALA C 342 6.97 1.99 49.68
N LEU C 343 6.34 2.66 48.71
CA LEU C 343 5.51 1.98 47.73
C LEU C 343 6.36 1.01 46.92
N GLY C 344 7.58 1.42 46.61
CA GLY C 344 8.51 0.56 45.88
C GLY C 344 8.81 -0.72 46.63
N ALA C 345 8.97 -0.61 47.95
CA ALA C 345 9.22 -1.77 48.79
C ALA C 345 8.05 -2.74 48.77
N ALA C 346 6.85 -2.20 48.53
CA ALA C 346 5.64 -3.01 48.46
C ALA C 346 5.32 -3.42 47.02
N HIS C 347 6.31 -3.28 46.14
CA HIS C 347 6.22 -3.64 44.73
C HIS C 347 5.16 -2.86 43.95
N ILE C 348 5.00 -1.59 44.33
CA ILE C 348 4.17 -0.66 43.58
C ILE C 348 5.05 0.50 43.07
N THR C 349 5.16 0.62 41.76
CA THR C 349 6.05 1.62 41.17
C THR C 349 5.31 2.90 40.82
N VAL C 350 5.70 3.98 41.48
CA VAL C 350 5.16 5.31 41.22
C VAL C 350 6.34 6.26 41.11
N ASN C 351 6.12 7.53 40.82
CA ASN C 351 7.22 8.48 40.98
C ASN C 351 6.79 9.74 41.71
N LYS C 352 7.71 10.25 42.52
CA LYS C 352 7.51 11.52 43.23
C LYS C 352 7.28 12.63 42.22
N ASN C 353 6.52 13.64 42.62
CA ASN C 353 6.21 14.73 41.71
C ASN C 353 5.77 15.95 42.49
N ALA C 354 6.35 17.11 42.16
CA ALA C 354 5.99 18.36 42.83
C ALA C 354 4.54 18.72 42.55
N ILE C 355 3.86 19.23 43.56
CA ILE C 355 2.50 19.71 43.40
C ILE C 355 2.56 21.22 43.24
N PRO C 356 1.47 21.84 42.75
CA PRO C 356 1.45 23.32 42.73
C PRO C 356 1.69 23.91 44.11
N ASN C 357 2.58 24.89 44.19
CA ASN C 357 2.96 25.52 45.46
C ASN C 357 3.48 24.51 46.47
N ASP C 358 4.32 23.59 45.99
CA ASP C 358 4.88 22.55 46.85
C ASP C 358 5.83 23.15 47.89
N PRO C 359 5.56 22.90 49.17
CA PRO C 359 6.40 23.40 50.27
C PRO C 359 7.72 22.67 50.41
N GLU C 360 7.89 21.57 49.68
CA GLU C 360 9.09 20.77 49.76
C GLU C 360 10.07 21.08 48.63
N LYS C 361 11.31 20.67 48.81
CA LYS C 361 12.33 20.82 47.78
C LYS C 361 11.97 19.98 46.57
N PRO C 362 12.38 20.42 45.36
CA PRO C 362 12.05 19.72 44.11
C PRO C 362 12.43 18.24 44.10
N PHE C 363 13.47 17.88 44.83
CA PHE C 363 13.92 16.49 44.88
C PHE C 363 13.22 15.72 46.01
N VAL C 364 12.34 16.40 46.73
CA VAL C 364 11.60 15.77 47.82
C VAL C 364 10.11 15.69 47.47
N THR C 365 9.52 16.84 47.15
CA THR C 365 8.11 16.97 46.72
C THR C 365 7.08 16.57 47.77
N SER C 366 5.82 16.91 47.50
CA SER C 366 4.72 16.59 48.38
C SER C 366 3.70 15.68 47.68
N GLY C 367 4.11 15.05 46.59
CA GLY C 367 3.17 14.26 45.81
C GLY C 367 3.74 13.08 45.05
N ILE C 368 2.84 12.27 44.50
CA ILE C 368 3.23 11.19 43.60
C ILE C 368 2.35 11.21 42.35
N ARG C 369 2.94 10.91 41.21
CA ARG C 369 2.19 10.85 39.96
C ARG C 369 1.80 9.39 39.69
N LEU C 370 0.52 9.18 39.41
CA LEU C 370 -0.01 7.85 39.12
C LEU C 370 -0.66 7.80 37.74
N GLY C 371 -0.46 6.69 37.05
CA GLY C 371 -1.10 6.47 35.77
C GLY C 371 -1.62 5.05 35.62
N SER C 372 -2.69 4.90 34.83
CA SER C 372 -3.32 3.60 34.59
C SER C 372 -2.99 2.81 33.30
N PRO C 373 -2.25 3.40 32.32
CA PRO C 373 -2.07 2.62 31.08
C PRO C 373 -1.45 1.23 31.24
N ALA C 374 -0.40 1.13 32.05
CA ALA C 374 0.31 -0.14 32.20
C ALA C 374 -0.55 -1.21 32.87
N MET C 375 -1.16 -0.87 34.00
CA MET C 375 -1.93 -1.87 34.72
C MET C 375 -3.16 -2.26 33.91
N THR C 376 -3.68 -1.33 33.10
CA THR C 376 -4.82 -1.66 32.26
C THR C 376 -4.41 -2.62 31.16
N THR C 377 -3.20 -2.44 30.62
CA THR C 377 -2.72 -3.32 29.56
C THR C 377 -2.62 -4.77 30.05
N ARG C 378 -2.16 -4.97 31.28
CA ARG C 378 -2.02 -6.33 31.81
C ARG C 378 -3.35 -6.88 32.33
N GLY C 379 -4.41 -6.11 32.15
CA GLY C 379 -5.76 -6.63 32.34
C GLY C 379 -6.53 -6.17 33.56
N PHE C 380 -6.01 -5.19 34.30
CA PHE C 380 -6.70 -4.70 35.48
C PHE C 380 -8.03 -4.02 35.10
N GLY C 381 -9.07 -4.30 35.87
CA GLY C 381 -10.36 -3.65 35.69
C GLY C 381 -10.69 -2.76 36.88
N PRO C 382 -11.93 -2.24 36.94
CA PRO C 382 -12.35 -1.34 38.02
C PRO C 382 -12.08 -1.89 39.42
N ALA C 383 -12.36 -3.16 39.62
CA ALA C 383 -12.19 -3.79 40.92
C ALA C 383 -10.73 -3.80 41.37
N GLU C 384 -9.83 -4.13 40.44
CA GLU C 384 -8.41 -4.15 40.73
C GLU C 384 -7.89 -2.74 40.96
N ALA C 385 -8.39 -1.80 40.18
CA ALA C 385 -7.99 -0.41 40.32
C ALA C 385 -8.34 0.11 41.71
N GLU C 386 -9.50 -0.30 42.22
CA GLU C 386 -9.91 0.10 43.55
C GLU C 386 -9.04 -0.57 44.62
N GLN C 387 -8.71 -1.85 44.40
CA GLN C 387 -7.85 -2.57 45.33
CA GLN C 387 -7.85 -2.56 45.34
C GLN C 387 -6.49 -1.91 45.42
N VAL C 388 -5.93 -1.56 44.25
CA VAL C 388 -4.61 -0.92 44.19
C VAL C 388 -4.61 0.41 44.93
N GLY C 389 -5.70 1.17 44.75
CA GLY C 389 -5.85 2.45 45.43
C GLY C 389 -5.79 2.26 46.94
N ASN C 390 -6.51 1.27 47.44
CA ASN C 390 -6.51 0.97 48.87
C ASN C 390 -5.15 0.45 49.36
N LEU C 391 -4.48 -0.34 48.53
CA LEU C 391 -3.15 -0.84 48.86
C LEU C 391 -2.16 0.31 48.98
N ILE C 392 -2.27 1.29 48.08
CA ILE C 392 -1.44 2.48 48.13
C ILE C 392 -1.64 3.25 49.42
N ALA C 393 -2.90 3.48 49.78
CA ALA C 393 -3.23 4.23 50.99
C ALA C 393 -2.71 3.51 52.24
N ASP C 394 -2.78 2.18 52.23
CA ASP C 394 -2.29 1.37 53.35
C ASP C 394 -0.81 1.63 53.62
N VAL C 395 -0.04 1.72 52.56
CA VAL C 395 1.39 1.99 52.70
C VAL C 395 1.64 3.42 53.14
N LEU C 396 0.89 4.35 52.56
CA LEU C 396 1.07 5.77 52.87
C LEU C 396 0.79 6.10 54.33
N GLU C 397 -0.14 5.36 54.94
CA GLU C 397 -0.52 5.63 56.32
C GLU C 397 0.44 4.98 57.32
N ASN C 398 1.29 4.07 56.83
CA ASN C 398 2.29 3.42 57.67
C ASN C 398 3.49 2.94 56.85
N PRO C 399 4.28 3.88 56.31
CA PRO C 399 5.28 3.58 55.28
C PRO C 399 6.49 2.77 55.76
N GLU C 400 6.79 2.81 57.06
CA GLU C 400 7.99 2.14 57.53
C GLU C 400 7.69 0.93 58.40
N ASP C 401 6.41 0.57 58.48
CA ASP C 401 6.01 -0.61 59.24
C ASP C 401 6.20 -1.85 58.38
N ALA C 402 7.15 -2.69 58.78
CA ALA C 402 7.54 -3.85 58.00
C ALA C 402 6.36 -4.79 57.78
N ALA C 403 5.50 -4.90 58.79
CA ALA C 403 4.34 -5.78 58.71
C ALA C 403 3.34 -5.28 57.68
N THR C 404 3.20 -3.96 57.55
CA THR C 404 2.29 -3.38 56.59
C THR C 404 2.81 -3.57 55.16
N ILE C 405 4.10 -3.32 54.97
CA ILE C 405 4.73 -3.51 53.67
C ILE C 405 4.62 -4.97 53.23
N GLU C 406 4.82 -5.87 54.19
CA GLU C 406 4.75 -7.29 53.90
CA GLU C 406 4.75 -7.29 53.91
C GLU C 406 3.36 -7.71 53.45
N ARG C 407 2.33 -7.22 54.16
CA ARG C 407 0.95 -7.56 53.81
C ARG C 407 0.58 -7.05 52.44
N VAL C 408 0.99 -5.83 52.13
CA VAL C 408 0.70 -5.22 50.84
C VAL C 408 1.47 -5.93 49.72
N ARG C 409 2.73 -6.23 49.97
CA ARG C 409 3.55 -6.92 48.97
C ARG C 409 2.96 -8.30 48.68
N ALA C 410 2.39 -8.93 49.71
CA ALA C 410 1.77 -10.24 49.56
C ALA C 410 0.51 -10.15 48.69
N GLN C 411 -0.26 -9.08 48.86
CA GLN C 411 -1.47 -8.89 48.06
C GLN C 411 -1.12 -8.48 46.62
N VAL C 412 -0.06 -7.69 46.47
CA VAL C 412 0.41 -7.31 45.14
C VAL C 412 0.81 -8.56 44.37
N ALA C 413 1.45 -9.50 45.06
CA ALA C 413 1.86 -10.76 44.46
C ALA C 413 0.67 -11.55 43.92
N GLU C 414 -0.45 -11.50 44.65
CA GLU C 414 -1.66 -12.18 44.22
C GLU C 414 -2.20 -11.58 42.93
N LEU C 415 -2.10 -10.26 42.81
CA LEU C 415 -2.57 -9.57 41.62
C LEU C 415 -1.70 -9.86 40.40
N THR C 416 -0.38 -9.80 40.58
CA THR C 416 0.55 -9.96 39.47
C THR C 416 0.55 -11.38 38.93
N LYS C 417 0.34 -12.35 39.82
CA LYS C 417 0.23 -13.75 39.41
C LYS C 417 -1.07 -13.96 38.61
N ARG C 418 -2.12 -13.27 39.04
CA ARG C 418 -3.42 -13.38 38.39
C ARG C 418 -3.46 -12.64 37.05
N PHE C 419 -2.69 -11.56 36.95
CA PHE C 419 -2.65 -10.77 35.71
C PHE C 419 -1.23 -10.66 35.15
N PRO C 420 -0.73 -11.75 34.55
CA PRO C 420 0.63 -11.71 33.98
C PRO C 420 0.71 -10.75 32.80
N VAL C 421 1.88 -10.16 32.58
CA VAL C 421 2.03 -9.21 31.49
C VAL C 421 2.21 -9.93 30.17
N TYR C 422 3.23 -10.78 30.10
CA TYR C 422 3.51 -11.54 28.89
C TYR C 422 3.35 -13.04 29.12
N ARG C 423 2.47 -13.65 28.34
CA ARG C 423 2.23 -15.09 28.46
C ARG C 423 3.02 -15.85 27.40
N HIS D 8 -12.96 -1.92 -48.54
CA HIS D 8 -12.05 -2.36 -47.50
C HIS D 8 -12.81 -2.93 -46.30
N MET D 9 -12.07 -3.60 -45.41
CA MET D 9 -12.67 -4.18 -44.21
C MET D 9 -12.96 -3.14 -43.15
N PHE D 10 -12.58 -1.89 -43.43
CA PHE D 10 -12.80 -0.81 -42.47
C PHE D 10 -13.47 0.39 -43.14
N ASP D 11 -14.23 0.13 -44.19
CA ASP D 11 -15.11 1.13 -44.77
C ASP D 11 -16.48 0.89 -44.14
N ARG D 12 -17.03 1.92 -43.52
CA ARG D 12 -18.31 1.77 -42.81
C ARG D 12 -19.45 1.44 -43.76
N ALA D 13 -19.24 1.72 -45.05
CA ALA D 13 -20.25 1.41 -46.06
C ALA D 13 -20.20 -0.07 -46.46
N GLN D 14 -19.03 -0.69 -46.30
CA GLN D 14 -18.85 -2.08 -46.72
C GLN D 14 -18.87 -3.05 -45.52
N SER D 15 -18.30 -2.63 -44.40
CA SER D 15 -18.24 -3.50 -43.22
C SER D 15 -19.50 -3.35 -42.37
N THR D 16 -20.62 -3.89 -42.87
CA THR D 16 -21.85 -3.96 -42.08
C THR D 16 -21.99 -5.43 -41.68
N ILE D 17 -22.83 -5.71 -40.68
CA ILE D 17 -22.97 -7.07 -40.20
C ILE D 17 -23.45 -7.97 -41.33
N ALA D 18 -24.39 -7.46 -42.12
CA ALA D 18 -24.97 -8.23 -43.23
C ALA D 18 -23.90 -8.61 -44.27
N ASN D 19 -23.02 -7.68 -44.58
CA ASN D 19 -21.97 -7.94 -45.58
C ASN D 19 -20.89 -8.86 -45.05
N VAL D 20 -20.50 -8.68 -43.80
CA VAL D 20 -19.42 -9.44 -43.20
C VAL D 20 -19.88 -10.82 -42.69
N ASP D 21 -21.07 -10.86 -42.10
CA ASP D 21 -21.54 -12.05 -41.41
C ASP D 21 -23.05 -12.24 -41.55
N PRO D 22 -23.51 -12.80 -42.68
CA PRO D 22 -24.96 -12.98 -42.90
C PRO D 22 -25.64 -13.81 -41.79
N GLU D 23 -24.97 -14.83 -41.28
CA GLU D 23 -25.54 -15.67 -40.23
C GLU D 23 -25.83 -14.89 -38.95
N ILE D 24 -24.87 -14.10 -38.50
CA ILE D 24 -25.05 -13.29 -37.29
C ILE D 24 -26.11 -12.21 -37.52
N PHE D 25 -26.08 -11.61 -38.72
CA PHE D 25 -27.09 -10.63 -39.10
C PHE D 25 -28.50 -11.18 -38.96
N ALA D 26 -28.71 -12.39 -39.48
CA ALA D 26 -30.02 -13.02 -39.45
C ALA D 26 -30.46 -13.29 -38.01
N ALA D 27 -29.53 -13.74 -37.17
CA ALA D 27 -29.85 -14.03 -35.78
C ALA D 27 -30.22 -12.76 -35.02
N ILE D 28 -29.47 -11.68 -35.25
CA ILE D 28 -29.77 -10.40 -34.61
C ILE D 28 -31.12 -9.84 -35.07
N GLU D 29 -31.41 -9.96 -36.36
CA GLU D 29 -32.68 -9.48 -36.90
C GLU D 29 -33.88 -10.21 -36.29
N GLN D 30 -33.74 -11.51 -36.08
CA GLN D 30 -34.79 -12.31 -35.47
C GLN D 30 -34.97 -11.95 -33.99
N GLU D 31 -33.87 -11.61 -33.32
CA GLU D 31 -33.95 -11.20 -31.92
C GLU D 31 -34.62 -9.82 -31.81
N ASN D 32 -34.35 -8.93 -32.77
CA ASN D 32 -35.02 -7.64 -32.82
C ASN D 32 -36.55 -7.84 -32.88
N ARG D 33 -36.98 -8.75 -33.73
CA ARG D 33 -38.39 -9.03 -33.92
C ARG D 33 -39.01 -9.74 -32.71
N ARG D 34 -38.22 -10.61 -32.07
CA ARG D 34 -38.67 -11.32 -30.88
C ARG D 34 -38.94 -10.33 -29.74
N GLN D 35 -38.07 -9.33 -29.61
CA GLN D 35 -38.26 -8.30 -28.59
C GLN D 35 -39.54 -7.50 -28.87
N GLU D 36 -39.88 -7.34 -30.15
CA GLU D 36 -41.12 -6.66 -30.54
C GLU D 36 -42.37 -7.52 -30.30
N ASP D 37 -42.29 -8.79 -30.69
CA ASP D 37 -43.47 -9.66 -30.75
C ASP D 37 -43.84 -10.37 -29.45
N HIS D 38 -43.09 -10.14 -28.39
CA HIS D 38 -43.35 -10.77 -27.11
C HIS D 38 -43.52 -9.74 -26.01
N ILE D 39 -44.44 -10.00 -25.09
CA ILE D 39 -44.57 -9.16 -23.91
C ILE D 39 -43.57 -9.66 -22.86
N GLU D 40 -42.58 -8.84 -22.58
CA GLU D 40 -41.50 -9.20 -21.68
C GLU D 40 -41.81 -8.81 -20.24
N LEU D 41 -41.94 -9.79 -19.36
CA LEU D 41 -42.26 -9.54 -17.95
C LEU D 41 -41.15 -10.01 -17.01
N ILE D 42 -40.02 -10.39 -17.59
CA ILE D 42 -38.86 -10.73 -16.77
C ILE D 42 -38.37 -9.47 -16.06
N ALA D 43 -38.34 -9.53 -14.74
CA ALA D 43 -38.17 -8.33 -13.91
C ALA D 43 -36.79 -7.69 -14.04
N SER D 44 -35.82 -8.43 -14.54
CA SER D 44 -34.46 -7.91 -14.64
C SER D 44 -34.17 -7.33 -16.03
N GLU D 45 -35.11 -7.46 -16.94
CA GLU D 45 -34.90 -6.98 -18.30
C GLU D 45 -35.58 -5.65 -18.58
N ASN D 46 -35.05 -4.95 -19.58
CA ASN D 46 -35.58 -3.67 -20.02
C ASN D 46 -35.20 -3.45 -21.48
N TYR D 47 -35.61 -2.33 -22.05
CA TYR D 47 -35.17 -1.96 -23.39
C TYR D 47 -34.40 -0.67 -23.28
N THR D 48 -33.10 -0.72 -23.57
CA THR D 48 -32.27 0.47 -23.41
C THR D 48 -32.35 1.32 -24.68
N SER D 49 -32.05 2.61 -24.56
CA SER D 49 -32.28 3.55 -25.67
C SER D 49 -31.30 3.37 -26.80
N PRO D 50 -31.68 3.81 -28.02
CA PRO D 50 -30.74 3.81 -29.15
C PRO D 50 -29.46 4.59 -28.84
N ALA D 51 -29.55 5.68 -28.08
CA ALA D 51 -28.37 6.47 -27.73
C ALA D 51 -27.40 5.68 -26.86
N VAL D 52 -27.94 4.90 -25.92
CA VAL D 52 -27.10 4.04 -25.08
C VAL D 52 -26.41 2.99 -25.95
N MET D 53 -27.18 2.32 -26.80
CA MET D 53 -26.62 1.30 -27.67
C MET D 53 -25.58 1.90 -28.61
N ALA D 54 -25.83 3.11 -29.09
CA ALA D 54 -24.89 3.77 -30.00
C ALA D 54 -23.57 4.03 -29.30
N ALA D 55 -23.63 4.31 -28.00
CA ALA D 55 -22.43 4.61 -27.25
C ALA D 55 -21.54 3.38 -27.14
N GLN D 56 -22.11 2.21 -26.83
CA GLN D 56 -21.27 1.04 -26.70
C GLN D 56 -21.00 0.40 -28.05
N GLY D 57 -21.53 1.01 -29.12
CA GLY D 57 -21.17 0.61 -30.46
C GLY D 57 -20.13 1.54 -31.07
N SER D 58 -19.48 2.33 -30.22
CA SER D 58 -18.52 3.33 -30.68
C SER D 58 -17.09 2.80 -30.75
N GLN D 59 -16.17 3.66 -31.20
CA GLN D 59 -14.77 3.29 -31.34
C GLN D 59 -14.03 3.27 -30.01
N LEU D 60 -14.73 3.58 -28.92
CA LEU D 60 -14.12 3.59 -27.60
C LEU D 60 -13.72 2.18 -27.17
N THR D 61 -14.22 1.19 -27.89
CA THR D 61 -13.81 -0.19 -27.65
C THR D 61 -12.32 -0.41 -28.01
N ASN D 62 -11.74 0.52 -28.79
CA ASN D 62 -10.36 0.35 -29.22
C ASN D 62 -9.31 0.84 -28.20
N LYS D 63 -9.77 1.41 -27.08
CA LYS D 63 -8.84 2.05 -26.14
C LYS D 63 -8.56 1.26 -24.86
N TYR D 64 -7.28 1.04 -24.59
CA TYR D 64 -6.85 0.52 -23.29
C TYR D 64 -6.69 1.67 -22.32
N ALA D 65 -7.43 1.60 -21.21
CA ALA D 65 -7.42 2.70 -20.24
C ALA D 65 -7.32 2.20 -18.80
N GLU D 66 -6.38 1.29 -18.56
CA GLU D 66 -6.09 0.82 -17.21
C GLU D 66 -5.83 1.99 -16.28
N GLY D 67 -6.42 1.96 -15.10
CA GLY D 67 -6.28 3.05 -14.15
C GLY D 67 -7.57 3.84 -14.04
N TYR D 68 -7.44 5.10 -13.67
CA TYR D 68 -8.61 5.96 -13.44
C TYR D 68 -8.36 7.33 -14.07
N PRO D 69 -9.43 8.13 -14.27
CA PRO D 69 -9.29 9.45 -14.90
C PRO D 69 -8.14 10.28 -14.32
N GLY D 70 -7.23 10.72 -15.18
CA GLY D 70 -6.10 11.53 -14.74
C GLY D 70 -5.02 10.70 -14.08
N LYS D 71 -5.26 9.40 -13.97
CA LYS D 71 -4.32 8.47 -13.33
C LYS D 71 -4.23 7.16 -14.12
N ARG D 72 -4.04 7.26 -15.44
CA ARG D 72 -3.98 6.08 -16.30
C ARG D 72 -2.54 5.56 -16.42
N TYR D 73 -2.38 4.31 -16.83
CA TYR D 73 -1.06 3.79 -17.13
C TYR D 73 -0.59 4.31 -18.48
N TYR D 74 -1.51 4.38 -19.44
CA TYR D 74 -1.16 4.78 -20.80
C TYR D 74 -1.55 6.22 -21.12
N GLY D 75 -0.93 6.78 -22.15
CA GLY D 75 -1.26 8.11 -22.59
C GLY D 75 -2.47 8.07 -23.50
N GLY D 76 -2.91 9.24 -23.97
CA GLY D 76 -4.01 9.33 -24.90
C GLY D 76 -5.39 9.08 -24.32
N CYS D 77 -5.53 9.15 -22.99
CA CYS D 77 -6.81 8.86 -22.38
C CYS D 77 -7.63 10.12 -22.06
N GLU D 78 -7.25 11.26 -22.64
CA GLU D 78 -7.90 12.53 -22.32
C GLU D 78 -9.42 12.46 -22.51
N TYR D 79 -9.87 11.83 -23.59
CA TYR D 79 -11.27 11.86 -23.93
C TYR D 79 -12.08 10.75 -23.26
N VAL D 80 -11.46 9.59 -23.02
CA VAL D 80 -12.15 8.55 -22.27
C VAL D 80 -12.18 8.95 -20.79
N ASP D 81 -11.27 9.84 -20.39
CA ASP D 81 -11.29 10.42 -19.04
C ASP D 81 -12.51 11.33 -18.85
N VAL D 82 -12.83 12.12 -19.87
CA VAL D 82 -14.02 12.97 -19.83
C VAL D 82 -15.25 12.09 -19.69
N VAL D 83 -15.28 11.01 -20.47
CA VAL D 83 -16.36 10.04 -20.46
C VAL D 83 -16.54 9.35 -19.10
N GLU D 84 -15.48 8.78 -18.56
CA GLU D 84 -15.60 8.05 -17.29
C GLU D 84 -15.94 8.99 -16.12
N GLN D 85 -15.35 10.18 -16.09
CA GLN D 85 -15.58 11.10 -15.00
C GLN D 85 -17.02 11.61 -15.05
N LEU D 86 -17.55 11.80 -16.26
CA LEU D 86 -18.95 12.13 -16.43
C LEU D 86 -19.82 11.03 -15.87
N ALA D 87 -19.44 9.78 -16.14
CA ALA D 87 -20.18 8.63 -15.61
C ALA D 87 -20.17 8.62 -14.08
N ILE D 88 -18.98 8.85 -13.51
CA ILE D 88 -18.82 8.88 -12.06
C ILE D 88 -19.62 9.98 -11.40
N ASP D 89 -19.49 11.21 -11.92
CA ASP D 89 -20.17 12.36 -11.35
C ASP D 89 -21.69 12.21 -11.43
N ARG D 90 -22.18 11.71 -12.56
CA ARG D 90 -23.62 11.59 -12.75
C ARG D 90 -24.24 10.52 -11.86
N VAL D 91 -23.54 9.40 -11.69
CA VAL D 91 -24.08 8.32 -10.88
C VAL D 91 -23.97 8.69 -9.40
N LYS D 92 -23.00 9.55 -9.06
CA LYS D 92 -22.91 10.10 -7.71
C LYS D 92 -24.08 11.03 -7.45
N GLN D 93 -24.43 11.80 -8.47
CA GLN D 93 -25.53 12.76 -8.39
C GLN D 93 -26.88 12.05 -8.31
N LEU D 94 -27.00 10.95 -9.05
CA LEU D 94 -28.23 10.16 -9.06
C LEU D 94 -28.59 9.62 -7.69
N PHE D 95 -27.58 9.14 -6.96
CA PHE D 95 -27.84 8.43 -5.70
C PHE D 95 -27.28 9.12 -4.46
N GLY D 96 -26.65 10.27 -4.63
CA GLY D 96 -26.08 10.99 -3.51
C GLY D 96 -24.92 10.24 -2.86
N ALA D 97 -24.13 9.55 -3.67
CA ALA D 97 -23.01 8.76 -3.16
C ALA D 97 -21.76 9.62 -3.01
N GLU D 98 -20.95 9.30 -2.00
CA GLU D 98 -19.73 10.07 -1.75
C GLU D 98 -18.64 9.75 -2.76
N ALA D 99 -18.68 8.54 -3.31
CA ALA D 99 -17.72 8.12 -4.33
C ALA D 99 -18.31 7.01 -5.18
N ALA D 100 -17.70 6.76 -6.34
CA ALA D 100 -18.20 5.73 -7.22
C ALA D 100 -17.11 5.15 -8.12
N ASN D 101 -17.30 3.89 -8.49
CA ASN D 101 -16.46 3.21 -9.47
C ASN D 101 -17.38 2.67 -10.57
N VAL D 102 -17.18 3.15 -11.80
CA VAL D 102 -18.05 2.79 -12.91
C VAL D 102 -17.41 1.79 -13.87
N GLN D 103 -16.29 1.20 -13.48
CA GLN D 103 -15.63 0.20 -14.31
C GLN D 103 -16.12 -1.26 -14.20
N PRO D 104 -16.89 -1.66 -13.14
CA PRO D 104 -17.24 -3.09 -13.11
C PRO D 104 -17.92 -3.62 -14.37
N ASN D 105 -17.41 -4.75 -14.86
CA ASN D 105 -17.90 -5.36 -16.10
C ASN D 105 -19.32 -5.89 -16.00
N SER D 106 -19.77 -6.10 -14.77
CA SER D 106 -21.11 -6.63 -14.52
C SER D 106 -21.49 -6.36 -13.07
N GLY D 107 -22.71 -6.73 -12.69
CA GLY D 107 -23.11 -6.66 -11.30
C GLY D 107 -22.30 -7.65 -10.49
N SER D 108 -22.00 -8.81 -11.07
CA SER D 108 -21.20 -9.83 -10.38
C SER D 108 -19.79 -9.33 -10.06
N GLN D 109 -19.14 -8.69 -11.03
CA GLN D 109 -17.80 -8.16 -10.80
C GLN D 109 -17.84 -6.99 -9.82
N ALA D 110 -18.95 -6.26 -9.82
CA ALA D 110 -19.15 -5.18 -8.85
C ALA D 110 -19.15 -5.77 -7.44
N ASN D 111 -19.91 -6.85 -7.25
CA ASN D 111 -19.98 -7.52 -5.95
C ASN D 111 -18.65 -8.12 -5.56
N GLN D 112 -17.96 -8.73 -6.53
CA GLN D 112 -16.64 -9.30 -6.28
C GLN D 112 -15.63 -8.22 -5.92
N GLY D 113 -15.80 -7.03 -6.50
CA GLY D 113 -14.93 -5.91 -6.20
C GLY D 113 -15.00 -5.51 -4.74
N VAL D 114 -16.22 -5.41 -4.21
CA VAL D 114 -16.40 -5.08 -2.80
C VAL D 114 -15.77 -6.17 -1.93
N PHE D 115 -16.04 -7.42 -2.28
CA PHE D 115 -15.50 -8.56 -1.54
C PHE D 115 -13.99 -8.58 -1.55
N PHE D 116 -13.41 -8.33 -2.72
CA PHE D 116 -11.95 -8.36 -2.85
C PHE D 116 -11.31 -7.22 -2.07
N ALA D 117 -12.01 -6.09 -1.98
CA ALA D 117 -11.49 -4.92 -1.29
C ALA D 117 -11.45 -5.12 0.22
N MET D 118 -12.50 -5.73 0.76
CA MET D 118 -12.71 -5.73 2.21
C MET D 118 -12.53 -7.09 2.88
N LEU D 119 -12.50 -8.16 2.10
CA LEU D 119 -12.50 -9.50 2.67
C LEU D 119 -11.28 -10.33 2.30
N LYS D 120 -11.08 -11.40 3.06
CA LYS D 120 -10.11 -12.45 2.75
C LYS D 120 -10.87 -13.76 2.62
N PRO D 121 -10.38 -14.68 1.77
CA PRO D 121 -11.03 -15.99 1.61
C PRO D 121 -11.21 -16.71 2.94
N GLY D 122 -12.42 -17.17 3.21
CA GLY D 122 -12.69 -17.87 4.45
C GLY D 122 -13.43 -17.01 5.46
N ASP D 123 -13.50 -15.70 5.18
CA ASP D 123 -14.21 -14.78 6.06
C ASP D 123 -15.70 -15.10 6.08
N THR D 124 -16.36 -14.73 7.16
CA THR D 124 -17.79 -14.97 7.31
C THR D 124 -18.60 -13.80 6.78
N ILE D 125 -19.57 -14.10 5.91
CA ILE D 125 -20.48 -13.07 5.42
C ILE D 125 -21.93 -13.48 5.62
N MET D 126 -22.81 -12.48 5.63
CA MET D 126 -24.24 -12.74 5.67
C MET D 126 -24.87 -12.22 4.39
N GLY D 127 -25.81 -12.99 3.85
CA GLY D 127 -26.52 -12.60 2.66
C GLY D 127 -27.89 -13.26 2.65
N MET D 128 -28.79 -12.71 1.85
CA MET D 128 -30.12 -13.27 1.70
C MET D 128 -30.01 -14.60 0.94
N SER D 129 -30.69 -15.62 1.43
CA SER D 129 -30.65 -16.95 0.82
C SER D 129 -31.21 -16.93 -0.59
N LEU D 130 -30.68 -17.78 -1.45
CA LEU D 130 -31.16 -17.88 -2.82
C LEU D 130 -32.61 -18.37 -2.82
N ALA D 131 -32.95 -19.22 -1.87
CA ALA D 131 -34.28 -19.80 -1.82
C ALA D 131 -35.35 -18.78 -1.48
N HIS D 132 -34.97 -17.69 -0.83
CA HIS D 132 -35.94 -16.66 -0.45
C HIS D 132 -35.75 -15.36 -1.23
N GLY D 133 -35.01 -15.42 -2.34
CA GLY D 133 -34.94 -14.28 -3.23
C GLY D 133 -33.58 -13.62 -3.39
N GLY D 134 -32.57 -14.12 -2.69
CA GLY D 134 -31.22 -13.59 -2.80
C GLY D 134 -30.60 -13.92 -4.15
N HIS D 135 -29.46 -13.29 -4.45
CA HIS D 135 -28.77 -13.56 -5.70
C HIS D 135 -27.59 -14.51 -5.48
N LEU D 136 -27.14 -15.14 -6.56
CA LEU D 136 -25.99 -16.04 -6.55
C LEU D 136 -24.77 -15.45 -5.86
N THR D 137 -24.52 -14.17 -6.08
CA THR D 137 -23.34 -13.51 -5.53
C THR D 137 -23.53 -13.10 -4.08
N HIS D 138 -24.64 -13.55 -3.47
CA HIS D 138 -24.92 -13.23 -2.07
C HIS D 138 -24.66 -14.42 -1.16
N GLY D 139 -23.95 -15.42 -1.67
CA GLY D 139 -23.51 -16.53 -0.85
C GLY D 139 -23.82 -17.93 -1.36
N SER D 140 -24.19 -18.04 -2.63
CA SER D 140 -24.43 -19.35 -3.22
C SER D 140 -23.18 -20.22 -3.23
N PRO D 141 -23.31 -21.48 -2.80
CA PRO D 141 -22.19 -22.41 -2.72
C PRO D 141 -21.54 -22.74 -4.08
N VAL D 142 -22.26 -22.52 -5.17
CA VAL D 142 -21.72 -22.76 -6.51
C VAL D 142 -21.22 -21.46 -7.15
N ASN D 143 -21.39 -20.35 -6.43
CA ASN D 143 -20.81 -19.07 -6.82
C ASN D 143 -19.57 -18.84 -5.97
N MET D 144 -18.69 -17.93 -6.43
CA MET D 144 -17.48 -17.61 -5.68
C MET D 144 -17.80 -17.13 -4.27
N SER D 145 -18.90 -16.38 -4.13
CA SER D 145 -19.26 -15.76 -2.86
C SER D 145 -19.49 -16.79 -1.76
N GLY D 146 -19.94 -17.98 -2.14
CA GLY D 146 -20.25 -19.02 -1.17
C GLY D 146 -19.24 -20.15 -1.13
N LYS D 147 -18.42 -20.27 -2.18
CA LYS D 147 -17.44 -21.35 -2.24
C LYS D 147 -16.14 -20.96 -1.52
N TRP D 148 -15.75 -19.69 -1.62
CA TRP D 148 -14.51 -19.22 -1.03
C TRP D 148 -14.74 -18.41 0.26
N PHE D 149 -15.99 -18.35 0.71
CA PHE D 149 -16.31 -17.64 1.95
C PHE D 149 -17.29 -18.44 2.78
N ASN D 150 -17.30 -18.18 4.09
CA ASN D 150 -18.24 -18.82 5.00
C ASN D 150 -19.55 -18.04 5.02
N VAL D 151 -20.63 -18.67 4.57
CA VAL D 151 -21.89 -17.96 4.40
C VAL D 151 -22.95 -18.32 5.43
N VAL D 152 -23.48 -17.29 6.07
CA VAL D 152 -24.66 -17.43 6.93
C VAL D 152 -25.83 -16.69 6.29
N SER D 153 -26.85 -17.42 5.88
CA SER D 153 -27.93 -16.81 5.12
C SER D 153 -29.14 -16.48 5.99
N TYR D 154 -29.86 -15.44 5.60
CA TYR D 154 -31.10 -15.06 6.25
C TYR D 154 -32.21 -14.98 5.21
N GLY D 155 -33.45 -15.08 5.65
CA GLY D 155 -34.58 -15.08 4.73
C GLY D 155 -35.79 -14.31 5.23
N LEU D 156 -36.97 -14.78 4.85
CA LEU D 156 -38.22 -14.11 5.20
C LEU D 156 -38.86 -14.73 6.43
N ASN D 157 -39.78 -14.00 7.05
CA ASN D 157 -40.52 -14.54 8.18
C ASN D 157 -41.84 -15.14 7.71
N GLU D 158 -42.73 -15.43 8.65
CA GLU D 158 -44.02 -16.05 8.32
C GLU D 158 -44.87 -15.13 7.44
N ASN D 159 -44.69 -13.82 7.60
CA ASN D 159 -45.44 -12.84 6.80
C ASN D 159 -44.80 -12.60 5.44
N GLU D 160 -43.76 -13.37 5.13
CA GLU D 160 -43.00 -13.23 3.88
C GLU D 160 -42.41 -11.83 3.72
N ASP D 161 -42.04 -11.22 4.85
CA ASP D 161 -41.24 -10.01 4.85
C ASP D 161 -39.86 -10.40 5.37
N ILE D 162 -38.86 -9.55 5.17
CA ILE D 162 -37.52 -9.83 5.67
C ILE D 162 -37.54 -9.97 7.20
N ASP D 163 -36.99 -11.07 7.70
CA ASP D 163 -36.96 -11.33 9.14
C ASP D 163 -35.77 -10.63 9.79
N TYR D 164 -35.95 -9.36 10.12
CA TYR D 164 -34.86 -8.54 10.65
C TYR D 164 -34.39 -9.02 12.02
N ASP D 165 -35.31 -9.57 12.80
CA ASP D 165 -34.97 -10.11 14.11
C ASP D 165 -34.05 -11.33 13.99
N ALA D 166 -34.41 -12.25 13.10
CA ALA D 166 -33.62 -13.45 12.89
C ALA D 166 -32.25 -13.11 12.31
N ALA D 167 -32.21 -12.07 11.48
CA ALA D 167 -30.95 -11.62 10.90
C ALA D 167 -30.05 -11.03 11.98
N GLU D 168 -30.64 -10.27 12.90
CA GLU D 168 -29.86 -9.65 13.97
C GLU D 168 -29.30 -10.69 14.92
N LYS D 169 -30.07 -11.74 15.18
CA LYS D 169 -29.60 -12.82 16.03
C LYS D 169 -28.46 -13.58 15.36
N LEU D 170 -28.59 -13.81 14.06
CA LEU D 170 -27.55 -14.50 13.30
C LEU D 170 -26.27 -13.67 13.26
N ALA D 171 -26.42 -12.35 13.18
CA ALA D 171 -25.27 -11.46 13.12
C ALA D 171 -24.47 -11.50 14.42
N ASN D 172 -25.14 -11.47 15.56
CA ASN D 172 -24.44 -11.51 16.85
C ASN D 172 -23.80 -12.87 17.12
N GLU D 173 -24.42 -13.92 16.60
CA GLU D 173 -23.93 -15.28 16.80
C GLU D 173 -22.72 -15.60 15.93
N HIS D 174 -22.78 -15.25 14.65
CA HIS D 174 -21.75 -15.65 13.70
C HIS D 174 -20.70 -14.57 13.44
N LYS D 175 -20.97 -13.34 13.87
CA LYS D 175 -20.05 -12.22 13.72
C LYS D 175 -19.48 -12.07 12.30
N PRO D 176 -20.34 -11.76 11.33
CA PRO D 176 -19.88 -11.63 9.94
C PRO D 176 -19.00 -10.40 9.77
N LYS D 177 -18.03 -10.46 8.86
CA LYS D 177 -17.20 -9.30 8.56
C LYS D 177 -18.00 -8.34 7.70
N LEU D 178 -18.96 -8.90 6.96
CA LEU D 178 -19.77 -8.11 6.02
C LEU D 178 -21.17 -8.70 5.88
N ILE D 179 -22.17 -7.83 5.83
CA ILE D 179 -23.54 -8.25 5.61
C ILE D 179 -24.03 -7.76 4.26
N VAL D 180 -24.51 -8.67 3.42
CA VAL D 180 -25.10 -8.30 2.13
C VAL D 180 -26.62 -8.17 2.26
N ALA D 181 -27.16 -7.09 1.72
CA ALA D 181 -28.60 -6.91 1.64
C ALA D 181 -28.98 -6.63 0.19
N GLY D 182 -30.26 -6.83 -0.13
CA GLY D 182 -30.71 -6.72 -1.50
C GLY D 182 -31.17 -8.08 -1.98
N ALA D 183 -31.86 -8.12 -3.11
CA ALA D 183 -32.46 -9.35 -3.60
C ALA D 183 -32.70 -9.30 -5.10
N SER D 184 -32.94 -10.49 -5.67
CA SER D 184 -33.30 -10.61 -7.09
C SER D 184 -34.80 -10.79 -7.25
N ALA D 185 -35.47 -11.20 -6.17
CA ALA D 185 -36.90 -11.45 -6.18
C ALA D 185 -37.54 -11.14 -4.83
N PHE D 186 -37.66 -9.86 -4.49
CA PHE D 186 -38.33 -9.42 -3.27
C PHE D 186 -39.11 -8.16 -3.58
N ALA D 187 -40.41 -8.18 -3.29
CA ALA D 187 -41.32 -7.15 -3.78
C ALA D 187 -41.44 -5.95 -2.86
N LEU D 188 -41.12 -6.12 -1.58
CA LEU D 188 -41.34 -5.07 -0.60
C LEU D 188 -40.14 -4.14 -0.44
N LYS D 189 -40.38 -3.00 0.20
CA LYS D 189 -39.30 -2.09 0.59
C LYS D 189 -38.42 -2.71 1.67
N ILE D 190 -37.11 -2.63 1.47
CA ILE D 190 -36.13 -3.14 2.43
C ILE D 190 -35.70 -2.04 3.40
N ASP D 191 -35.70 -2.34 4.70
CA ASP D 191 -35.30 -1.37 5.71
C ASP D 191 -33.78 -1.32 5.86
N PHE D 192 -33.14 -0.51 5.03
CA PHE D 192 -31.68 -0.41 5.01
C PHE D 192 -31.10 0.21 6.28
N GLU D 193 -31.83 1.15 6.87
CA GLU D 193 -31.38 1.81 8.10
C GLU D 193 -31.30 0.80 9.23
N ARG D 194 -32.27 -0.11 9.29
CA ARG D 194 -32.28 -1.15 10.31
C ARG D 194 -31.12 -2.11 10.08
N LEU D 195 -30.89 -2.47 8.83
CA LEU D 195 -29.83 -3.40 8.50
C LEU D 195 -28.48 -2.78 8.80
N ALA D 196 -28.35 -1.47 8.56
CA ALA D 196 -27.11 -0.77 8.86
C ALA D 196 -26.84 -0.74 10.36
N LYS D 197 -27.91 -0.56 11.13
CA LYS D 197 -27.80 -0.53 12.58
C LYS D 197 -27.36 -1.89 13.09
N ILE D 198 -27.92 -2.96 12.52
CA ILE D 198 -27.54 -4.32 12.85
C ILE D 198 -26.07 -4.55 12.55
N ALA D 199 -25.63 -4.12 11.37
CA ALA D 199 -24.24 -4.28 10.95
C ALA D 199 -23.29 -3.53 11.88
N LYS D 200 -23.67 -2.31 12.25
CA LYS D 200 -22.84 -1.48 13.11
C LYS D 200 -22.70 -2.08 14.50
N SER D 201 -23.76 -2.75 14.95
CA SER D 201 -23.80 -3.34 16.29
C SER D 201 -22.83 -4.50 16.43
N VAL D 202 -22.50 -5.14 15.30
CA VAL D 202 -21.59 -6.28 15.31
C VAL D 202 -20.29 -5.98 14.59
N GLY D 203 -20.06 -4.71 14.25
CA GLY D 203 -18.85 -4.30 13.58
C GLY D 203 -18.69 -4.86 12.18
N ALA D 204 -19.80 -5.03 11.48
CA ALA D 204 -19.76 -5.54 10.12
C ALA D 204 -19.99 -4.43 9.10
N TYR D 205 -19.43 -4.59 7.92
CA TYR D 205 -19.73 -3.69 6.81
C TYR D 205 -21.12 -3.99 6.30
N LEU D 206 -21.81 -2.97 5.81
CA LEU D 206 -23.07 -3.23 5.12
C LEU D 206 -22.91 -2.97 3.63
N MET D 207 -23.10 -4.01 2.83
CA MET D 207 -23.13 -3.88 1.39
C MET D 207 -24.55 -4.13 0.90
N VAL D 208 -25.14 -3.16 0.22
CA VAL D 208 -26.46 -3.35 -0.35
C VAL D 208 -26.38 -3.52 -1.86
N ASP D 209 -26.92 -4.62 -2.36
CA ASP D 209 -27.00 -4.84 -3.82
C ASP D 209 -28.37 -4.40 -4.33
N MET D 210 -28.44 -3.19 -4.89
CA MET D 210 -29.70 -2.60 -5.31
C MET D 210 -29.99 -2.77 -6.79
N ALA D 211 -29.33 -3.73 -7.43
CA ALA D 211 -29.43 -3.90 -8.89
C ALA D 211 -30.86 -3.81 -9.41
N HIS D 212 -31.79 -4.55 -8.81
CA HIS D 212 -33.15 -4.57 -9.28
C HIS D 212 -33.90 -3.26 -9.05
N TYR D 213 -33.58 -2.55 -7.98
CA TYR D 213 -34.35 -1.38 -7.56
C TYR D 213 -33.72 -0.05 -7.96
N ALA D 214 -32.52 -0.10 -8.54
CA ALA D 214 -31.71 1.08 -8.79
C ALA D 214 -32.44 2.19 -9.56
N GLY D 215 -33.21 1.82 -10.57
CA GLY D 215 -33.96 2.80 -11.33
C GLY D 215 -35.03 3.46 -10.49
N LEU D 216 -35.73 2.67 -9.69
CA LEU D 216 -36.79 3.18 -8.83
C LEU D 216 -36.20 4.11 -7.77
N ILE D 217 -35.03 3.74 -7.26
CA ILE D 217 -34.33 4.53 -6.25
C ILE D 217 -33.89 5.88 -6.82
N ALA D 218 -33.37 5.87 -8.05
CA ALA D 218 -32.93 7.09 -8.70
C ALA D 218 -34.10 8.08 -8.87
N ALA D 219 -35.29 7.55 -9.09
CA ALA D 219 -36.48 8.37 -9.25
C ALA D 219 -37.13 8.70 -7.91
N GLY D 220 -36.61 8.09 -6.85
CA GLY D 220 -37.09 8.36 -5.50
C GLY D 220 -38.41 7.70 -5.14
N VAL D 221 -38.74 6.60 -5.80
CA VAL D 221 -39.98 5.88 -5.47
C VAL D 221 -39.70 4.55 -4.79
N TYR D 222 -38.46 4.38 -4.33
CA TYR D 222 -38.03 3.23 -3.56
C TYR D 222 -36.87 3.70 -2.67
N PRO D 223 -36.84 3.26 -1.40
CA PRO D 223 -35.83 3.72 -0.44
C PRO D 223 -34.37 3.60 -0.89
N ASN D 224 -33.59 4.65 -0.65
CA ASN D 224 -32.19 4.72 -1.04
C ASN D 224 -31.26 4.14 0.04
N PRO D 225 -30.48 3.09 -0.32
CA PRO D 225 -29.57 2.49 0.66
C PRO D 225 -28.28 3.30 0.89
N VAL D 226 -27.98 4.22 -0.02
CA VAL D 226 -26.71 4.95 0.00
C VAL D 226 -26.40 5.66 1.34
N PRO D 227 -27.39 6.35 1.95
CA PRO D 227 -27.03 6.96 3.23
C PRO D 227 -26.71 5.97 4.35
N HIS D 228 -27.05 4.70 4.18
CA HIS D 228 -26.95 3.74 5.27
C HIS D 228 -25.87 2.70 5.08
N ALA D 229 -25.48 2.45 3.85
CA ALA D 229 -24.54 1.37 3.57
C ALA D 229 -23.12 1.88 3.36
N ASP D 230 -22.15 1.04 3.70
CA ASP D 230 -20.76 1.34 3.40
C ASP D 230 -20.52 1.26 1.90
N PHE D 231 -21.15 0.24 1.29
CA PHE D 231 -21.04 0.02 -0.15
C PHE D 231 -22.41 -0.25 -0.75
N VAL D 232 -22.67 0.31 -1.93
CA VAL D 232 -23.89 -0.01 -2.67
C VAL D 232 -23.53 -0.45 -4.09
N THR D 233 -23.83 -1.71 -4.42
CA THR D 233 -23.57 -2.20 -5.78
C THR D 233 -24.84 -2.22 -6.61
N THR D 234 -24.67 -2.21 -7.92
CA THR D 234 -25.81 -2.26 -8.83
C THR D 234 -25.36 -2.65 -10.24
N THR D 235 -26.32 -3.12 -11.02
CA THR D 235 -26.18 -3.24 -12.47
C THR D 235 -26.60 -1.92 -13.09
N THR D 236 -26.18 -1.66 -14.31
CA THR D 236 -26.62 -0.46 -14.99
C THR D 236 -27.80 -0.78 -15.90
N HIS D 237 -27.99 -2.07 -16.19
CA HIS D 237 -29.19 -2.49 -16.89
C HIS D 237 -30.32 -2.68 -15.86
N LYS D 238 -31.34 -3.46 -16.21
CA LYS D 238 -32.55 -3.60 -15.37
C LYS D 238 -33.29 -2.26 -15.25
N SER D 239 -33.79 -1.96 -14.05
CA SER D 239 -34.67 -0.80 -13.87
C SER D 239 -33.95 0.54 -14.13
N LEU D 240 -32.63 0.55 -14.04
CA LEU D 240 -31.87 1.76 -14.34
C LEU D 240 -31.85 2.00 -15.86
N ARG D 241 -32.19 0.96 -16.63
CA ARG D 241 -32.41 1.03 -18.09
C ARG D 241 -31.18 1.43 -18.90
N GLY D 242 -30.00 1.06 -18.42
CA GLY D 242 -28.77 1.36 -19.13
C GLY D 242 -28.17 0.17 -19.84
N PRO D 243 -26.86 0.26 -20.17
CA PRO D 243 -26.15 -0.84 -20.80
C PRO D 243 -25.87 -1.92 -19.77
N ARG D 244 -25.43 -3.07 -20.25
CA ARG D 244 -25.11 -4.19 -19.36
CA ARG D 244 -25.10 -4.19 -19.36
C ARG D 244 -23.74 -3.97 -18.72
N GLY D 245 -23.73 -3.87 -17.39
CA GLY D 245 -22.51 -3.64 -16.65
C GLY D 245 -22.81 -3.42 -15.17
N GLY D 246 -21.78 -3.05 -14.41
CA GLY D 246 -21.93 -2.85 -12.98
C GLY D 246 -21.35 -1.54 -12.49
N VAL D 247 -21.70 -1.19 -11.26
CA VAL D 247 -21.22 0.01 -10.59
C VAL D 247 -21.05 -0.25 -9.09
N ILE D 248 -20.00 0.30 -8.49
CA ILE D 248 -19.89 0.31 -7.03
C ILE D 248 -20.02 1.75 -6.51
N LEU D 249 -20.93 1.94 -5.56
CA LEU D 249 -21.05 3.20 -4.82
C LEU D 249 -20.45 2.96 -3.44
N MET D 250 -19.62 3.89 -2.96
CA MET D 250 -19.02 3.70 -1.64
C MET D 250 -18.81 5.02 -0.91
N LYS D 251 -18.75 4.94 0.42
CA LYS D 251 -18.41 6.10 1.23
C LYS D 251 -16.96 6.49 0.96
N ALA D 252 -16.64 7.76 1.19
CA ALA D 252 -15.34 8.33 0.82
C ALA D 252 -14.16 7.59 1.44
N GLU D 253 -14.36 7.07 2.65
CA GLU D 253 -13.30 6.41 3.38
C GLU D 253 -12.90 5.08 2.73
N TYR D 254 -13.75 4.57 1.85
CA TYR D 254 -13.45 3.31 1.17
C TYR D 254 -13.13 3.49 -0.31
N GLU D 255 -12.86 4.74 -0.70
CA GLU D 255 -12.60 5.04 -2.11
C GLU D 255 -11.33 4.33 -2.61
N LYS D 256 -10.25 4.40 -1.83
CA LYS D 256 -8.97 3.79 -2.25
C LYS D 256 -9.05 2.26 -2.35
N PRO D 257 -9.54 1.56 -1.32
CA PRO D 257 -9.54 0.10 -1.48
C PRO D 257 -10.52 -0.41 -2.54
N ILE D 258 -11.64 0.27 -2.74
CA ILE D 258 -12.59 -0.13 -3.77
C ILE D 258 -11.97 0.04 -5.15
N ASN D 259 -11.40 1.22 -5.40
CA ASN D 259 -10.76 1.50 -6.67
C ASN D 259 -9.60 0.54 -6.94
N SER D 260 -8.82 0.24 -5.90
CA SER D 260 -7.71 -0.68 -6.03
C SER D 260 -8.18 -2.11 -6.29
N ALA D 261 -9.34 -2.47 -5.74
CA ALA D 261 -9.88 -3.81 -5.91
C ALA D 261 -10.40 -4.05 -7.34
N ILE D 262 -11.02 -3.03 -7.93
CA ILE D 262 -11.48 -3.15 -9.31
C ILE D 262 -10.28 -3.21 -10.26
N PHE D 263 -9.32 -2.32 -10.09
CA PHE D 263 -8.05 -2.40 -10.81
C PHE D 263 -6.91 -1.91 -9.93
N PRO D 264 -5.82 -2.70 -9.84
CA PRO D 264 -5.55 -3.94 -10.59
C PRO D 264 -6.00 -5.22 -9.89
N GLY D 265 -6.96 -5.12 -8.98
CA GLY D 265 -7.40 -6.28 -8.21
C GLY D 265 -8.04 -7.39 -9.01
N ILE D 266 -9.17 -7.12 -9.67
CA ILE D 266 -9.93 -8.17 -10.34
C ILE D 266 -10.25 -7.88 -11.81
N GLN D 267 -9.92 -6.69 -12.29
CA GLN D 267 -10.12 -6.38 -13.71
C GLN D 267 -8.87 -5.74 -14.28
N GLY D 268 -8.87 -5.56 -15.59
CA GLY D 268 -7.78 -4.86 -16.26
C GLY D 268 -8.35 -3.62 -16.91
N GLY D 269 -8.18 -3.55 -18.23
CA GLY D 269 -8.73 -2.45 -19.00
C GLY D 269 -10.25 -2.44 -18.95
N PRO D 270 -10.83 -1.30 -18.56
CA PRO D 270 -12.29 -1.14 -18.54
C PRO D 270 -12.88 -1.06 -19.94
N LEU D 271 -14.17 -1.38 -20.07
CA LEU D 271 -14.86 -1.25 -21.36
C LEU D 271 -15.30 0.19 -21.53
N MET D 272 -14.47 1.02 -22.15
CA MET D 272 -14.73 2.45 -22.19
C MET D 272 -15.99 2.79 -22.98
N HIS D 273 -16.32 1.95 -23.96
CA HIS D 273 -17.54 2.16 -24.76
C HIS D 273 -18.77 1.87 -23.92
N VAL D 274 -18.69 0.90 -23.02
CA VAL D 274 -19.82 0.63 -22.13
C VAL D 274 -19.94 1.73 -21.08
N ILE D 275 -18.80 2.24 -20.64
CA ILE D 275 -18.80 3.35 -19.67
C ILE D 275 -19.42 4.60 -20.27
N ALA D 276 -19.15 4.84 -21.55
CA ALA D 276 -19.81 5.92 -22.28
C ALA D 276 -21.31 5.68 -22.28
N ALA D 277 -21.69 4.43 -22.52
CA ALA D 277 -23.09 4.02 -22.53
C ALA D 277 -23.73 4.19 -21.15
N LYS D 278 -22.96 3.90 -20.11
CA LYS D 278 -23.41 4.11 -18.73
C LYS D 278 -23.66 5.58 -18.47
N ALA D 279 -22.74 6.43 -18.93
CA ALA D 279 -22.88 7.87 -18.74
C ALA D 279 -24.16 8.39 -19.41
N VAL D 280 -24.45 7.89 -20.62
CA VAL D 280 -25.64 8.30 -21.33
C VAL D 280 -26.90 7.87 -20.56
N ALA D 281 -26.87 6.65 -20.03
CA ALA D 281 -27.99 6.15 -19.25
C ALA D 281 -28.20 6.94 -17.97
N PHE D 282 -27.10 7.38 -17.35
CA PHE D 282 -27.20 8.17 -16.12
C PHE D 282 -27.79 9.54 -16.43
N LYS D 283 -27.43 10.10 -17.59
CA LYS D 283 -27.98 11.36 -18.06
C LYS D 283 -29.51 11.23 -18.22
N GLU D 284 -29.92 10.13 -18.84
CA GLU D 284 -31.34 9.86 -19.06
C GLU D 284 -32.06 9.71 -17.71
N ALA D 285 -31.40 9.05 -16.77
CA ALA D 285 -31.99 8.75 -15.47
C ALA D 285 -32.15 10.00 -14.59
N LEU D 286 -31.43 11.07 -14.93
CA LEU D 286 -31.52 12.31 -14.17
C LEU D 286 -32.70 13.20 -14.60
N SER D 287 -33.31 12.90 -15.73
CA SER D 287 -34.39 13.73 -16.28
C SER D 287 -35.72 13.52 -15.56
N PRO D 288 -36.61 14.53 -15.62
CA PRO D 288 -37.95 14.37 -15.05
C PRO D 288 -38.72 13.23 -15.72
N GLU D 289 -38.45 12.98 -17.00
CA GLU D 289 -39.12 11.91 -17.72
C GLU D 289 -38.84 10.55 -17.08
N PHE D 290 -37.66 10.39 -16.51
CA PHE D 290 -37.27 9.12 -15.90
C PHE D 290 -38.05 8.87 -14.62
N LYS D 291 -38.28 9.92 -13.84
CA LYS D 291 -39.08 9.80 -12.61
C LYS D 291 -40.52 9.44 -12.95
N GLU D 292 -41.03 10.05 -14.02
CA GLU D 292 -42.37 9.75 -14.50
C GLU D 292 -42.47 8.30 -14.96
N TYR D 293 -41.40 7.82 -15.62
CA TYR D 293 -41.33 6.43 -16.05
C TYR D 293 -41.38 5.47 -14.86
N GLN D 294 -40.59 5.72 -13.82
CA GLN D 294 -40.54 4.82 -12.68
C GLN D 294 -41.83 4.87 -11.86
N GLN D 295 -42.51 6.01 -11.88
CA GLN D 295 -43.82 6.10 -11.23
C GLN D 295 -44.80 5.19 -11.95
N LYS D 296 -44.72 5.15 -13.28
CA LYS D 296 -45.56 4.24 -14.05
C LYS D 296 -45.18 2.78 -13.84
N VAL D 297 -43.89 2.53 -13.62
CA VAL D 297 -43.43 1.18 -13.34
C VAL D 297 -44.06 0.64 -12.07
N VAL D 298 -43.98 1.42 -11.00
CA VAL D 298 -44.58 1.04 -9.72
C VAL D 298 -46.09 0.90 -9.85
N GLU D 299 -46.72 1.83 -10.55
CA GLU D 299 -48.18 1.79 -10.76
C GLU D 299 -48.59 0.51 -11.49
N ASN D 300 -47.89 0.21 -12.59
CA ASN D 300 -48.20 -0.96 -13.41
C ASN D 300 -47.98 -2.28 -12.68
N ALA D 301 -46.95 -2.35 -11.85
CA ALA D 301 -46.69 -3.54 -11.05
C ALA D 301 -47.85 -3.78 -10.07
N ARG D 302 -48.29 -2.70 -9.42
CA ARG D 302 -49.39 -2.81 -8.47
CA ARG D 302 -49.40 -2.78 -8.47
C ARG D 302 -50.64 -3.33 -9.17
N VAL D 303 -50.98 -2.75 -10.31
CA VAL D 303 -52.14 -3.16 -11.09
C VAL D 303 -52.03 -4.59 -11.58
N LEU D 304 -50.84 -4.97 -12.04
CA LEU D 304 -50.62 -6.34 -12.46
C LEU D 304 -50.88 -7.31 -11.30
N ALA D 305 -50.35 -6.97 -10.13
CA ALA D 305 -50.53 -7.78 -8.93
C ALA D 305 -51.99 -7.83 -8.51
N GLU D 306 -52.66 -6.67 -8.52
CA GLU D 306 -54.07 -6.59 -8.13
C GLU D 306 -54.93 -7.46 -9.04
N THR D 307 -54.63 -7.43 -10.33
CA THR D 307 -55.40 -8.18 -11.31
C THR D 307 -55.24 -9.69 -11.12
N LEU D 308 -54.02 -10.11 -10.84
CA LEU D 308 -53.73 -11.53 -10.61
C LEU D 308 -54.43 -12.05 -9.35
N VAL D 309 -54.51 -11.22 -8.32
CA VAL D 309 -55.21 -11.59 -7.09
C VAL D 309 -56.71 -11.76 -7.34
N LYS D 310 -57.28 -10.87 -8.16
CA LYS D 310 -58.69 -10.96 -8.53
C LYS D 310 -58.98 -12.27 -9.26
N ARG D 311 -57.98 -12.78 -9.97
CA ARG D 311 -58.15 -14.00 -10.75
C ARG D 311 -57.86 -15.25 -9.93
N GLY D 312 -57.56 -15.07 -8.65
CA GLY D 312 -57.41 -16.19 -7.74
C GLY D 312 -55.98 -16.57 -7.38
N LEU D 313 -55.01 -15.84 -7.92
CA LEU D 313 -53.60 -16.10 -7.62
C LEU D 313 -53.20 -15.45 -6.31
N ARG D 314 -52.01 -15.80 -5.80
CA ARG D 314 -51.49 -15.19 -4.58
C ARG D 314 -50.14 -14.53 -4.82
N ILE D 315 -49.94 -13.37 -4.21
CA ILE D 315 -48.68 -12.64 -4.30
C ILE D 315 -47.84 -12.86 -3.04
N VAL D 316 -46.61 -13.32 -3.21
CA VAL D 316 -45.71 -13.44 -2.07
C VAL D 316 -45.54 -12.07 -1.41
N SER D 317 -45.56 -12.06 -0.08
CA SER D 317 -45.53 -10.84 0.75
C SER D 317 -46.89 -10.12 0.73
N GLY D 318 -47.84 -10.66 -0.03
CA GLY D 318 -49.20 -10.13 -0.02
C GLY D 318 -49.42 -8.88 -0.84
N ARG D 319 -48.33 -8.25 -1.27
CA ARG D 319 -48.40 -7.03 -2.05
C ARG D 319 -47.03 -6.74 -2.65
N THR D 320 -46.97 -5.79 -3.59
CA THR D 320 -45.68 -5.30 -4.06
C THR D 320 -45.55 -3.80 -3.78
N GLU D 321 -44.34 -3.36 -3.49
CA GLU D 321 -44.04 -1.96 -3.27
C GLU D 321 -42.92 -1.53 -4.21
N SER D 322 -42.81 -2.23 -5.34
CA SER D 322 -41.73 -1.98 -6.27
C SER D 322 -42.12 -2.34 -7.70
N HIS D 323 -41.15 -2.84 -8.44
CA HIS D 323 -41.33 -3.18 -9.85
C HIS D 323 -41.66 -4.65 -10.04
N VAL D 324 -41.47 -5.43 -8.99
CA VAL D 324 -41.43 -6.88 -9.11
C VAL D 324 -42.44 -7.58 -8.20
N MET D 325 -42.84 -8.79 -8.57
CA MET D 325 -43.68 -9.62 -7.72
C MET D 325 -43.38 -11.10 -7.92
N LEU D 326 -43.60 -11.89 -6.89
CA LEU D 326 -43.47 -13.33 -6.95
C LEU D 326 -44.86 -13.95 -6.81
N VAL D 327 -45.32 -14.64 -7.85
CA VAL D 327 -46.69 -15.14 -7.88
C VAL D 327 -46.80 -16.60 -7.47
N ASP D 328 -47.55 -16.87 -6.42
CA ASP D 328 -47.85 -18.24 -5.96
C ASP D 328 -48.90 -18.88 -6.87
N LEU D 329 -48.53 -19.96 -7.54
CA LEU D 329 -49.38 -20.57 -8.58
C LEU D 329 -50.21 -21.77 -8.11
N ARG D 330 -50.08 -22.14 -6.84
CA ARG D 330 -50.64 -23.39 -6.35
C ARG D 330 -52.16 -23.47 -6.46
N ALA D 331 -52.84 -22.33 -6.35
CA ALA D 331 -54.30 -22.30 -6.40
C ALA D 331 -54.81 -22.66 -7.79
N LYS D 332 -53.96 -22.52 -8.79
CA LYS D 332 -54.30 -22.88 -10.16
C LYS D 332 -53.73 -24.25 -10.54
N HIS D 333 -53.11 -24.91 -9.56
CA HIS D 333 -52.60 -26.27 -9.72
C HIS D 333 -51.68 -26.42 -10.92
N ILE D 334 -50.70 -25.52 -11.02
CA ILE D 334 -49.73 -25.56 -12.10
C ILE D 334 -48.34 -25.21 -11.55
N THR D 335 -47.31 -25.84 -12.09
CA THR D 335 -45.96 -25.56 -11.63
C THR D 335 -45.40 -24.30 -12.29
N GLY D 336 -44.38 -23.72 -11.69
CA GLY D 336 -43.74 -22.55 -12.25
C GLY D 336 -43.13 -22.86 -13.60
N LYS D 337 -42.54 -24.05 -13.70
CA LYS D 337 -41.92 -24.51 -14.93
C LYS D 337 -42.96 -24.63 -16.05
N ALA D 338 -44.11 -25.24 -15.73
CA ALA D 338 -45.18 -25.41 -16.70
C ALA D 338 -45.81 -24.08 -17.08
N ALA D 339 -45.95 -23.18 -16.10
CA ALA D 339 -46.52 -21.87 -16.34
C ALA D 339 -45.62 -21.06 -17.28
N GLU D 340 -44.32 -21.10 -17.04
CA GLU D 340 -43.37 -20.38 -17.87
C GLU D 340 -43.46 -20.85 -19.32
N ALA D 341 -43.58 -22.17 -19.50
CA ALA D 341 -43.66 -22.75 -20.83
C ALA D 341 -44.96 -22.34 -21.53
N ALA D 342 -46.08 -22.46 -20.83
CA ALA D 342 -47.37 -22.13 -21.42
C ALA D 342 -47.49 -20.65 -21.77
N LEU D 343 -47.04 -19.79 -20.87
CA LEU D 343 -47.07 -18.36 -21.13
C LEU D 343 -46.15 -17.99 -22.29
N GLY D 344 -45.01 -18.68 -22.40
CA GLY D 344 -44.07 -18.47 -23.48
C GLY D 344 -44.69 -18.77 -24.84
N ALA D 345 -45.46 -19.86 -24.89
CA ALA D 345 -46.18 -20.22 -26.11
C ALA D 345 -47.20 -19.15 -26.47
N ALA D 346 -47.69 -18.44 -25.46
CA ALA D 346 -48.65 -17.36 -25.67
C ALA D 346 -47.93 -16.02 -25.83
N HIS D 347 -46.62 -16.10 -26.05
CA HIS D 347 -45.75 -14.95 -26.27
C HIS D 347 -45.71 -14.01 -25.09
N ILE D 348 -45.79 -14.60 -23.90
CA ILE D 348 -45.59 -13.85 -22.67
C ILE D 348 -44.39 -14.43 -21.93
N THR D 349 -43.34 -13.61 -21.80
CA THR D 349 -42.10 -14.10 -21.24
C THR D 349 -42.02 -13.84 -19.74
N VAL D 350 -41.96 -14.92 -18.99
CA VAL D 350 -41.78 -14.84 -17.55
C VAL D 350 -40.67 -15.83 -17.18
N ASN D 351 -40.33 -15.92 -15.92
CA ASN D 351 -39.48 -17.01 -15.49
C ASN D 351 -40.01 -17.65 -14.22
N LYS D 352 -39.87 -18.97 -14.16
CA LYS D 352 -40.24 -19.76 -13.01
C LYS D 352 -39.44 -19.29 -11.81
N ASN D 353 -40.02 -19.43 -10.62
CA ASN D 353 -39.32 -18.98 -9.41
C ASN D 353 -39.87 -19.63 -8.16
N ALA D 354 -38.98 -20.15 -7.33
CA ALA D 354 -39.38 -20.78 -6.08
C ALA D 354 -40.00 -19.76 -5.12
N ILE D 355 -41.04 -20.18 -4.42
CA ILE D 355 -41.64 -19.37 -3.37
C ILE D 355 -41.15 -19.89 -2.03
N PRO D 356 -41.31 -19.09 -0.95
CA PRO D 356 -40.96 -19.60 0.38
C PRO D 356 -41.70 -20.90 0.70
N ASN D 357 -40.96 -21.89 1.22
CA ASN D 357 -41.49 -23.21 1.52
C ASN D 357 -42.13 -23.89 0.31
N ASP D 358 -41.46 -23.81 -0.83
CA ASP D 358 -41.95 -24.40 -2.07
C ASP D 358 -41.97 -25.93 -1.99
N PRO D 359 -43.14 -26.53 -2.21
CA PRO D 359 -43.28 -27.99 -2.18
C PRO D 359 -42.69 -28.69 -3.41
N GLU D 360 -42.31 -27.92 -4.42
CA GLU D 360 -41.75 -28.48 -5.65
C GLU D 360 -40.23 -28.43 -5.66
N LYS D 361 -39.63 -29.21 -6.56
CA LYS D 361 -38.18 -29.21 -6.75
C LYS D 361 -37.71 -27.86 -7.30
N PRO D 362 -36.47 -27.46 -6.98
CA PRO D 362 -35.92 -26.16 -7.38
C PRO D 362 -36.01 -25.87 -8.88
N PHE D 363 -35.96 -26.91 -9.71
CA PHE D 363 -36.02 -26.73 -11.16
C PHE D 363 -37.46 -26.77 -11.66
N VAL D 364 -38.40 -26.91 -10.73
CA VAL D 364 -39.82 -26.95 -11.06
C VAL D 364 -40.58 -25.73 -10.52
N THR D 365 -40.48 -25.53 -9.20
CA THR D 365 -41.07 -24.39 -8.48
C THR D 365 -42.60 -24.33 -8.53
N SER D 366 -43.16 -23.49 -7.67
CA SER D 366 -44.60 -23.30 -7.60
C SER D 366 -44.98 -21.86 -7.93
N GLY D 367 -44.06 -21.14 -8.56
CA GLY D 367 -44.30 -19.73 -8.82
C GLY D 367 -43.63 -19.16 -10.05
N ILE D 368 -44.01 -17.93 -10.39
CA ILE D 368 -43.37 -17.19 -11.46
C ILE D 368 -43.06 -15.78 -10.98
N ARG D 369 -41.94 -15.24 -11.43
CA ARG D 369 -41.56 -13.88 -11.10
C ARG D 369 -41.96 -12.94 -12.22
N LEU D 370 -42.65 -11.86 -11.87
CA LEU D 370 -43.10 -10.87 -12.84
C LEU D 370 -42.54 -9.49 -12.55
N GLY D 371 -42.21 -8.74 -13.59
CA GLY D 371 -41.76 -7.38 -13.45
C GLY D 371 -42.36 -6.45 -14.48
N SER D 372 -42.52 -5.18 -14.12
CA SER D 372 -43.07 -4.18 -15.02
C SER D 372 -42.10 -3.21 -15.77
N PRO D 373 -40.78 -3.22 -15.47
CA PRO D 373 -39.97 -2.21 -16.17
C PRO D 373 -40.02 -2.24 -17.70
N ALA D 374 -39.94 -3.43 -18.30
CA ALA D 374 -39.88 -3.56 -19.75
C ALA D 374 -41.18 -3.12 -20.43
N MET D 375 -42.30 -3.62 -19.94
CA MET D 375 -43.58 -3.29 -20.58
C MET D 375 -43.92 -1.82 -20.37
N THR D 376 -43.46 -1.25 -19.26
CA THR D 376 -43.70 0.17 -19.04
C THR D 376 -42.87 1.03 -20.01
N THR D 377 -41.65 0.59 -20.28
CA THR D 377 -40.78 1.31 -21.21
C THR D 377 -41.39 1.40 -22.61
N ARG D 378 -42.02 0.32 -23.08
CA ARG D 378 -42.64 0.35 -24.40
C ARG D 378 -44.02 1.02 -24.37
N GLY D 379 -44.42 1.50 -23.19
CA GLY D 379 -45.58 2.37 -23.12
C GLY D 379 -46.85 1.82 -22.50
N PHE D 380 -46.79 0.63 -21.92
CA PHE D 380 -48.00 0.07 -21.29
C PHE D 380 -48.42 0.95 -20.13
N GLY D 381 -49.72 1.20 -20.00
CA GLY D 381 -50.25 1.94 -18.88
C GLY D 381 -51.10 1.03 -18.00
N PRO D 382 -51.80 1.61 -17.02
CA PRO D 382 -52.64 0.84 -16.09
C PRO D 382 -53.61 -0.09 -16.80
N ALA D 383 -54.24 0.39 -17.87
CA ALA D 383 -55.20 -0.41 -18.62
C ALA D 383 -54.53 -1.63 -19.24
N GLU D 384 -53.35 -1.44 -19.81
CA GLU D 384 -52.62 -2.55 -20.41
C GLU D 384 -52.10 -3.53 -19.37
N ALA D 385 -51.65 -3.01 -18.23
CA ALA D 385 -51.16 -3.87 -17.16
C ALA D 385 -52.27 -4.80 -16.67
N GLU D 386 -53.49 -4.28 -16.58
CA GLU D 386 -54.63 -5.07 -16.13
C GLU D 386 -54.99 -6.15 -17.15
N GLN D 387 -54.94 -5.80 -18.43
CA GLN D 387 -55.18 -6.76 -19.50
C GLN D 387 -54.14 -7.87 -19.49
N VAL D 388 -52.88 -7.51 -19.27
CA VAL D 388 -51.80 -8.49 -19.22
C VAL D 388 -52.05 -9.49 -18.08
N GLY D 389 -52.50 -8.98 -16.95
CA GLY D 389 -52.81 -9.83 -15.81
C GLY D 389 -53.85 -10.86 -16.17
N ASN D 390 -54.91 -10.40 -16.85
CA ASN D 390 -55.99 -11.29 -17.26
C ASN D 390 -55.54 -12.30 -18.31
N LEU D 391 -54.70 -11.87 -19.23
CA LEU D 391 -54.16 -12.76 -20.25
C LEU D 391 -53.34 -13.87 -19.59
N ILE D 392 -52.55 -13.49 -18.59
CA ILE D 392 -51.75 -14.45 -17.85
C ILE D 392 -52.65 -15.49 -17.18
N ALA D 393 -53.68 -15.02 -16.49
CA ALA D 393 -54.60 -15.92 -15.79
C ALA D 393 -55.32 -16.84 -16.76
N ASP D 394 -55.68 -16.31 -17.93
CA ASP D 394 -56.37 -17.12 -18.95
C ASP D 394 -55.52 -18.34 -19.30
N VAL D 395 -54.21 -18.14 -19.44
CA VAL D 395 -53.29 -19.21 -19.76
C VAL D 395 -53.11 -20.16 -18.56
N LEU D 396 -52.97 -19.58 -17.37
CA LEU D 396 -52.76 -20.38 -16.16
C LEU D 396 -53.93 -21.31 -15.86
N GLU D 397 -55.13 -20.89 -16.24
CA GLU D 397 -56.33 -21.67 -15.98
C GLU D 397 -56.56 -22.74 -17.04
N ASN D 398 -55.84 -22.62 -18.16
CA ASN D 398 -55.94 -23.61 -19.24
C ASN D 398 -54.67 -23.67 -20.08
N PRO D 399 -53.56 -24.17 -19.49
CA PRO D 399 -52.23 -24.04 -20.08
C PRO D 399 -51.98 -24.89 -21.33
N GLU D 400 -52.73 -25.98 -21.50
CA GLU D 400 -52.48 -26.90 -22.60
C GLU D 400 -53.61 -26.90 -23.63
N ASP D 401 -54.55 -25.98 -23.49
CA ASP D 401 -55.63 -25.83 -24.45
C ASP D 401 -55.14 -25.01 -25.64
N ALA D 402 -55.06 -25.65 -26.80
CA ALA D 402 -54.49 -25.01 -27.99
C ALA D 402 -55.25 -23.76 -28.38
N ALA D 403 -56.56 -23.80 -28.23
CA ALA D 403 -57.42 -22.67 -28.57
C ALA D 403 -57.18 -21.47 -27.65
N THR D 404 -56.90 -21.77 -26.38
CA THR D 404 -56.67 -20.71 -25.40
C THR D 404 -55.35 -19.99 -25.66
N ILE D 405 -54.30 -20.78 -25.92
CA ILE D 405 -53.00 -20.20 -26.22
C ILE D 405 -53.11 -19.33 -27.48
N GLU D 406 -53.88 -19.82 -28.44
CA GLU D 406 -54.08 -19.10 -29.71
C GLU D 406 -54.80 -17.78 -29.49
N ARG D 407 -55.84 -17.80 -28.65
CA ARG D 407 -56.64 -16.61 -28.36
C ARG D 407 -55.81 -15.54 -27.65
N VAL D 408 -55.00 -15.98 -26.68
CA VAL D 408 -54.14 -15.07 -25.93
C VAL D 408 -53.04 -14.48 -26.79
N ARG D 409 -52.41 -15.32 -27.60
CA ARG D 409 -51.31 -14.88 -28.47
C ARG D 409 -51.82 -13.83 -29.45
N ALA D 410 -53.08 -13.96 -29.88
CA ALA D 410 -53.69 -12.99 -30.77
C ALA D 410 -53.87 -11.64 -30.08
N GLN D 411 -54.24 -11.67 -28.79
CA GLN D 411 -54.42 -10.44 -28.04
C GLN D 411 -53.09 -9.76 -27.73
N VAL D 412 -52.06 -10.57 -27.49
CA VAL D 412 -50.72 -10.04 -27.28
C VAL D 412 -50.26 -9.30 -28.54
N ALA D 413 -50.58 -9.87 -29.69
CA ALA D 413 -50.22 -9.27 -30.97
C ALA D 413 -50.85 -7.89 -31.16
N GLU D 414 -52.09 -7.72 -30.70
CA GLU D 414 -52.74 -6.43 -30.77
C GLU D 414 -52.00 -5.42 -29.90
N LEU D 415 -51.56 -5.89 -28.73
CA LEU D 415 -50.82 -5.03 -27.79
C LEU D 415 -49.44 -4.65 -28.31
N THR D 416 -48.71 -5.64 -28.84
CA THR D 416 -47.34 -5.39 -29.28
C THR D 416 -47.30 -4.50 -30.52
N LYS D 417 -48.32 -4.62 -31.38
CA LYS D 417 -48.42 -3.77 -32.56
C LYS D 417 -48.73 -2.32 -32.17
N ARG D 418 -49.55 -2.15 -31.15
CA ARG D 418 -49.93 -0.83 -30.66
C ARG D 418 -48.80 -0.15 -29.89
N PHE D 419 -47.95 -0.95 -29.25
CA PHE D 419 -46.87 -0.39 -28.47
C PHE D 419 -45.51 -0.93 -28.92
N PRO D 420 -45.04 -0.48 -30.10
CA PRO D 420 -43.73 -0.95 -30.59
C PRO D 420 -42.58 -0.50 -29.69
N VAL D 421 -41.52 -1.30 -29.63
CA VAL D 421 -40.39 -0.97 -28.78
C VAL D 421 -39.43 0.02 -29.42
N TYR D 422 -38.92 -0.32 -30.60
CA TYR D 422 -38.02 0.58 -31.32
C TYR D 422 -38.64 1.01 -32.64
N ARG D 423 -38.80 2.32 -32.81
CA ARG D 423 -39.37 2.89 -34.03
C ARG D 423 -38.27 3.39 -34.95
#